data_6OQD
# 
_entry.id   6OQD 
# 
_audit_conform.dict_name       mmcif_pdbx.dic 
_audit_conform.dict_version    5.387 
_audit_conform.dict_location   http://mmcif.pdb.org/dictionaries/ascii/mmcif_pdbx.dic 
# 
loop_
_database_2.database_id 
_database_2.database_code 
_database_2.pdbx_database_accession 
_database_2.pdbx_DOI 
PDB   6OQD         pdb_00006oqd 10.2210/pdb6oqd/pdb 
WWPDB D_1000241172 ?            ?                   
# 
loop_
_pdbx_audit_revision_history.ordinal 
_pdbx_audit_revision_history.data_content_type 
_pdbx_audit_revision_history.major_revision 
_pdbx_audit_revision_history.minor_revision 
_pdbx_audit_revision_history.revision_date 
1 'Structure model' 1 0 2019-05-15 
2 'Structure model' 1 1 2024-03-13 
# 
_pdbx_audit_revision_details.ordinal             1 
_pdbx_audit_revision_details.revision_ordinal    1 
_pdbx_audit_revision_details.data_content_type   'Structure model' 
_pdbx_audit_revision_details.provider            repository 
_pdbx_audit_revision_details.type                'Initial release' 
_pdbx_audit_revision_details.description         ? 
_pdbx_audit_revision_details.details             ? 
# 
loop_
_pdbx_audit_revision_group.ordinal 
_pdbx_audit_revision_group.revision_ordinal 
_pdbx_audit_revision_group.data_content_type 
_pdbx_audit_revision_group.group 
1 2 'Structure model' 'Data collection'     
2 2 'Structure model' 'Database references' 
# 
loop_
_pdbx_audit_revision_category.ordinal 
_pdbx_audit_revision_category.revision_ordinal 
_pdbx_audit_revision_category.data_content_type 
_pdbx_audit_revision_category.category 
1 2 'Structure model' chem_comp_atom 
2 2 'Structure model' chem_comp_bond 
3 2 'Structure model' database_2     
# 
loop_
_pdbx_audit_revision_item.ordinal 
_pdbx_audit_revision_item.revision_ordinal 
_pdbx_audit_revision_item.data_content_type 
_pdbx_audit_revision_item.item 
1 2 'Structure model' '_database_2.pdbx_DOI'                
2 2 'Structure model' '_database_2.pdbx_database_accession' 
# 
_pdbx_database_status.status_code                     REL 
_pdbx_database_status.status_code_sf                  REL 
_pdbx_database_status.status_code_mr                  ? 
_pdbx_database_status.entry_id                        6OQD 
_pdbx_database_status.recvd_initial_deposition_date   2019-04-26 
_pdbx_database_status.SG_entry                        N 
_pdbx_database_status.deposit_site                    RCSB 
_pdbx_database_status.process_site                    RCSB 
_pdbx_database_status.status_code_cs                  ? 
_pdbx_database_status.methods_development_category    ? 
_pdbx_database_status.pdb_format_compatible           Y 
_pdbx_database_status.status_code_nmr_data            ? 
# 
loop_
_pdbx_database_related.db_name 
_pdbx_database_related.details 
_pdbx_database_related.db_id 
_pdbx_database_related.content_type 
PDB . 6OQB unspecified 
PDB . 6OQC unspecified 
PDB . 6O6G unspecified 
PDB . 6O6F unspecified 
# 
_audit_author.name               'Huang, X.' 
_audit_author.pdbx_ordinal       1 
_audit_author.identifier_ORCID   0000-0001-9350-4176 
# 
_citation.abstract                  ? 
_citation.abstract_id_CAS           ? 
_citation.book_id_ISBN              ? 
_citation.book_publisher            ? 
_citation.book_publisher_city       ? 
_citation.book_title                ? 
_citation.coordinate_linkage        ? 
_citation.country                   US 
_citation.database_id_Medline       ? 
_citation.details                   ? 
_citation.id                        primary 
_citation.journal_abbrev            'Cancer Discov' 
_citation.journal_id_ASTM           ? 
_citation.journal_id_CSD            ? 
_citation.journal_id_ISSN           2159-8290 
_citation.journal_full              ? 
_citation.journal_issue             ? 
_citation.journal_volume            8 
_citation.language                  ? 
_citation.page_first                1582 
_citation.page_last                 1597 
_citation.title                     
'AMG 176, a Selective MCL1 Inhibitor, Is Effective in Hematologic Cancer Models Alone and in Combination with Established Therapies.' 
_citation.year                      2018 
_citation.database_id_CSD           ? 
_citation.pdbx_database_id_DOI      10.1158/2159-8290.CD-18-0387 
_citation.pdbx_database_id_PubMed   30254093 
_citation.unpublished_flag          ? 
# 
loop_
_citation_author.citation_id 
_citation_author.name 
_citation_author.ordinal 
_citation_author.identifier_ORCID 
primary 'Caenepeel, S.'     1  0000-0002-8218-002X 
primary 'Brown, S.P.'       2  0000-0002-8218-002X 
primary 'Belmontes, B.'     3  ?                   
primary 'Moody, G.'         4  ?                   
primary 'Keegan, K.S.'      5  ?                   
primary 'Chui, D.'          6  ?                   
primary 'Whittington, D.A.' 7  ?                   
primary 'Huang, X.'         8  0000-0002-3101-4873 
primary 'Poppe, L.'         9  ?                   
primary 'Cheng, A.C.'       10 ?                   
primary 'Cardozo, M.'       11 ?                   
primary 'Houze, J.'         12 ?                   
primary 'Li, Y.'            13 ?                   
primary 'Lucas, B.'         14 ?                   
primary 'Paras, N.A.'       15 0000-0001-5742-4056 
primary 'Wang, X.'          16 ?                   
primary 'Taygerly, J.P.'    17 ?                   
primary 'Vimolratana, M.'   18 ?                   
primary 'Zancanella, M.'    19 ?                   
primary 'Zhu, L.'           20 ?                   
primary 'Cajulis, E.'       21 ?                   
primary 'Osgood, T.'        22 ?                   
primary 'Sun, J.'           23 ?                   
primary 'Damon, L.'         24 0000-0002-0863-0328 
primary 'Egan, R.K.'        25 ?                   
primary 'Greninger, P.'     26 0000-0001-9110-7695 
primary 'McClanaghan, J.D.' 27 ?                   
primary 'Gong, J.'          28 ?                   
primary 'Moujalled, D.'     29 ?                   
primary 'Pomilio, G.'       30 ?                   
primary 'Beltran, P.'       31 ?                   
primary 'Benes, C.H.'       32 0000-0002-8751-9707 
primary 'Roberts, A.W.'     33 0000-0002-7341-5720 
primary 'Huang, D.C.'       34 0000-0002-3101-4873 
primary 'Wei, A.'           35 ?                   
primary 'Canon, J.'         36 ?                   
primary 'Coxon, A.'         37 ?                   
primary 'Hughes, P.E.'      38 ?                   
# 
loop_
_entity.id 
_entity.type 
_entity.src_method 
_entity.pdbx_description 
_entity.formula_weight 
_entity.pdbx_number_of_molecules 
_entity.pdbx_ec 
_entity.pdbx_mutation 
_entity.pdbx_fragment 
_entity.details 
1 polymer     man 'Induced myeloid leukemia cell differentiation protein Mcl-1' 17922.344 1   ? ? 'residues 171-327' ? 
2 non-polymer syn 
;(4S,7aR,9aR,10S,15R)-6'-chloro-10-hydroxy-15-methyl-3',4',7a,8,9,9a,10,11,12,13,14,15-dodecahydro-2'H,3H,5H-spiro[1,19-(ethanediylidene)-16lambda~6~-cyclobuta[i][1,4]oxazepino[3,4-f][1,2,7]thiadiazacyclohexadecine-4,1'-naphthalene]-16,16,18(7H,17H)-trione
;
587.170   1   ? ? ?                  ? 
3 water       nat water 18.015    171 ? ? ?                  ? 
# 
_entity_name_com.entity_id   1 
_entity_name_com.name        'Bcl-2-like protein 3,Bcl2-L-3,Bcl-2-related protein EAT/mcl1,mcl1/EAT' 
# 
_entity_poly.entity_id                      1 
_entity_poly.type                           'polypeptide(L)' 
_entity_poly.nstd_linkage                   no 
_entity_poly.nstd_monomer                   no 
_entity_poly.pdbx_seq_one_letter_code       
;EDELYRQSLEIISRYLREQATGAKDTKPMGRSGATSRKALETLRRVGDGVQRNHETAFQGMLRKLDIKNEDDVKSLSRVM
IHVFSDGVTNWGRIVTLISFGAFVAKHLKTINQESCIEPLAESITDVLVRTKRDWLVKQRGWDGFVEFFHVEDLEGG
;
_entity_poly.pdbx_seq_one_letter_code_can   
;EDELYRQSLEIISRYLREQATGAKDTKPMGRSGATSRKALETLRRVGDGVQRNHETAFQGMLRKLDIKNEDDVKSLSRVM
IHVFSDGVTNWGRIVTLISFGAFVAKHLKTINQESCIEPLAESITDVLVRTKRDWLVKQRGWDGFVEFFHVEDLEGG
;
_entity_poly.pdbx_strand_id                 A 
_entity_poly.pdbx_target_identifier         ? 
# 
loop_
_pdbx_entity_nonpoly.entity_id 
_pdbx_entity_nonpoly.name 
_pdbx_entity_nonpoly.comp_id 
2 
;(4S,7aR,9aR,10S,15R)-6'-chloro-10-hydroxy-15-methyl-3',4',7a,8,9,9a,10,11,12,13,14,15-dodecahydro-2'H,3H,5H-spiro[1,19-(ethanediylidene)-16lambda~6~-cyclobuta[i][1,4]oxazepino[3,4-f][1,2,7]thiadiazacyclohexadecine-4,1'-naphthalene]-16,16,18(7H,17H)-trione
;
N0M 
3 water HOH 
# 
loop_
_entity_poly_seq.entity_id 
_entity_poly_seq.num 
_entity_poly_seq.mon_id 
_entity_poly_seq.hetero 
1 1   GLU n 
1 2   ASP n 
1 3   GLU n 
1 4   LEU n 
1 5   TYR n 
1 6   ARG n 
1 7   GLN n 
1 8   SER n 
1 9   LEU n 
1 10  GLU n 
1 11  ILE n 
1 12  ILE n 
1 13  SER n 
1 14  ARG n 
1 15  TYR n 
1 16  LEU n 
1 17  ARG n 
1 18  GLU n 
1 19  GLN n 
1 20  ALA n 
1 21  THR n 
1 22  GLY n 
1 23  ALA n 
1 24  LYS n 
1 25  ASP n 
1 26  THR n 
1 27  LYS n 
1 28  PRO n 
1 29  MET n 
1 30  GLY n 
1 31  ARG n 
1 32  SER n 
1 33  GLY n 
1 34  ALA n 
1 35  THR n 
1 36  SER n 
1 37  ARG n 
1 38  LYS n 
1 39  ALA n 
1 40  LEU n 
1 41  GLU n 
1 42  THR n 
1 43  LEU n 
1 44  ARG n 
1 45  ARG n 
1 46  VAL n 
1 47  GLY n 
1 48  ASP n 
1 49  GLY n 
1 50  VAL n 
1 51  GLN n 
1 52  ARG n 
1 53  ASN n 
1 54  HIS n 
1 55  GLU n 
1 56  THR n 
1 57  ALA n 
1 58  PHE n 
1 59  GLN n 
1 60  GLY n 
1 61  MET n 
1 62  LEU n 
1 63  ARG n 
1 64  LYS n 
1 65  LEU n 
1 66  ASP n 
1 67  ILE n 
1 68  LYS n 
1 69  ASN n 
1 70  GLU n 
1 71  ASP n 
1 72  ASP n 
1 73  VAL n 
1 74  LYS n 
1 75  SER n 
1 76  LEU n 
1 77  SER n 
1 78  ARG n 
1 79  VAL n 
1 80  MET n 
1 81  ILE n 
1 82  HIS n 
1 83  VAL n 
1 84  PHE n 
1 85  SER n 
1 86  ASP n 
1 87  GLY n 
1 88  VAL n 
1 89  THR n 
1 90  ASN n 
1 91  TRP n 
1 92  GLY n 
1 93  ARG n 
1 94  ILE n 
1 95  VAL n 
1 96  THR n 
1 97  LEU n 
1 98  ILE n 
1 99  SER n 
1 100 PHE n 
1 101 GLY n 
1 102 ALA n 
1 103 PHE n 
1 104 VAL n 
1 105 ALA n 
1 106 LYS n 
1 107 HIS n 
1 108 LEU n 
1 109 LYS n 
1 110 THR n 
1 111 ILE n 
1 112 ASN n 
1 113 GLN n 
1 114 GLU n 
1 115 SER n 
1 116 CYS n 
1 117 ILE n 
1 118 GLU n 
1 119 PRO n 
1 120 LEU n 
1 121 ALA n 
1 122 GLU n 
1 123 SER n 
1 124 ILE n 
1 125 THR n 
1 126 ASP n 
1 127 VAL n 
1 128 LEU n 
1 129 VAL n 
1 130 ARG n 
1 131 THR n 
1 132 LYS n 
1 133 ARG n 
1 134 ASP n 
1 135 TRP n 
1 136 LEU n 
1 137 VAL n 
1 138 LYS n 
1 139 GLN n 
1 140 ARG n 
1 141 GLY n 
1 142 TRP n 
1 143 ASP n 
1 144 GLY n 
1 145 PHE n 
1 146 VAL n 
1 147 GLU n 
1 148 PHE n 
1 149 PHE n 
1 150 HIS n 
1 151 VAL n 
1 152 GLU n 
1 153 ASP n 
1 154 LEU n 
1 155 GLU n 
1 156 GLY n 
1 157 GLY n 
# 
_entity_src_gen.entity_id                          1 
_entity_src_gen.pdbx_src_id                        1 
_entity_src_gen.pdbx_alt_source_flag               sample 
_entity_src_gen.pdbx_seq_type                      'Biological sequence' 
_entity_src_gen.pdbx_beg_seq_num                   1 
_entity_src_gen.pdbx_end_seq_num                   157 
_entity_src_gen.gene_src_common_name               Human 
_entity_src_gen.gene_src_genus                     ? 
_entity_src_gen.pdbx_gene_src_gene                 'MCL1, BCL2L3' 
_entity_src_gen.gene_src_species                   ? 
_entity_src_gen.gene_src_strain                    ? 
_entity_src_gen.gene_src_tissue                    ? 
_entity_src_gen.gene_src_tissue_fraction           ? 
_entity_src_gen.gene_src_details                   ? 
_entity_src_gen.pdbx_gene_src_fragment             ? 
_entity_src_gen.pdbx_gene_src_scientific_name      'Homo sapiens' 
_entity_src_gen.pdbx_gene_src_ncbi_taxonomy_id     9606 
_entity_src_gen.pdbx_gene_src_variant              ? 
_entity_src_gen.pdbx_gene_src_cell_line            ? 
_entity_src_gen.pdbx_gene_src_atcc                 ? 
_entity_src_gen.pdbx_gene_src_organ                ? 
_entity_src_gen.pdbx_gene_src_organelle            ? 
_entity_src_gen.pdbx_gene_src_cell                 ? 
_entity_src_gen.pdbx_gene_src_cellular_location    ? 
_entity_src_gen.host_org_common_name               ? 
_entity_src_gen.pdbx_host_org_scientific_name      'Escherichia coli' 
_entity_src_gen.pdbx_host_org_ncbi_taxonomy_id     562 
_entity_src_gen.host_org_genus                     ? 
_entity_src_gen.pdbx_host_org_gene                 ? 
_entity_src_gen.pdbx_host_org_organ                ? 
_entity_src_gen.host_org_species                   ? 
_entity_src_gen.pdbx_host_org_tissue               ? 
_entity_src_gen.pdbx_host_org_tissue_fraction      ? 
_entity_src_gen.pdbx_host_org_strain               ? 
_entity_src_gen.pdbx_host_org_variant              ? 
_entity_src_gen.pdbx_host_org_cell_line            ? 
_entity_src_gen.pdbx_host_org_atcc                 ? 
_entity_src_gen.pdbx_host_org_culture_collection   ? 
_entity_src_gen.pdbx_host_org_cell                 ? 
_entity_src_gen.pdbx_host_org_organelle            ? 
_entity_src_gen.pdbx_host_org_cellular_location    ? 
_entity_src_gen.pdbx_host_org_vector_type          ? 
_entity_src_gen.pdbx_host_org_vector               ? 
_entity_src_gen.host_org_details                   ? 
_entity_src_gen.expression_system_id               ? 
_entity_src_gen.plasmid_name                       ? 
_entity_src_gen.plasmid_details                    ? 
_entity_src_gen.pdbx_description                   ? 
# 
loop_
_chem_comp.id 
_chem_comp.type 
_chem_comp.mon_nstd_flag 
_chem_comp.name 
_chem_comp.pdbx_synonyms 
_chem_comp.formula 
_chem_comp.formula_weight 
ALA 'L-peptide linking' y ALANINE ? 'C3 H7 N O2'         89.093  
ARG 'L-peptide linking' y ARGININE ? 'C6 H15 N4 O2 1'     175.209 
ASN 'L-peptide linking' y ASPARAGINE ? 'C4 H8 N2 O3'        132.118 
ASP 'L-peptide linking' y 'ASPARTIC ACID' ? 'C4 H7 N O4'         133.103 
CYS 'L-peptide linking' y CYSTEINE ? 'C3 H7 N O2 S'       121.158 
GLN 'L-peptide linking' y GLUTAMINE ? 'C5 H10 N2 O3'       146.144 
GLU 'L-peptide linking' y 'GLUTAMIC ACID' ? 'C5 H9 N O4'         147.129 
GLY 'peptide linking'   y GLYCINE ? 'C2 H5 N O2'         75.067  
HIS 'L-peptide linking' y HISTIDINE ? 'C6 H10 N3 O2 1'     156.162 
HOH non-polymer         . WATER ? 'H2 O'               18.015  
ILE 'L-peptide linking' y ISOLEUCINE ? 'C6 H13 N O2'        131.173 
LEU 'L-peptide linking' y LEUCINE ? 'C6 H13 N O2'        131.173 
LYS 'L-peptide linking' y LYSINE ? 'C6 H15 N2 O2 1'     147.195 
MET 'L-peptide linking' y METHIONINE ? 'C5 H11 N O2 S'      149.211 
N0M non-polymer         . 
;(4S,7aR,9aR,10S,15R)-6'-chloro-10-hydroxy-15-methyl-3',4',7a,8,9,9a,10,11,12,13,14,15-dodecahydro-2'H,3H,5H-spiro[1,19-(ethanediylidene)-16lambda~6~-cyclobuta[i][1,4]oxazepino[3,4-f][1,2,7]thiadiazacyclohexadecine-4,1'-naphthalene]-16,16,18(7H,17H)-trione
;
? 'C31 H39 Cl N2 O5 S' 587.170 
PHE 'L-peptide linking' y PHENYLALANINE ? 'C9 H11 N O2'        165.189 
PRO 'L-peptide linking' y PROLINE ? 'C5 H9 N O2'         115.130 
SER 'L-peptide linking' y SERINE ? 'C3 H7 N O3'         105.093 
THR 'L-peptide linking' y THREONINE ? 'C4 H9 N O3'         119.119 
TRP 'L-peptide linking' y TRYPTOPHAN ? 'C11 H12 N2 O2'      204.225 
TYR 'L-peptide linking' y TYROSINE ? 'C9 H11 N O3'        181.189 
VAL 'L-peptide linking' y VALINE ? 'C5 H11 N O2'        117.146 
# 
loop_
_pdbx_poly_seq_scheme.asym_id 
_pdbx_poly_seq_scheme.entity_id 
_pdbx_poly_seq_scheme.seq_id 
_pdbx_poly_seq_scheme.mon_id 
_pdbx_poly_seq_scheme.ndb_seq_num 
_pdbx_poly_seq_scheme.pdb_seq_num 
_pdbx_poly_seq_scheme.auth_seq_num 
_pdbx_poly_seq_scheme.pdb_mon_id 
_pdbx_poly_seq_scheme.auth_mon_id 
_pdbx_poly_seq_scheme.pdb_strand_id 
_pdbx_poly_seq_scheme.pdb_ins_code 
_pdbx_poly_seq_scheme.hetero 
A 1 1   GLU 1   171 171 GLU GLU A . n 
A 1 2   ASP 2   172 172 ASP ASP A . n 
A 1 3   GLU 3   173 173 GLU GLU A . n 
A 1 4   LEU 4   174 174 LEU LEU A . n 
A 1 5   TYR 5   175 175 TYR TYR A . n 
A 1 6   ARG 6   176 176 ARG ARG A . n 
A 1 7   GLN 7   177 177 GLN GLN A . n 
A 1 8   SER 8   178 178 SER SER A . n 
A 1 9   LEU 9   179 179 LEU LEU A . n 
A 1 10  GLU 10  180 180 GLU GLU A . n 
A 1 11  ILE 11  181 181 ILE ILE A . n 
A 1 12  ILE 12  182 182 ILE ILE A . n 
A 1 13  SER 13  183 183 SER SER A . n 
A 1 14  ARG 14  184 184 ARG ARG A . n 
A 1 15  TYR 15  185 185 TYR TYR A . n 
A 1 16  LEU 16  186 186 LEU LEU A . n 
A 1 17  ARG 17  187 187 ARG ARG A . n 
A 1 18  GLU 18  188 188 GLU GLU A . n 
A 1 19  GLN 19  189 189 GLN GLN A . n 
A 1 20  ALA 20  190 190 ALA ALA A . n 
A 1 21  THR 21  191 191 THR THR A . n 
A 1 22  GLY 22  192 192 GLY GLY A . n 
A 1 23  ALA 23  193 193 ALA ALA A . n 
A 1 24  LYS 24  194 194 LYS LYS A . n 
A 1 25  ASP 25  195 195 ASP ASP A . n 
A 1 26  THR 26  196 196 THR THR A . n 
A 1 27  LYS 27  197 197 LYS LYS A . n 
A 1 28  PRO 28  198 198 PRO PRO A . n 
A 1 29  MET 29  199 199 MET MET A . n 
A 1 30  GLY 30  200 200 GLY GLY A . n 
A 1 31  ARG 31  201 201 ARG ARG A . n 
A 1 32  SER 32  202 202 SER SER A . n 
A 1 33  GLY 33  203 203 GLY GLY A . n 
A 1 34  ALA 34  204 204 ALA ALA A . n 
A 1 35  THR 35  205 205 THR THR A . n 
A 1 36  SER 36  206 206 SER SER A . n 
A 1 37  ARG 37  207 207 ARG ARG A . n 
A 1 38  LYS 38  208 208 LYS LYS A . n 
A 1 39  ALA 39  209 209 ALA ALA A . n 
A 1 40  LEU 40  210 210 LEU LEU A . n 
A 1 41  GLU 41  211 211 GLU GLU A . n 
A 1 42  THR 42  212 212 THR THR A . n 
A 1 43  LEU 43  213 213 LEU LEU A . n 
A 1 44  ARG 44  214 214 ARG ARG A . n 
A 1 45  ARG 45  215 215 ARG ARG A . n 
A 1 46  VAL 46  216 216 VAL VAL A . n 
A 1 47  GLY 47  217 217 GLY GLY A . n 
A 1 48  ASP 48  218 218 ASP ASP A . n 
A 1 49  GLY 49  219 219 GLY GLY A . n 
A 1 50  VAL 50  220 220 VAL VAL A . n 
A 1 51  GLN 51  221 221 GLN GLN A . n 
A 1 52  ARG 52  222 222 ARG ARG A . n 
A 1 53  ASN 53  223 223 ASN ASN A . n 
A 1 54  HIS 54  224 224 HIS HIS A . n 
A 1 55  GLU 55  225 225 GLU GLU A . n 
A 1 56  THR 56  226 226 THR THR A . n 
A 1 57  ALA 57  227 227 ALA ALA A . n 
A 1 58  PHE 58  228 228 PHE PHE A . n 
A 1 59  GLN 59  229 229 GLN GLN A . n 
A 1 60  GLY 60  230 230 GLY GLY A . n 
A 1 61  MET 61  231 231 MET MET A . n 
A 1 62  LEU 62  232 232 LEU LEU A . n 
A 1 63  ARG 63  233 233 ARG ARG A . n 
A 1 64  LYS 64  234 234 LYS LYS A . n 
A 1 65  LEU 65  235 235 LEU LEU A . n 
A 1 66  ASP 66  236 236 ASP ASP A . n 
A 1 67  ILE 67  237 237 ILE ILE A . n 
A 1 68  LYS 68  238 238 LYS LYS A . n 
A 1 69  ASN 69  239 239 ASN ASN A . n 
A 1 70  GLU 70  240 240 GLU GLU A . n 
A 1 71  ASP 71  241 241 ASP ASP A . n 
A 1 72  ASP 72  242 242 ASP ASP A . n 
A 1 73  VAL 73  243 243 VAL VAL A . n 
A 1 74  LYS 74  244 244 LYS LYS A . n 
A 1 75  SER 75  245 245 SER SER A . n 
A 1 76  LEU 76  246 246 LEU LEU A . n 
A 1 77  SER 77  247 247 SER SER A . n 
A 1 78  ARG 78  248 248 ARG ARG A . n 
A 1 79  VAL 79  249 249 VAL VAL A . n 
A 1 80  MET 80  250 250 MET MET A . n 
A 1 81  ILE 81  251 251 ILE ILE A . n 
A 1 82  HIS 82  252 252 HIS HIS A . n 
A 1 83  VAL 83  253 253 VAL VAL A . n 
A 1 84  PHE 84  254 254 PHE PHE A . n 
A 1 85  SER 85  255 255 SER SER A . n 
A 1 86  ASP 86  256 256 ASP ASP A . n 
A 1 87  GLY 87  257 257 GLY GLY A . n 
A 1 88  VAL 88  258 258 VAL VAL A . n 
A 1 89  THR 89  259 259 THR THR A . n 
A 1 90  ASN 90  260 260 ASN ASN A . n 
A 1 91  TRP 91  261 261 TRP TRP A . n 
A 1 92  GLY 92  262 262 GLY GLY A . n 
A 1 93  ARG 93  263 263 ARG ARG A . n 
A 1 94  ILE 94  264 264 ILE ILE A . n 
A 1 95  VAL 95  265 265 VAL VAL A . n 
A 1 96  THR 96  266 266 THR THR A . n 
A 1 97  LEU 97  267 267 LEU LEU A . n 
A 1 98  ILE 98  268 268 ILE ILE A . n 
A 1 99  SER 99  269 269 SER SER A . n 
A 1 100 PHE 100 270 270 PHE PHE A . n 
A 1 101 GLY 101 271 271 GLY GLY A . n 
A 1 102 ALA 102 272 272 ALA ALA A . n 
A 1 103 PHE 103 273 273 PHE PHE A . n 
A 1 104 VAL 104 274 274 VAL VAL A . n 
A 1 105 ALA 105 275 275 ALA ALA A . n 
A 1 106 LYS 106 276 276 LYS LYS A . n 
A 1 107 HIS 107 277 277 HIS HIS A . n 
A 1 108 LEU 108 278 278 LEU LEU A . n 
A 1 109 LYS 109 279 279 LYS LYS A . n 
A 1 110 THR 110 280 280 THR THR A . n 
A 1 111 ILE 111 281 281 ILE ILE A . n 
A 1 112 ASN 112 282 282 ASN ASN A . n 
A 1 113 GLN 113 283 283 GLN GLN A . n 
A 1 114 GLU 114 284 284 GLU GLU A . n 
A 1 115 SER 115 285 285 SER SER A . n 
A 1 116 CYS 116 286 286 CYS CYS A . n 
A 1 117 ILE 117 287 287 ILE ILE A . n 
A 1 118 GLU 118 288 288 GLU GLU A . n 
A 1 119 PRO 119 289 289 PRO PRO A . n 
A 1 120 LEU 120 290 290 LEU LEU A . n 
A 1 121 ALA 121 291 291 ALA ALA A . n 
A 1 122 GLU 122 292 292 GLU GLU A . n 
A 1 123 SER 123 293 293 SER SER A . n 
A 1 124 ILE 124 294 294 ILE ILE A . n 
A 1 125 THR 125 295 295 THR THR A . n 
A 1 126 ASP 126 296 296 ASP ASP A . n 
A 1 127 VAL 127 297 297 VAL VAL A . n 
A 1 128 LEU 128 298 298 LEU LEU A . n 
A 1 129 VAL 129 299 299 VAL VAL A . n 
A 1 130 ARG 130 300 300 ARG ARG A . n 
A 1 131 THR 131 301 301 THR THR A . n 
A 1 132 LYS 132 302 302 LYS LYS A . n 
A 1 133 ARG 133 303 303 ARG ARG A . n 
A 1 134 ASP 134 304 304 ASP ASP A . n 
A 1 135 TRP 135 305 305 TRP TRP A . n 
A 1 136 LEU 136 306 306 LEU LEU A . n 
A 1 137 VAL 137 307 307 VAL VAL A . n 
A 1 138 LYS 138 308 308 LYS LYS A . n 
A 1 139 GLN 139 309 309 GLN GLN A . n 
A 1 140 ARG 140 310 310 ARG ARG A . n 
A 1 141 GLY 141 311 311 GLY GLY A . n 
A 1 142 TRP 142 312 312 TRP TRP A . n 
A 1 143 ASP 143 313 313 ASP ASP A . n 
A 1 144 GLY 144 314 314 GLY GLY A . n 
A 1 145 PHE 145 315 315 PHE PHE A . n 
A 1 146 VAL 146 316 316 VAL VAL A . n 
A 1 147 GLU 147 317 317 GLU GLU A . n 
A 1 148 PHE 148 318 318 PHE PHE A . n 
A 1 149 PHE 149 319 319 PHE PHE A . n 
A 1 150 HIS 150 320 320 HIS HIS A . n 
A 1 151 VAL 151 321 321 VAL VAL A . n 
A 1 152 GLU 152 322 322 GLU GLU A . n 
A 1 153 ASP 153 323 323 ASP ASP A . n 
A 1 154 LEU 154 324 324 LEU LEU A . n 
A 1 155 GLU 155 325 325 GLU GLU A . n 
A 1 156 GLY 156 326 326 GLY GLY A . n 
A 1 157 GLY 157 327 ?   ?   ?   A . n 
# 
loop_
_pdbx_nonpoly_scheme.asym_id 
_pdbx_nonpoly_scheme.entity_id 
_pdbx_nonpoly_scheme.mon_id 
_pdbx_nonpoly_scheme.ndb_seq_num 
_pdbx_nonpoly_scheme.pdb_seq_num 
_pdbx_nonpoly_scheme.auth_seq_num 
_pdbx_nonpoly_scheme.pdb_mon_id 
_pdbx_nonpoly_scheme.auth_mon_id 
_pdbx_nonpoly_scheme.pdb_strand_id 
_pdbx_nonpoly_scheme.pdb_ins_code 
B 2 N0M 1   401 1   N0M UNL A . 
C 3 HOH 1   501 30  HOH HOH A . 
C 3 HOH 2   502 122 HOH HOH A . 
C 3 HOH 3   503 115 HOH HOH A . 
C 3 HOH 4   504 166 HOH HOH A . 
C 3 HOH 5   505 90  HOH HOH A . 
C 3 HOH 6   506 87  HOH HOH A . 
C 3 HOH 7   507 146 HOH HOH A . 
C 3 HOH 8   508 34  HOH HOH A . 
C 3 HOH 9   509 36  HOH HOH A . 
C 3 HOH 10  510 59  HOH HOH A . 
C 3 HOH 11  511 27  HOH HOH A . 
C 3 HOH 12  512 26  HOH HOH A . 
C 3 HOH 13  513 57  HOH HOH A . 
C 3 HOH 14  514 46  HOH HOH A . 
C 3 HOH 15  515 74  HOH HOH A . 
C 3 HOH 16  516 86  HOH HOH A . 
C 3 HOH 17  517 80  HOH HOH A . 
C 3 HOH 18  518 88  HOH HOH A . 
C 3 HOH 19  519 126 HOH HOH A . 
C 3 HOH 20  520 140 HOH HOH A . 
C 3 HOH 21  521 103 HOH HOH A . 
C 3 HOH 22  522 96  HOH HOH A . 
C 3 HOH 23  523 152 HOH HOH A . 
C 3 HOH 24  524 142 HOH HOH A . 
C 3 HOH 25  525 98  HOH HOH A . 
C 3 HOH 26  526 149 HOH HOH A . 
C 3 HOH 27  527 108 HOH HOH A . 
C 3 HOH 28  528 62  HOH HOH A . 
C 3 HOH 29  529 65  HOH HOH A . 
C 3 HOH 30  530 120 HOH HOH A . 
C 3 HOH 31  531 33  HOH HOH A . 
C 3 HOH 32  532 156 HOH HOH A . 
C 3 HOH 33  533 21  HOH HOH A . 
C 3 HOH 34  534 37  HOH HOH A . 
C 3 HOH 35  535 58  HOH HOH A . 
C 3 HOH 36  536 7   HOH HOH A . 
C 3 HOH 37  537 14  HOH HOH A . 
C 3 HOH 38  538 155 HOH HOH A . 
C 3 HOH 39  539 121 HOH HOH A . 
C 3 HOH 40  540 61  HOH HOH A . 
C 3 HOH 41  541 12  HOH HOH A . 
C 3 HOH 42  542 38  HOH HOH A . 
C 3 HOH 43  543 29  HOH HOH A . 
C 3 HOH 44  544 76  HOH HOH A . 
C 3 HOH 45  545 2   HOH HOH A . 
C 3 HOH 46  546 161 HOH HOH A . 
C 3 HOH 47  547 23  HOH HOH A . 
C 3 HOH 48  548 55  HOH HOH A . 
C 3 HOH 49  549 71  HOH HOH A . 
C 3 HOH 50  550 119 HOH HOH A . 
C 3 HOH 51  551 131 HOH HOH A . 
C 3 HOH 52  552 50  HOH HOH A . 
C 3 HOH 53  553 3   HOH HOH A . 
C 3 HOH 54  554 53  HOH HOH A . 
C 3 HOH 55  555 85  HOH HOH A . 
C 3 HOH 56  556 18  HOH HOH A . 
C 3 HOH 57  557 72  HOH HOH A . 
C 3 HOH 58  558 68  HOH HOH A . 
C 3 HOH 59  559 49  HOH HOH A . 
C 3 HOH 60  560 82  HOH HOH A . 
C 3 HOH 61  561 64  HOH HOH A . 
C 3 HOH 62  562 4   HOH HOH A . 
C 3 HOH 63  563 102 HOH HOH A . 
C 3 HOH 64  564 167 HOH HOH A . 
C 3 HOH 65  565 159 HOH HOH A . 
C 3 HOH 66  566 41  HOH HOH A . 
C 3 HOH 67  567 133 HOH HOH A . 
C 3 HOH 68  568 19  HOH HOH A . 
C 3 HOH 69  569 20  HOH HOH A . 
C 3 HOH 70  570 164 HOH HOH A . 
C 3 HOH 71  571 137 HOH HOH A . 
C 3 HOH 72  572 22  HOH HOH A . 
C 3 HOH 73  573 63  HOH HOH A . 
C 3 HOH 74  574 106 HOH HOH A . 
C 3 HOH 75  575 1   HOH HOH A . 
C 3 HOH 76  576 128 HOH HOH A . 
C 3 HOH 77  577 144 HOH HOH A . 
C 3 HOH 78  578 127 HOH HOH A . 
C 3 HOH 79  579 11  HOH HOH A . 
C 3 HOH 80  580 45  HOH HOH A . 
C 3 HOH 81  581 15  HOH HOH A . 
C 3 HOH 82  582 31  HOH HOH A . 
C 3 HOH 83  583 51  HOH HOH A . 
C 3 HOH 84  584 5   HOH HOH A . 
C 3 HOH 85  585 124 HOH HOH A . 
C 3 HOH 86  586 163 HOH HOH A . 
C 3 HOH 87  587 111 HOH HOH A . 
C 3 HOH 88  588 125 HOH HOH A . 
C 3 HOH 89  589 13  HOH HOH A . 
C 3 HOH 90  590 43  HOH HOH A . 
C 3 HOH 91  591 109 HOH HOH A . 
C 3 HOH 92  592 67  HOH HOH A . 
C 3 HOH 93  593 97  HOH HOH A . 
C 3 HOH 94  594 52  HOH HOH A . 
C 3 HOH 95  595 73  HOH HOH A . 
C 3 HOH 96  596 42  HOH HOH A . 
C 3 HOH 97  597 16  HOH HOH A . 
C 3 HOH 98  598 112 HOH HOH A . 
C 3 HOH 99  599 116 HOH HOH A . 
C 3 HOH 100 600 75  HOH HOH A . 
C 3 HOH 101 601 25  HOH HOH A . 
C 3 HOH 102 602 17  HOH HOH A . 
C 3 HOH 103 603 141 HOH HOH A . 
C 3 HOH 104 604 162 HOH HOH A . 
C 3 HOH 105 605 48  HOH HOH A . 
C 3 HOH 106 606 6   HOH HOH A . 
C 3 HOH 107 607 70  HOH HOH A . 
C 3 HOH 108 608 93  HOH HOH A . 
C 3 HOH 109 609 9   HOH HOH A . 
C 3 HOH 110 610 10  HOH HOH A . 
C 3 HOH 111 611 136 HOH HOH A . 
C 3 HOH 112 612 66  HOH HOH A . 
C 3 HOH 113 613 107 HOH HOH A . 
C 3 HOH 114 614 69  HOH HOH A . 
C 3 HOH 115 615 35  HOH HOH A . 
C 3 HOH 116 616 105 HOH HOH A . 
C 3 HOH 117 617 28  HOH HOH A . 
C 3 HOH 118 618 47  HOH HOH A . 
C 3 HOH 119 619 99  HOH HOH A . 
C 3 HOH 120 620 145 HOH HOH A . 
C 3 HOH 121 621 8   HOH HOH A . 
C 3 HOH 122 622 118 HOH HOH A . 
C 3 HOH 123 623 44  HOH HOH A . 
C 3 HOH 124 624 151 HOH HOH A . 
C 3 HOH 125 625 157 HOH HOH A . 
C 3 HOH 126 626 158 HOH HOH A . 
C 3 HOH 127 627 89  HOH HOH A . 
C 3 HOH 128 628 24  HOH HOH A . 
C 3 HOH 129 629 114 HOH HOH A . 
C 3 HOH 130 630 101 HOH HOH A . 
C 3 HOH 131 631 113 HOH HOH A . 
C 3 HOH 132 632 150 HOH HOH A . 
C 3 HOH 133 633 77  HOH HOH A . 
C 3 HOH 134 634 117 HOH HOH A . 
C 3 HOH 135 635 100 HOH HOH A . 
C 3 HOH 136 636 91  HOH HOH A . 
C 3 HOH 137 637 148 HOH HOH A . 
C 3 HOH 138 638 84  HOH HOH A . 
C 3 HOH 139 639 92  HOH HOH A . 
C 3 HOH 140 640 95  HOH HOH A . 
C 3 HOH 141 641 123 HOH HOH A . 
C 3 HOH 142 642 132 HOH HOH A . 
C 3 HOH 143 643 56  HOH HOH A . 
C 3 HOH 144 644 104 HOH HOH A . 
C 3 HOH 145 645 130 HOH HOH A . 
C 3 HOH 146 646 170 HOH HOH A . 
C 3 HOH 147 647 83  HOH HOH A . 
C 3 HOH 148 648 135 HOH HOH A . 
C 3 HOH 149 649 39  HOH HOH A . 
C 3 HOH 150 650 78  HOH HOH A . 
C 3 HOH 151 651 110 HOH HOH A . 
C 3 HOH 152 652 169 HOH HOH A . 
C 3 HOH 153 653 168 HOH HOH A . 
C 3 HOH 154 654 138 HOH HOH A . 
C 3 HOH 155 655 40  HOH HOH A . 
C 3 HOH 156 656 143 HOH HOH A . 
C 3 HOH 157 657 94  HOH HOH A . 
C 3 HOH 158 658 147 HOH HOH A . 
C 3 HOH 159 659 129 HOH HOH A . 
C 3 HOH 160 660 160 HOH HOH A . 
C 3 HOH 161 661 153 HOH HOH A . 
C 3 HOH 162 662 54  HOH HOH A . 
C 3 HOH 163 663 171 HOH HOH A . 
C 3 HOH 164 664 165 HOH HOH A . 
C 3 HOH 165 665 81  HOH HOH A . 
C 3 HOH 166 666 154 HOH HOH A . 
C 3 HOH 167 667 60  HOH HOH A . 
C 3 HOH 168 668 139 HOH HOH A . 
C 3 HOH 169 669 79  HOH HOH A . 
C 3 HOH 170 670 134 HOH HOH A . 
C 3 HOH 171 671 32  HOH HOH A . 
# 
loop_
_software.citation_id 
_software.classification 
_software.compiler_name 
_software.compiler_version 
_software.contact_author 
_software.contact_author_email 
_software.date 
_software.description 
_software.dependencies 
_software.hardware 
_software.language 
_software.location 
_software.mods 
_software.name 
_software.os 
_software.os_version 
_software.type 
_software.version 
_software.pdbx_ordinal 
? refinement       ? ? ? ? ? ? ? ? ? ? ? REFMAC    ? ? ? 5.6.0117 1 
? 'data reduction' ? ? ? ? ? ? ? ? ? ? ? DENZO     ? ? ? .        2 
? 'data scaling'   ? ? ? ? ? ? ? ? ? ? ? SCALEPACK ? ? ? .        3 
? phasing          ? ? ? ? ? ? ? ? ? ? ? PHENIX    ? ? ? .        4 
# 
_cell.angle_alpha                  90.00 
_cell.angle_alpha_esd              ? 
_cell.angle_beta                   90.00 
_cell.angle_beta_esd               ? 
_cell.angle_gamma                  90.00 
_cell.angle_gamma_esd              ? 
_cell.entry_id                     6OQD 
_cell.details                      ? 
_cell.formula_units_Z              ? 
_cell.length_a                     43.480 
_cell.length_a_esd                 ? 
_cell.length_b                     89.664 
_cell.length_b_esd                 ? 
_cell.length_c                     84.530 
_cell.length_c_esd                 ? 
_cell.volume                       ? 
_cell.volume_esd                   ? 
_cell.Z_PDB                        8 
_cell.reciprocal_angle_alpha       ? 
_cell.reciprocal_angle_beta        ? 
_cell.reciprocal_angle_gamma       ? 
_cell.reciprocal_angle_alpha_esd   ? 
_cell.reciprocal_angle_beta_esd    ? 
_cell.reciprocal_angle_gamma_esd   ? 
_cell.reciprocal_length_a          ? 
_cell.reciprocal_length_b          ? 
_cell.reciprocal_length_c          ? 
_cell.reciprocal_length_a_esd      ? 
_cell.reciprocal_length_b_esd      ? 
_cell.reciprocal_length_c_esd      ? 
_cell.pdbx_unique_axis             ? 
# 
_symmetry.entry_id                         6OQD 
_symmetry.cell_setting                     ? 
_symmetry.Int_Tables_number                20 
_symmetry.space_group_name_Hall            ? 
_symmetry.space_group_name_H-M             'C 2 2 21' 
_symmetry.pdbx_full_space_group_name_H-M   ? 
# 
_exptl.absorpt_coefficient_mu     ? 
_exptl.absorpt_correction_T_max   ? 
_exptl.absorpt_correction_T_min   ? 
_exptl.absorpt_correction_type    ? 
_exptl.absorpt_process_details    ? 
_exptl.entry_id                   6OQD 
_exptl.crystals_number            1 
_exptl.details                    ? 
_exptl.method                     'X-RAY DIFFRACTION' 
_exptl.method_details             ? 
# 
_exptl_crystal.colour                      ? 
_exptl_crystal.density_diffrn              ? 
_exptl_crystal.density_Matthews            2.30 
_exptl_crystal.density_method              ? 
_exptl_crystal.density_percent_sol         46.49 
_exptl_crystal.description                 ? 
_exptl_crystal.F_000                       ? 
_exptl_crystal.id                          1 
_exptl_crystal.preparation                 ? 
_exptl_crystal.size_max                    ? 
_exptl_crystal.size_mid                    ? 
_exptl_crystal.size_min                    ? 
_exptl_crystal.size_rad                    ? 
_exptl_crystal.colour_lustre               ? 
_exptl_crystal.colour_modifier             ? 
_exptl_crystal.colour_primary              ? 
_exptl_crystal.density_meas                ? 
_exptl_crystal.density_meas_esd            ? 
_exptl_crystal.density_meas_gt             ? 
_exptl_crystal.density_meas_lt             ? 
_exptl_crystal.density_meas_temp           ? 
_exptl_crystal.density_meas_temp_esd       ? 
_exptl_crystal.density_meas_temp_gt        ? 
_exptl_crystal.density_meas_temp_lt        ? 
_exptl_crystal.pdbx_crystal_image_url      ? 
_exptl_crystal.pdbx_crystal_image_format   ? 
_exptl_crystal.pdbx_mosaicity              ? 
_exptl_crystal.pdbx_mosaicity_esd          ? 
# 
_exptl_crystal_grow.apparatus       ? 
_exptl_crystal_grow.atmosphere      ? 
_exptl_crystal_grow.crystal_id      1 
_exptl_crystal_grow.details         ? 
_exptl_crystal_grow.method          'VAPOR DIFFUSION, HANGING DROP' 
_exptl_crystal_grow.method_ref      ? 
_exptl_crystal_grow.pH              ? 
_exptl_crystal_grow.pressure        ? 
_exptl_crystal_grow.pressure_esd    ? 
_exptl_crystal_grow.seeding         ? 
_exptl_crystal_grow.seeding_ref     ? 
_exptl_crystal_grow.temp            277 
_exptl_crystal_grow.temp_details    ? 
_exptl_crystal_grow.temp_esd        ? 
_exptl_crystal_grow.time            ? 
_exptl_crystal_grow.pdbx_details    
;100 mM Tris, pH 8.0
3% Methanol
30%-42.5% PEG 6000
;
_exptl_crystal_grow.pdbx_pH_range   ? 
# 
_diffrn.ambient_environment              ? 
_diffrn.ambient_temp                     100 
_diffrn.ambient_temp_details             ? 
_diffrn.ambient_temp_esd                 ? 
_diffrn.crystal_id                       1 
_diffrn.crystal_support                  ? 
_diffrn.crystal_treatment                ? 
_diffrn.details                          ? 
_diffrn.id                               1 
_diffrn.ambient_pressure                 ? 
_diffrn.ambient_pressure_esd             ? 
_diffrn.ambient_pressure_gt              ? 
_diffrn.ambient_pressure_lt              ? 
_diffrn.ambient_temp_gt                  ? 
_diffrn.ambient_temp_lt                  ? 
_diffrn.pdbx_serial_crystal_experiment   N 
# 
_diffrn_detector.details                      ? 
_diffrn_detector.detector                     CCD 
_diffrn_detector.diffrn_id                    1 
_diffrn_detector.type                         'MAR CCD 130 mm' 
_diffrn_detector.area_resol_mean              ? 
_diffrn_detector.dtime                        ? 
_diffrn_detector.pdbx_frames_total            ? 
_diffrn_detector.pdbx_collection_time_total   ? 
_diffrn_detector.pdbx_collection_date         2012-03-12 
_diffrn_detector.pdbx_frequency               ? 
# 
_diffrn_radiation.collimation                      ? 
_diffrn_radiation.diffrn_id                        1 
_diffrn_radiation.filter_edge                      ? 
_diffrn_radiation.inhomogeneity                    ? 
_diffrn_radiation.monochromator                    ? 
_diffrn_radiation.polarisn_norm                    ? 
_diffrn_radiation.polarisn_ratio                   ? 
_diffrn_radiation.probe                            ? 
_diffrn_radiation.type                             ? 
_diffrn_radiation.xray_symbol                      ? 
_diffrn_radiation.wavelength_id                    1 
_diffrn_radiation.pdbx_monochromatic_or_laue_m_l   M 
_diffrn_radiation.pdbx_wavelength_list             ? 
_diffrn_radiation.pdbx_wavelength                  ? 
_diffrn_radiation.pdbx_diffrn_protocol             'SINGLE WAVELENGTH' 
_diffrn_radiation.pdbx_analyzer                    ? 
_diffrn_radiation.pdbx_scattering_type             x-ray 
# 
_diffrn_radiation_wavelength.id           1 
_diffrn_radiation_wavelength.wavelength   1.0000 
_diffrn_radiation_wavelength.wt           1.0 
# 
_diffrn_source.current                     ? 
_diffrn_source.details                     ? 
_diffrn_source.diffrn_id                   1 
_diffrn_source.power                       ? 
_diffrn_source.size                        ? 
_diffrn_source.source                      SYNCHROTRON 
_diffrn_source.target                      ? 
_diffrn_source.type                        'ALS BEAMLINE 5.0.2' 
_diffrn_source.voltage                     ? 
_diffrn_source.take-off_angle              ? 
_diffrn_source.pdbx_wavelength_list        1.0000 
_diffrn_source.pdbx_wavelength             ? 
_diffrn_source.pdbx_synchrotron_beamline   5.0.2 
_diffrn_source.pdbx_synchrotron_site       ALS 
# 
_reflns.B_iso_Wilson_estimate            ? 
_reflns.entry_id                         6OQD 
_reflns.data_reduction_details           ? 
_reflns.data_reduction_method            ? 
_reflns.d_resolution_high                1.48 
_reflns.d_resolution_low                 50.00 
_reflns.details                          ? 
_reflns.limit_h_max                      ? 
_reflns.limit_h_min                      ? 
_reflns.limit_k_max                      ? 
_reflns.limit_k_min                      ? 
_reflns.limit_l_max                      ? 
_reflns.limit_l_min                      ? 
_reflns.number_all                       ? 
_reflns.number_obs                       27751 
_reflns.observed_criterion               ? 
_reflns.observed_criterion_F_max         ? 
_reflns.observed_criterion_F_min         ? 
_reflns.observed_criterion_I_max         ? 
_reflns.observed_criterion_I_min         ? 
_reflns.observed_criterion_sigma_F       ? 
_reflns.observed_criterion_sigma_I       ? 
_reflns.percent_possible_obs             99.1 
_reflns.R_free_details                   ? 
_reflns.Rmerge_F_all                     ? 
_reflns.Rmerge_F_obs                     ? 
_reflns.Friedel_coverage                 ? 
_reflns.number_gt                        ? 
_reflns.threshold_expression             ? 
_reflns.pdbx_redundancy                  6.1 
_reflns.pdbx_Rmerge_I_obs                ? 
_reflns.pdbx_Rmerge_I_all                ? 
_reflns.pdbx_Rsym_value                  ? 
_reflns.pdbx_netI_over_av_sigmaI         ? 
_reflns.pdbx_netI_over_sigmaI            9.5 
_reflns.pdbx_res_netI_over_av_sigmaI_2   ? 
_reflns.pdbx_res_netI_over_sigmaI_2      ? 
_reflns.pdbx_chi_squared                 ? 
_reflns.pdbx_scaling_rejects             ? 
_reflns.pdbx_d_res_high_opt              ? 
_reflns.pdbx_d_res_low_opt               ? 
_reflns.pdbx_d_res_opt_method            ? 
_reflns.phase_calculation_details        ? 
_reflns.pdbx_Rrim_I_all                  ? 
_reflns.pdbx_Rpim_I_all                  ? 
_reflns.pdbx_d_opt                       ? 
_reflns.pdbx_number_measured_all         ? 
_reflns.pdbx_diffrn_id                   1 
_reflns.pdbx_ordinal                     1 
_reflns.pdbx_CC_half                     ? 
_reflns.pdbx_R_split                     ? 
# 
_reflns_shell.d_res_high                  1.48 
_reflns_shell.d_res_low                   1.53 
_reflns_shell.meanI_over_sigI_all         ? 
_reflns_shell.meanI_over_sigI_obs         ? 
_reflns_shell.number_measured_all         ? 
_reflns_shell.number_measured_obs         ? 
_reflns_shell.number_possible             ? 
_reflns_shell.number_unique_all           ? 
_reflns_shell.number_unique_obs           2706 
_reflns_shell.percent_possible_all        ? 
_reflns_shell.percent_possible_obs        ? 
_reflns_shell.Rmerge_F_all                ? 
_reflns_shell.Rmerge_F_obs                ? 
_reflns_shell.Rmerge_I_all                ? 
_reflns_shell.Rmerge_I_obs                ? 
_reflns_shell.meanI_over_sigI_gt          ? 
_reflns_shell.meanI_over_uI_all           ? 
_reflns_shell.meanI_over_uI_gt            ? 
_reflns_shell.number_measured_gt          ? 
_reflns_shell.number_unique_gt            ? 
_reflns_shell.percent_possible_gt         ? 
_reflns_shell.Rmerge_F_gt                 ? 
_reflns_shell.Rmerge_I_gt                 ? 
_reflns_shell.pdbx_redundancy             ? 
_reflns_shell.pdbx_Rsym_value             ? 
_reflns_shell.pdbx_chi_squared            ? 
_reflns_shell.pdbx_netI_over_sigmaI_all   ? 
_reflns_shell.pdbx_netI_over_sigmaI_obs   ? 
_reflns_shell.pdbx_Rrim_I_all             ? 
_reflns_shell.pdbx_Rpim_I_all             ? 
_reflns_shell.pdbx_rejects                ? 
_reflns_shell.pdbx_ordinal                1 
_reflns_shell.pdbx_diffrn_id              1 
_reflns_shell.pdbx_CC_half                ? 
_reflns_shell.pdbx_R_split                ? 
# 
_refine.aniso_B[1][1]                            0.02 
_refine.aniso_B[1][2]                            0.00 
_refine.aniso_B[1][3]                            0.00 
_refine.aniso_B[2][2]                            0.42 
_refine.aniso_B[2][3]                            0.00 
_refine.aniso_B[3][3]                            -0.44 
_refine.B_iso_max                                ? 
_refine.B_iso_mean                               17.264 
_refine.B_iso_min                                ? 
_refine.correlation_coeff_Fo_to_Fc               0.956 
_refine.correlation_coeff_Fo_to_Fc_free          0.938 
_refine.details                                  'HYDROGENS HAVE BEEN ADDED IN THE RIDING POSITIONS' 
_refine.diff_density_max                         ? 
_refine.diff_density_max_esd                     ? 
_refine.diff_density_min                         ? 
_refine.diff_density_min_esd                     ? 
_refine.diff_density_rms                         ? 
_refine.diff_density_rms_esd                     ? 
_refine.entry_id                                 6OQD 
_refine.pdbx_refine_id                           'X-RAY DIFFRACTION' 
_refine.ls_abs_structure_details                 ? 
_refine.ls_abs_structure_Flack                   ? 
_refine.ls_abs_structure_Flack_esd               ? 
_refine.ls_abs_structure_Rogers                  ? 
_refine.ls_abs_structure_Rogers_esd              ? 
_refine.ls_d_res_high                            1.48 
_refine.ls_d_res_low                             44.83 
_refine.ls_extinction_coef                       ? 
_refine.ls_extinction_coef_esd                   ? 
_refine.ls_extinction_expression                 ? 
_refine.ls_extinction_method                     ? 
_refine.ls_goodness_of_fit_all                   ? 
_refine.ls_goodness_of_fit_all_esd               ? 
_refine.ls_goodness_of_fit_obs                   ? 
_refine.ls_goodness_of_fit_obs_esd               ? 
_refine.ls_hydrogen_treatment                    ? 
_refine.ls_matrix_type                           ? 
_refine.ls_number_constraints                    ? 
_refine.ls_number_parameters                     ? 
_refine.ls_number_reflns_all                     ? 
_refine.ls_number_reflns_obs                     26318 
_refine.ls_number_reflns_R_free                  1412 
_refine.ls_number_reflns_R_work                  ? 
_refine.ls_number_restraints                     ? 
_refine.ls_percent_reflns_obs                    99.13 
_refine.ls_percent_reflns_R_free                 5.1 
_refine.ls_R_factor_all                          ? 
_refine.ls_R_factor_obs                          0.20301 
_refine.ls_R_factor_R_free                       0.23513 
_refine.ls_R_factor_R_free_error                 ? 
_refine.ls_R_factor_R_free_error_details         ? 
_refine.ls_R_factor_R_work                       0.20130 
_refine.ls_R_Fsqd_factor_obs                     ? 
_refine.ls_R_I_factor_obs                        ? 
_refine.ls_redundancy_reflns_all                 ? 
_refine.ls_redundancy_reflns_obs                 ? 
_refine.ls_restrained_S_all                      ? 
_refine.ls_restrained_S_obs                      ? 
_refine.ls_shift_over_esd_max                    ? 
_refine.ls_shift_over_esd_mean                   ? 
_refine.ls_structure_factor_coef                 ? 
_refine.ls_weighting_details                     ? 
_refine.ls_weighting_scheme                      ? 
_refine.ls_wR_factor_all                         ? 
_refine.ls_wR_factor_obs                         ? 
_refine.ls_wR_factor_R_free                      ? 
_refine.ls_wR_factor_R_work                      ? 
_refine.occupancy_max                            ? 
_refine.occupancy_min                            ? 
_refine.solvent_model_details                    ? 
_refine.solvent_model_param_bsol                 ? 
_refine.solvent_model_param_ksol                 ? 
_refine.ls_R_factor_gt                           ? 
_refine.ls_goodness_of_fit_gt                    ? 
_refine.ls_goodness_of_fit_ref                   ? 
_refine.ls_shift_over_su_max                     ? 
_refine.ls_shift_over_su_max_lt                  ? 
_refine.ls_shift_over_su_mean                    ? 
_refine.ls_shift_over_su_mean_lt                 ? 
_refine.pdbx_ls_sigma_I                          ? 
_refine.pdbx_ls_sigma_F                          ? 
_refine.pdbx_ls_sigma_Fsqd                       ? 
_refine.pdbx_data_cutoff_high_absF               ? 
_refine.pdbx_data_cutoff_high_rms_absF           ? 
_refine.pdbx_data_cutoff_low_absF                ? 
_refine.pdbx_isotropic_thermal_model             ? 
_refine.pdbx_ls_cross_valid_method               THROUGHOUT 
_refine.pdbx_method_to_determine_struct          'MOLECULAR REPLACEMENT' 
_refine.pdbx_starting_model                      ? 
_refine.pdbx_stereochemistry_target_values       ? 
_refine.pdbx_R_Free_selection_details            RANDOM 
_refine.pdbx_stereochem_target_val_spec_case     ? 
_refine.pdbx_overall_ESU_R                       0.081 
_refine.pdbx_overall_ESU_R_Free                  0.084 
_refine.pdbx_solvent_vdw_probe_radii             1.20 
_refine.pdbx_solvent_ion_probe_radii             0.80 
_refine.pdbx_solvent_shrinkage_radii             0.80 
_refine.pdbx_real_space_R                        ? 
_refine.pdbx_density_correlation                 ? 
_refine.pdbx_pd_number_of_powder_patterns        ? 
_refine.pdbx_pd_number_of_points                 ? 
_refine.pdbx_pd_meas_number_of_points            ? 
_refine.pdbx_pd_proc_ls_prof_R_factor            ? 
_refine.pdbx_pd_proc_ls_prof_wR_factor           ? 
_refine.pdbx_pd_Marquardt_correlation_coeff      ? 
_refine.pdbx_pd_Fsqrd_R_factor                   ? 
_refine.pdbx_pd_ls_matrix_band_width             ? 
_refine.pdbx_overall_phase_error                 ? 
_refine.pdbx_overall_SU_R_free_Cruickshank_DPI   ? 
_refine.pdbx_overall_SU_R_free_Blow_DPI          ? 
_refine.pdbx_overall_SU_R_Blow_DPI               ? 
_refine.pdbx_TLS_residual_ADP_flag               ? 
_refine.pdbx_diffrn_id                           1 
_refine.overall_SU_B                             1.314 
_refine.overall_SU_ML                            0.051 
_refine.overall_SU_R_Cruickshank_DPI             ? 
_refine.overall_SU_R_free                        ? 
_refine.overall_FOM_free_R_set                   ? 
_refine.overall_FOM_work_R_set                   ? 
_refine.pdbx_average_fsc_overall                 ? 
_refine.pdbx_average_fsc_work                    ? 
_refine.pdbx_average_fsc_free                    ? 
# 
_refine_hist.pdbx_refine_id                   'X-RAY DIFFRACTION' 
_refine_hist.cycle_id                         1 
_refine_hist.details                          ? 
_refine_hist.d_res_high                       1.48 
_refine_hist.d_res_low                        44.83 
_refine_hist.number_atoms_solvent             171 
_refine_hist.number_atoms_total               1466 
_refine_hist.number_reflns_all                ? 
_refine_hist.number_reflns_obs                ? 
_refine_hist.number_reflns_R_free             ? 
_refine_hist.number_reflns_R_work             ? 
_refine_hist.R_factor_all                     ? 
_refine_hist.R_factor_obs                     ? 
_refine_hist.R_factor_R_free                  ? 
_refine_hist.R_factor_R_work                  ? 
_refine_hist.pdbx_number_residues_total       ? 
_refine_hist.pdbx_B_iso_mean_ligand           ? 
_refine_hist.pdbx_B_iso_mean_solvent          ? 
_refine_hist.pdbx_number_atoms_protein        1255 
_refine_hist.pdbx_number_atoms_nucleic_acid   0 
_refine_hist.pdbx_number_atoms_ligand         40 
_refine_hist.pdbx_number_atoms_lipid          ? 
_refine_hist.pdbx_number_atoms_carb           ? 
_refine_hist.pdbx_pseudo_atom_details         ? 
# 
loop_
_refine_ls_restr.pdbx_refine_id 
_refine_ls_restr.criterion 
_refine_ls_restr.dev_ideal 
_refine_ls_restr.dev_ideal_target 
_refine_ls_restr.number 
_refine_ls_restr.rejects 
_refine_ls_restr.type 
_refine_ls_restr.weight 
_refine_ls_restr.pdbx_restraint_function 
'X-RAY DIFFRACTION' ? 0.007  0.020  1320 ? r_bond_refined_d             ? ? 
'X-RAY DIFFRACTION' ? 0.002  0.020  935  ? r_bond_other_d               ? ? 
'X-RAY DIFFRACTION' ? 1.106  1.982  1782 ? r_angle_refined_deg          ? ? 
'X-RAY DIFFRACTION' ? 0.809  3.005  2207 ? r_angle_other_deg            ? ? 
'X-RAY DIFFRACTION' ? 4.266  5.000  155  ? r_dihedral_angle_1_deg       ? ? 
'X-RAY DIFFRACTION' ? 31.040 23.125 64   ? r_dihedral_angle_2_deg       ? ? 
'X-RAY DIFFRACTION' ? 12.584 15.000 240  ? r_dihedral_angle_3_deg       ? ? 
'X-RAY DIFFRACTION' ? 17.431 15.000 14   ? r_dihedral_angle_4_deg       ? ? 
'X-RAY DIFFRACTION' ? 0.058  0.200  196  ? r_chiral_restr               ? ? 
'X-RAY DIFFRACTION' ? 0.006  0.020  1439 ? r_gen_planes_refined         ? ? 
'X-RAY DIFFRACTION' ? 0.001  0.020  279  ? r_gen_planes_other           ? ? 
'X-RAY DIFFRACTION' ? ?      ?      ?    ? r_nbd_refined                ? ? 
'X-RAY DIFFRACTION' ? ?      ?      ?    ? r_nbd_other                  ? ? 
'X-RAY DIFFRACTION' ? ?      ?      ?    ? r_nbtor_refined              ? ? 
'X-RAY DIFFRACTION' ? ?      ?      ?    ? r_nbtor_other                ? ? 
'X-RAY DIFFRACTION' ? ?      ?      ?    ? r_xyhbond_nbd_refined        ? ? 
'X-RAY DIFFRACTION' ? ?      ?      ?    ? r_xyhbond_nbd_other          ? ? 
'X-RAY DIFFRACTION' ? ?      ?      ?    ? r_metal_ion_refined          ? ? 
'X-RAY DIFFRACTION' ? ?      ?      ?    ? r_metal_ion_other            ? ? 
'X-RAY DIFFRACTION' ? ?      ?      ?    ? r_symmetry_vdw_refined       ? ? 
'X-RAY DIFFRACTION' ? ?      ?      ?    ? r_symmetry_vdw_other         ? ? 
'X-RAY DIFFRACTION' ? ?      ?      ?    ? r_symmetry_hbond_refined     ? ? 
'X-RAY DIFFRACTION' ? ?      ?      ?    ? r_symmetry_hbond_other       ? ? 
'X-RAY DIFFRACTION' ? ?      ?      ?    ? r_symmetry_metal_ion_refined ? ? 
'X-RAY DIFFRACTION' ? ?      ?      ?    ? r_symmetry_metal_ion_other   ? ? 
'X-RAY DIFFRACTION' ? ?      ?      ?    ? r_mcbond_it                  ? ? 
'X-RAY DIFFRACTION' ? ?      ?      ?    ? r_mcbond_other               ? ? 
'X-RAY DIFFRACTION' ? ?      ?      ?    ? r_mcangle_it                 ? ? 
'X-RAY DIFFRACTION' ? ?      ?      ?    ? r_mcangle_other              ? ? 
'X-RAY DIFFRACTION' ? ?      ?      ?    ? r_scbond_it                  ? ? 
'X-RAY DIFFRACTION' ? ?      ?      ?    ? r_scbond_other               ? ? 
'X-RAY DIFFRACTION' ? ?      ?      ?    ? r_scangle_it                 ? ? 
'X-RAY DIFFRACTION' ? ?      ?      ?    ? r_scangle_other              ? ? 
'X-RAY DIFFRACTION' ? ?      ?      ?    ? r_long_range_B_refined       ? ? 
'X-RAY DIFFRACTION' ? ?      ?      ?    ? r_long_range_B_other         ? ? 
'X-RAY DIFFRACTION' ? ?      ?      ?    ? r_rigid_bond_restr           ? ? 
'X-RAY DIFFRACTION' ? ?      ?      ?    ? r_sphericity_free            ? ? 
'X-RAY DIFFRACTION' ? ?      ?      ?    ? r_sphericity_bonded          ? ? 
# 
_refine_ls_shell.pdbx_refine_id                   'X-RAY DIFFRACTION' 
_refine_ls_shell.d_res_high                       1.480 
_refine_ls_shell.d_res_low                        1.518 
_refine_ls_shell.number_reflns_all                ? 
_refine_ls_shell.number_reflns_obs                ? 
_refine_ls_shell.number_reflns_R_free             89 
_refine_ls_shell.number_reflns_R_work             1793 
_refine_ls_shell.percent_reflns_obs               98.12 
_refine_ls_shell.percent_reflns_R_free            ? 
_refine_ls_shell.R_factor_all                     ? 
_refine_ls_shell.R_factor_obs                     ? 
_refine_ls_shell.R_factor_R_free                  0.323 
_refine_ls_shell.R_factor_R_free_error            ? 
_refine_ls_shell.R_factor_R_work                  0.256 
_refine_ls_shell.redundancy_reflns_all            ? 
_refine_ls_shell.redundancy_reflns_obs            ? 
_refine_ls_shell.wR_factor_all                    ? 
_refine_ls_shell.wR_factor_obs                    ? 
_refine_ls_shell.wR_factor_R_free                 ? 
_refine_ls_shell.wR_factor_R_work                 ? 
_refine_ls_shell.pdbx_total_number_of_bins_used   20 
_refine_ls_shell.pdbx_phase_error                 ? 
_refine_ls_shell.pdbx_fsc_work                    ? 
_refine_ls_shell.pdbx_fsc_free                    ? 
# 
_struct.entry_id                     6OQD 
_struct.title                        'Crystal structure of Mcl1 with inhibitor 8' 
_struct.pdbx_model_details           ? 
_struct.pdbx_formula_weight          ? 
_struct.pdbx_formula_weight_method   ? 
_struct.pdbx_model_type_details      ? 
_struct.pdbx_CASP_flag               N 
# 
_struct_keywords.entry_id        6OQD 
_struct_keywords.text            'protein-protein interaction, inhibitor, apoptosis, APOPTOSIS-INHIBITOR complex' 
_struct_keywords.pdbx_keywords   APOPTOSIS/INHIBITOR 
# 
loop_
_struct_asym.id 
_struct_asym.pdbx_blank_PDB_chainid_flag 
_struct_asym.pdbx_modified 
_struct_asym.entity_id 
_struct_asym.details 
A N N 1 ? 
B N N 2 ? 
C N N 3 ? 
# 
_struct_ref.id                         1 
_struct_ref.db_name                    UNP 
_struct_ref.db_code                    MCL1_HUMAN 
_struct_ref.pdbx_db_accession          Q07820 
_struct_ref.pdbx_db_isoform            ? 
_struct_ref.entity_id                  1 
_struct_ref.pdbx_seq_one_letter_code   
;EDELYRQSLEIISRYLREQATGAKDTKPMGRSGATSRKALETLRRVGDGVQRNHETAFQGMLRKLDIKNEDDVKSLSRVM
IHVFSDGVTNWGRIVTLISFGAFVAKHLKTINQESCIEPLAESITDVLVRTKRDWLVKQRGWDGFVEFFHVEDLEGG
;
_struct_ref.pdbx_align_begin           171 
# 
_struct_ref_seq.align_id                      1 
_struct_ref_seq.ref_id                        1 
_struct_ref_seq.pdbx_PDB_id_code              6OQD 
_struct_ref_seq.pdbx_strand_id                A 
_struct_ref_seq.seq_align_beg                 1 
_struct_ref_seq.pdbx_seq_align_beg_ins_code   ? 
_struct_ref_seq.seq_align_end                 157 
_struct_ref_seq.pdbx_seq_align_end_ins_code   ? 
_struct_ref_seq.pdbx_db_accession             Q07820 
_struct_ref_seq.db_align_beg                  171 
_struct_ref_seq.pdbx_db_align_beg_ins_code    ? 
_struct_ref_seq.db_align_end                  327 
_struct_ref_seq.pdbx_db_align_end_ins_code    ? 
_struct_ref_seq.pdbx_auth_seq_align_beg       171 
_struct_ref_seq.pdbx_auth_seq_align_end       327 
# 
loop_
_pdbx_struct_assembly.id 
_pdbx_struct_assembly.details 
_pdbx_struct_assembly.method_details 
_pdbx_struct_assembly.oligomeric_details 
_pdbx_struct_assembly.oligomeric_count 
1 author_defined_assembly   ?    monomeric 1 
2 software_defined_assembly PISA dimeric   2 
# 
loop_
_pdbx_struct_assembly_prop.biol_id 
_pdbx_struct_assembly_prop.type 
_pdbx_struct_assembly_prop.value 
_pdbx_struct_assembly_prop.details 
2 'ABSA (A^2)' 2140  ? 
2 MORE         -13   ? 
2 'SSA (A^2)'  15540 ? 
# 
loop_
_pdbx_struct_assembly_gen.assembly_id 
_pdbx_struct_assembly_gen.oper_expression 
_pdbx_struct_assembly_gen.asym_id_list 
1 1   A,B,C 
2 1,2 A,B,C 
# 
_pdbx_struct_assembly_auth_evidence.id                     1 
_pdbx_struct_assembly_auth_evidence.assembly_id            1 
_pdbx_struct_assembly_auth_evidence.experimental_support   'gel filtration' 
_pdbx_struct_assembly_auth_evidence.details                ? 
# 
loop_
_pdbx_struct_oper_list.id 
_pdbx_struct_oper_list.type 
_pdbx_struct_oper_list.name 
_pdbx_struct_oper_list.symmetry_operation 
_pdbx_struct_oper_list.matrix[1][1] 
_pdbx_struct_oper_list.matrix[1][2] 
_pdbx_struct_oper_list.matrix[1][3] 
_pdbx_struct_oper_list.vector[1] 
_pdbx_struct_oper_list.matrix[2][1] 
_pdbx_struct_oper_list.matrix[2][2] 
_pdbx_struct_oper_list.matrix[2][3] 
_pdbx_struct_oper_list.vector[2] 
_pdbx_struct_oper_list.matrix[3][1] 
_pdbx_struct_oper_list.matrix[3][2] 
_pdbx_struct_oper_list.matrix[3][3] 
_pdbx_struct_oper_list.vector[3] 
1 'identity operation'         1_555 x,y,z         1.0000000000  0.0000000000  0.0000000000 0.0000000000   0.0000000000  1.0000000000  0.0000000000  0.0000000000   0.0000000000 0.0000000000  1.0000000000  0.0000000000   
2 'crystal symmetry operation' 3_655 -x+1,y,-z+1/2 -0.0032450629 -0.9302765056 0.3668447800 -12.8452676898 -0.9302765056 -0.1317681561 -0.3423781186 -19.4912837355 0.3668447800 -0.3423781186 -0.8649867810 -14.5257602850 
# 
loop_
_struct_conf.conf_type_id 
_struct_conf.id 
_struct_conf.pdbx_PDB_helix_id 
_struct_conf.beg_label_comp_id 
_struct_conf.beg_label_asym_id 
_struct_conf.beg_label_seq_id 
_struct_conf.pdbx_beg_PDB_ins_code 
_struct_conf.end_label_comp_id 
_struct_conf.end_label_asym_id 
_struct_conf.end_label_seq_id 
_struct_conf.pdbx_end_PDB_ins_code 
_struct_conf.beg_auth_comp_id 
_struct_conf.beg_auth_asym_id 
_struct_conf.beg_auth_seq_id 
_struct_conf.end_auth_comp_id 
_struct_conf.end_auth_asym_id 
_struct_conf.end_auth_seq_id 
_struct_conf.pdbx_PDB_helix_class 
_struct_conf.details 
_struct_conf.pdbx_PDB_helix_length 
HELX_P HELX_P1 AA1 ASP A 2   ? GLY A 22  ? ASP A 172 GLY A 192 1 ? 21 
HELX_P HELX_P2 AA2 SER A 32  ? HIS A 54  ? SER A 202 HIS A 224 1 ? 23 
HELX_P HELX_P3 AA3 HIS A 54  ? ASP A 66  ? HIS A 224 ASP A 236 1 ? 13 
HELX_P HELX_P4 AA4 ASN A 69  ? SER A 75  ? ASN A 239 SER A 245 1 ? 7  
HELX_P HELX_P5 AA5 SER A 75  ? PHE A 84  ? SER A 245 PHE A 254 1 ? 10 
HELX_P HELX_P6 AA6 ASN A 90  ? ILE A 111 ? ASN A 260 ILE A 281 1 ? 22 
HELX_P HELX_P7 AA7 GLN A 113 ? SER A 115 ? GLN A 283 SER A 285 5 ? 3  
HELX_P HELX_P8 AA8 CYS A 116 ? GLN A 139 ? CYS A 286 GLN A 309 1 ? 24 
HELX_P HELX_P9 AA9 ARG A 140 ? HIS A 150 ? ARG A 310 HIS A 320 1 ? 11 
# 
_struct_conf_type.id          HELX_P 
_struct_conf_type.criteria    ? 
_struct_conf_type.reference   ? 
# 
_struct_site.id                   AC1 
_struct_site.pdbx_evidence_code   Software 
_struct_site.pdbx_auth_asym_id    A 
_struct_site.pdbx_auth_comp_id    N0M 
_struct_site.pdbx_auth_seq_id     401 
_struct_site.pdbx_auth_ins_code   ? 
_struct_site.pdbx_num_residues    15 
_struct_site.details              'binding site for residue N0M A 401' 
# 
loop_
_struct_site_gen.id 
_struct_site_gen.site_id 
_struct_site_gen.pdbx_num_res 
_struct_site_gen.label_comp_id 
_struct_site_gen.label_asym_id 
_struct_site_gen.label_seq_id 
_struct_site_gen.pdbx_auth_ins_code 
_struct_site_gen.auth_comp_id 
_struct_site_gen.auth_asym_id 
_struct_site_gen.auth_seq_id 
_struct_site_gen.label_atom_id 
_struct_site_gen.label_alt_id 
_struct_site_gen.symmetry 
_struct_site_gen.details 
1  AC1 15 HIS A 54  ? HIS A 224 . ? 1_555 ? 
2  AC1 15 ALA A 57  ? ALA A 227 . ? 1_555 ? 
3  AC1 15 PHE A 58  ? PHE A 228 . ? 1_555 ? 
4  AC1 15 VAL A 79  ? VAL A 249 . ? 1_555 ? 
5  AC1 15 MET A 80  ? MET A 250 . ? 1_555 ? 
6  AC1 15 VAL A 83  ? VAL A 253 . ? 1_555 ? 
7  AC1 15 ARG A 93  ? ARG A 263 . ? 1_555 ? 
8  AC1 15 THR A 96  ? THR A 266 . ? 1_555 ? 
9  AC1 15 LEU A 97  ? LEU A 267 . ? 1_555 ? 
10 AC1 15 PHE A 100 ? PHE A 270 . ? 1_555 ? 
11 AC1 15 LEU A 120 ? LEU A 290 . ? 1_555 ? 
12 AC1 15 HOH C .   ? HOH A 504 . ? 1_555 ? 
13 AC1 15 HOH C .   ? HOH A 517 . ? 1_555 ? 
14 AC1 15 HOH C .   ? HOH A 548 . ? 1_555 ? 
15 AC1 15 HOH C .   ? HOH A 560 . ? 1_555 ? 
# 
_pdbx_struct_special_symmetry.id              1 
_pdbx_struct_special_symmetry.PDB_model_num   1 
_pdbx_struct_special_symmetry.auth_asym_id    A 
_pdbx_struct_special_symmetry.auth_comp_id    HOH 
_pdbx_struct_special_symmetry.auth_seq_id     632 
_pdbx_struct_special_symmetry.PDB_ins_code    ? 
_pdbx_struct_special_symmetry.label_asym_id   C 
_pdbx_struct_special_symmetry.label_comp_id   HOH 
_pdbx_struct_special_symmetry.label_seq_id    . 
# 
_pdbx_unobs_or_zero_occ_residues.id               1 
_pdbx_unobs_or_zero_occ_residues.PDB_model_num    1 
_pdbx_unobs_or_zero_occ_residues.polymer_flag     Y 
_pdbx_unobs_or_zero_occ_residues.occupancy_flag   1 
_pdbx_unobs_or_zero_occ_residues.auth_asym_id     A 
_pdbx_unobs_or_zero_occ_residues.auth_comp_id     GLY 
_pdbx_unobs_or_zero_occ_residues.auth_seq_id      327 
_pdbx_unobs_or_zero_occ_residues.PDB_ins_code     ? 
_pdbx_unobs_or_zero_occ_residues.label_asym_id    A 
_pdbx_unobs_or_zero_occ_residues.label_comp_id    GLY 
_pdbx_unobs_or_zero_occ_residues.label_seq_id     157 
# 
loop_
_chem_comp_atom.comp_id 
_chem_comp_atom.atom_id 
_chem_comp_atom.type_symbol 
_chem_comp_atom.pdbx_aromatic_flag 
_chem_comp_atom.pdbx_stereo_config 
_chem_comp_atom.pdbx_ordinal 
ALA N    N  N N 1   
ALA CA   C  N S 2   
ALA C    C  N N 3   
ALA O    O  N N 4   
ALA CB   C  N N 5   
ALA OXT  O  N N 6   
ALA H    H  N N 7   
ALA H2   H  N N 8   
ALA HA   H  N N 9   
ALA HB1  H  N N 10  
ALA HB2  H  N N 11  
ALA HB3  H  N N 12  
ALA HXT  H  N N 13  
ARG N    N  N N 14  
ARG CA   C  N S 15  
ARG C    C  N N 16  
ARG O    O  N N 17  
ARG CB   C  N N 18  
ARG CG   C  N N 19  
ARG CD   C  N N 20  
ARG NE   N  N N 21  
ARG CZ   C  N N 22  
ARG NH1  N  N N 23  
ARG NH2  N  N N 24  
ARG OXT  O  N N 25  
ARG H    H  N N 26  
ARG H2   H  N N 27  
ARG HA   H  N N 28  
ARG HB2  H  N N 29  
ARG HB3  H  N N 30  
ARG HG2  H  N N 31  
ARG HG3  H  N N 32  
ARG HD2  H  N N 33  
ARG HD3  H  N N 34  
ARG HE   H  N N 35  
ARG HH11 H  N N 36  
ARG HH12 H  N N 37  
ARG HH21 H  N N 38  
ARG HH22 H  N N 39  
ARG HXT  H  N N 40  
ASN N    N  N N 41  
ASN CA   C  N S 42  
ASN C    C  N N 43  
ASN O    O  N N 44  
ASN CB   C  N N 45  
ASN CG   C  N N 46  
ASN OD1  O  N N 47  
ASN ND2  N  N N 48  
ASN OXT  O  N N 49  
ASN H    H  N N 50  
ASN H2   H  N N 51  
ASN HA   H  N N 52  
ASN HB2  H  N N 53  
ASN HB3  H  N N 54  
ASN HD21 H  N N 55  
ASN HD22 H  N N 56  
ASN HXT  H  N N 57  
ASP N    N  N N 58  
ASP CA   C  N S 59  
ASP C    C  N N 60  
ASP O    O  N N 61  
ASP CB   C  N N 62  
ASP CG   C  N N 63  
ASP OD1  O  N N 64  
ASP OD2  O  N N 65  
ASP OXT  O  N N 66  
ASP H    H  N N 67  
ASP H2   H  N N 68  
ASP HA   H  N N 69  
ASP HB2  H  N N 70  
ASP HB3  H  N N 71  
ASP HD2  H  N N 72  
ASP HXT  H  N N 73  
CYS N    N  N N 74  
CYS CA   C  N R 75  
CYS C    C  N N 76  
CYS O    O  N N 77  
CYS CB   C  N N 78  
CYS SG   S  N N 79  
CYS OXT  O  N N 80  
CYS H    H  N N 81  
CYS H2   H  N N 82  
CYS HA   H  N N 83  
CYS HB2  H  N N 84  
CYS HB3  H  N N 85  
CYS HG   H  N N 86  
CYS HXT  H  N N 87  
GLN N    N  N N 88  
GLN CA   C  N S 89  
GLN C    C  N N 90  
GLN O    O  N N 91  
GLN CB   C  N N 92  
GLN CG   C  N N 93  
GLN CD   C  N N 94  
GLN OE1  O  N N 95  
GLN NE2  N  N N 96  
GLN OXT  O  N N 97  
GLN H    H  N N 98  
GLN H2   H  N N 99  
GLN HA   H  N N 100 
GLN HB2  H  N N 101 
GLN HB3  H  N N 102 
GLN HG2  H  N N 103 
GLN HG3  H  N N 104 
GLN HE21 H  N N 105 
GLN HE22 H  N N 106 
GLN HXT  H  N N 107 
GLU N    N  N N 108 
GLU CA   C  N S 109 
GLU C    C  N N 110 
GLU O    O  N N 111 
GLU CB   C  N N 112 
GLU CG   C  N N 113 
GLU CD   C  N N 114 
GLU OE1  O  N N 115 
GLU OE2  O  N N 116 
GLU OXT  O  N N 117 
GLU H    H  N N 118 
GLU H2   H  N N 119 
GLU HA   H  N N 120 
GLU HB2  H  N N 121 
GLU HB3  H  N N 122 
GLU HG2  H  N N 123 
GLU HG3  H  N N 124 
GLU HE2  H  N N 125 
GLU HXT  H  N N 126 
GLY N    N  N N 127 
GLY CA   C  N N 128 
GLY C    C  N N 129 
GLY O    O  N N 130 
GLY OXT  O  N N 131 
GLY H    H  N N 132 
GLY H2   H  N N 133 
GLY HA2  H  N N 134 
GLY HA3  H  N N 135 
GLY HXT  H  N N 136 
HIS N    N  N N 137 
HIS CA   C  N S 138 
HIS C    C  N N 139 
HIS O    O  N N 140 
HIS CB   C  N N 141 
HIS CG   C  Y N 142 
HIS ND1  N  Y N 143 
HIS CD2  C  Y N 144 
HIS CE1  C  Y N 145 
HIS NE2  N  Y N 146 
HIS OXT  O  N N 147 
HIS H    H  N N 148 
HIS H2   H  N N 149 
HIS HA   H  N N 150 
HIS HB2  H  N N 151 
HIS HB3  H  N N 152 
HIS HD1  H  N N 153 
HIS HD2  H  N N 154 
HIS HE1  H  N N 155 
HIS HE2  H  N N 156 
HIS HXT  H  N N 157 
HOH O    O  N N 158 
HOH H1   H  N N 159 
HOH H2   H  N N 160 
ILE N    N  N N 161 
ILE CA   C  N S 162 
ILE C    C  N N 163 
ILE O    O  N N 164 
ILE CB   C  N S 165 
ILE CG1  C  N N 166 
ILE CG2  C  N N 167 
ILE CD1  C  N N 168 
ILE OXT  O  N N 169 
ILE H    H  N N 170 
ILE H2   H  N N 171 
ILE HA   H  N N 172 
ILE HB   H  N N 173 
ILE HG12 H  N N 174 
ILE HG13 H  N N 175 
ILE HG21 H  N N 176 
ILE HG22 H  N N 177 
ILE HG23 H  N N 178 
ILE HD11 H  N N 179 
ILE HD12 H  N N 180 
ILE HD13 H  N N 181 
ILE HXT  H  N N 182 
LEU N    N  N N 183 
LEU CA   C  N S 184 
LEU C    C  N N 185 
LEU O    O  N N 186 
LEU CB   C  N N 187 
LEU CG   C  N N 188 
LEU CD1  C  N N 189 
LEU CD2  C  N N 190 
LEU OXT  O  N N 191 
LEU H    H  N N 192 
LEU H2   H  N N 193 
LEU HA   H  N N 194 
LEU HB2  H  N N 195 
LEU HB3  H  N N 196 
LEU HG   H  N N 197 
LEU HD11 H  N N 198 
LEU HD12 H  N N 199 
LEU HD13 H  N N 200 
LEU HD21 H  N N 201 
LEU HD22 H  N N 202 
LEU HD23 H  N N 203 
LEU HXT  H  N N 204 
LYS N    N  N N 205 
LYS CA   C  N S 206 
LYS C    C  N N 207 
LYS O    O  N N 208 
LYS CB   C  N N 209 
LYS CG   C  N N 210 
LYS CD   C  N N 211 
LYS CE   C  N N 212 
LYS NZ   N  N N 213 
LYS OXT  O  N N 214 
LYS H    H  N N 215 
LYS H2   H  N N 216 
LYS HA   H  N N 217 
LYS HB2  H  N N 218 
LYS HB3  H  N N 219 
LYS HG2  H  N N 220 
LYS HG3  H  N N 221 
LYS HD2  H  N N 222 
LYS HD3  H  N N 223 
LYS HE2  H  N N 224 
LYS HE3  H  N N 225 
LYS HZ1  H  N N 226 
LYS HZ2  H  N N 227 
LYS HZ3  H  N N 228 
LYS HXT  H  N N 229 
MET N    N  N N 230 
MET CA   C  N S 231 
MET C    C  N N 232 
MET O    O  N N 233 
MET CB   C  N N 234 
MET CG   C  N N 235 
MET SD   S  N N 236 
MET CE   C  N N 237 
MET OXT  O  N N 238 
MET H    H  N N 239 
MET H2   H  N N 240 
MET HA   H  N N 241 
MET HB2  H  N N 242 
MET HB3  H  N N 243 
MET HG2  H  N N 244 
MET HG3  H  N N 245 
MET HE1  H  N N 246 
MET HE2  H  N N 247 
MET HE3  H  N N 248 
MET HXT  H  N N 249 
N0M C14  C  N N 250 
N0M C13  C  N N 251 
N0M C12  C  N N 252 
N0M C11  C  Y N 253 
N0M C18  C  Y N 254 
N0M C17  C  Y N 255 
N0M CL1  CL N N 256 
N0M C16  C  Y N 257 
N0M C15  C  Y N 258 
N0M C10  C  Y N 259 
N0M C8   C  N S 260 
N0M C7   C  N N 261 
N0M C9   C  N N 262 
N0M O1   O  N N 263 
N0M C2   C  Y N 264 
N0M C3   C  Y N 265 
N0M C4   C  Y N 266 
N0M C5   C  Y N 267 
N0M C6   C  Y N 268 
N0M C1   C  Y N 269 
N0M N1   N  N R 270 
N0M C20  C  N N 271 
N0M C21  C  N R 272 
N0M C24  C  N N 273 
N0M C23  C  N N 274 
N0M C22  C  N R 275 
N0M C25  C  N S 276 
N0M O3   O  N N 277 
N0M C26  C  N N 278 
N0M C27  C  N N 279 
N0M C30  C  N N 280 
N0M C29  C  N N 281 
N0M C28  C  N R 282 
N0M C31  C  N N 283 
N0M S1   S  N N 284 
N0M O4   O  N N 285 
N0M O5   O  N N 286 
N0M N2   N  N N 287 
N0M C19  C  N N 288 
N0M O2   O  N N 289 
N0M H1   H  N N 290 
N0M H2   H  N N 291 
N0M H3   H  N N 292 
N0M H4   H  N N 293 
N0M H5   H  N N 294 
N0M H6   H  N N 295 
N0M H7   H  N N 296 
N0M H8   H  N N 297 
N0M H9   H  N N 298 
N0M H10  H  N N 299 
N0M H11  H  N N 300 
N0M H12  H  N N 301 
N0M H13  H  N N 302 
N0M H14  H  N N 303 
N0M H15  H  N N 304 
N0M H16  H  N N 305 
N0M H17  H  N N 306 
N0M H18  H  N N 307 
N0M H19  H  N N 308 
N0M H20  H  N N 309 
N0M H21  H  N N 310 
N0M H22  H  N N 311 
N0M H23  H  N N 312 
N0M H24  H  N N 313 
N0M H25  H  N N 314 
N0M H26  H  N N 315 
N0M H27  H  N N 316 
N0M H28  H  N N 317 
N0M H29  H  N N 318 
N0M H30  H  N N 319 
N0M H31  H  N N 320 
N0M H32  H  N N 321 
N0M H33  H  N N 322 
N0M H34  H  N N 323 
N0M H35  H  N N 324 
N0M H36  H  N N 325 
N0M H37  H  N N 326 
N0M H38  H  N N 327 
N0M H39  H  N N 328 
PHE N    N  N N 329 
PHE CA   C  N S 330 
PHE C    C  N N 331 
PHE O    O  N N 332 
PHE CB   C  N N 333 
PHE CG   C  Y N 334 
PHE CD1  C  Y N 335 
PHE CD2  C  Y N 336 
PHE CE1  C  Y N 337 
PHE CE2  C  Y N 338 
PHE CZ   C  Y N 339 
PHE OXT  O  N N 340 
PHE H    H  N N 341 
PHE H2   H  N N 342 
PHE HA   H  N N 343 
PHE HB2  H  N N 344 
PHE HB3  H  N N 345 
PHE HD1  H  N N 346 
PHE HD2  H  N N 347 
PHE HE1  H  N N 348 
PHE HE2  H  N N 349 
PHE HZ   H  N N 350 
PHE HXT  H  N N 351 
PRO N    N  N N 352 
PRO CA   C  N S 353 
PRO C    C  N N 354 
PRO O    O  N N 355 
PRO CB   C  N N 356 
PRO CG   C  N N 357 
PRO CD   C  N N 358 
PRO OXT  O  N N 359 
PRO H    H  N N 360 
PRO HA   H  N N 361 
PRO HB2  H  N N 362 
PRO HB3  H  N N 363 
PRO HG2  H  N N 364 
PRO HG3  H  N N 365 
PRO HD2  H  N N 366 
PRO HD3  H  N N 367 
PRO HXT  H  N N 368 
SER N    N  N N 369 
SER CA   C  N S 370 
SER C    C  N N 371 
SER O    O  N N 372 
SER CB   C  N N 373 
SER OG   O  N N 374 
SER OXT  O  N N 375 
SER H    H  N N 376 
SER H2   H  N N 377 
SER HA   H  N N 378 
SER HB2  H  N N 379 
SER HB3  H  N N 380 
SER HG   H  N N 381 
SER HXT  H  N N 382 
THR N    N  N N 383 
THR CA   C  N S 384 
THR C    C  N N 385 
THR O    O  N N 386 
THR CB   C  N R 387 
THR OG1  O  N N 388 
THR CG2  C  N N 389 
THR OXT  O  N N 390 
THR H    H  N N 391 
THR H2   H  N N 392 
THR HA   H  N N 393 
THR HB   H  N N 394 
THR HG1  H  N N 395 
THR HG21 H  N N 396 
THR HG22 H  N N 397 
THR HG23 H  N N 398 
THR HXT  H  N N 399 
TRP N    N  N N 400 
TRP CA   C  N S 401 
TRP C    C  N N 402 
TRP O    O  N N 403 
TRP CB   C  N N 404 
TRP CG   C  Y N 405 
TRP CD1  C  Y N 406 
TRP CD2  C  Y N 407 
TRP NE1  N  Y N 408 
TRP CE2  C  Y N 409 
TRP CE3  C  Y N 410 
TRP CZ2  C  Y N 411 
TRP CZ3  C  Y N 412 
TRP CH2  C  Y N 413 
TRP OXT  O  N N 414 
TRP H    H  N N 415 
TRP H2   H  N N 416 
TRP HA   H  N N 417 
TRP HB2  H  N N 418 
TRP HB3  H  N N 419 
TRP HD1  H  N N 420 
TRP HE1  H  N N 421 
TRP HE3  H  N N 422 
TRP HZ2  H  N N 423 
TRP HZ3  H  N N 424 
TRP HH2  H  N N 425 
TRP HXT  H  N N 426 
TYR N    N  N N 427 
TYR CA   C  N S 428 
TYR C    C  N N 429 
TYR O    O  N N 430 
TYR CB   C  N N 431 
TYR CG   C  Y N 432 
TYR CD1  C  Y N 433 
TYR CD2  C  Y N 434 
TYR CE1  C  Y N 435 
TYR CE2  C  Y N 436 
TYR CZ   C  Y N 437 
TYR OH   O  N N 438 
TYR OXT  O  N N 439 
TYR H    H  N N 440 
TYR H2   H  N N 441 
TYR HA   H  N N 442 
TYR HB2  H  N N 443 
TYR HB3  H  N N 444 
TYR HD1  H  N N 445 
TYR HD2  H  N N 446 
TYR HE1  H  N N 447 
TYR HE2  H  N N 448 
TYR HH   H  N N 449 
TYR HXT  H  N N 450 
VAL N    N  N N 451 
VAL CA   C  N S 452 
VAL C    C  N N 453 
VAL O    O  N N 454 
VAL CB   C  N N 455 
VAL CG1  C  N N 456 
VAL CG2  C  N N 457 
VAL OXT  O  N N 458 
VAL H    H  N N 459 
VAL H2   H  N N 460 
VAL HA   H  N N 461 
VAL HB   H  N N 462 
VAL HG11 H  N N 463 
VAL HG12 H  N N 464 
VAL HG13 H  N N 465 
VAL HG21 H  N N 466 
VAL HG22 H  N N 467 
VAL HG23 H  N N 468 
VAL HXT  H  N N 469 
# 
loop_
_chem_comp_bond.comp_id 
_chem_comp_bond.atom_id_1 
_chem_comp_bond.atom_id_2 
_chem_comp_bond.value_order 
_chem_comp_bond.pdbx_aromatic_flag 
_chem_comp_bond.pdbx_stereo_config 
_chem_comp_bond.pdbx_ordinal 
ALA N   CA   sing N N 1   
ALA N   H    sing N N 2   
ALA N   H2   sing N N 3   
ALA CA  C    sing N N 4   
ALA CA  CB   sing N N 5   
ALA CA  HA   sing N N 6   
ALA C   O    doub N N 7   
ALA C   OXT  sing N N 8   
ALA CB  HB1  sing N N 9   
ALA CB  HB2  sing N N 10  
ALA CB  HB3  sing N N 11  
ALA OXT HXT  sing N N 12  
ARG N   CA   sing N N 13  
ARG N   H    sing N N 14  
ARG N   H2   sing N N 15  
ARG CA  C    sing N N 16  
ARG CA  CB   sing N N 17  
ARG CA  HA   sing N N 18  
ARG C   O    doub N N 19  
ARG C   OXT  sing N N 20  
ARG CB  CG   sing N N 21  
ARG CB  HB2  sing N N 22  
ARG CB  HB3  sing N N 23  
ARG CG  CD   sing N N 24  
ARG CG  HG2  sing N N 25  
ARG CG  HG3  sing N N 26  
ARG CD  NE   sing N N 27  
ARG CD  HD2  sing N N 28  
ARG CD  HD3  sing N N 29  
ARG NE  CZ   sing N N 30  
ARG NE  HE   sing N N 31  
ARG CZ  NH1  sing N N 32  
ARG CZ  NH2  doub N N 33  
ARG NH1 HH11 sing N N 34  
ARG NH1 HH12 sing N N 35  
ARG NH2 HH21 sing N N 36  
ARG NH2 HH22 sing N N 37  
ARG OXT HXT  sing N N 38  
ASN N   CA   sing N N 39  
ASN N   H    sing N N 40  
ASN N   H2   sing N N 41  
ASN CA  C    sing N N 42  
ASN CA  CB   sing N N 43  
ASN CA  HA   sing N N 44  
ASN C   O    doub N N 45  
ASN C   OXT  sing N N 46  
ASN CB  CG   sing N N 47  
ASN CB  HB2  sing N N 48  
ASN CB  HB3  sing N N 49  
ASN CG  OD1  doub N N 50  
ASN CG  ND2  sing N N 51  
ASN ND2 HD21 sing N N 52  
ASN ND2 HD22 sing N N 53  
ASN OXT HXT  sing N N 54  
ASP N   CA   sing N N 55  
ASP N   H    sing N N 56  
ASP N   H2   sing N N 57  
ASP CA  C    sing N N 58  
ASP CA  CB   sing N N 59  
ASP CA  HA   sing N N 60  
ASP C   O    doub N N 61  
ASP C   OXT  sing N N 62  
ASP CB  CG   sing N N 63  
ASP CB  HB2  sing N N 64  
ASP CB  HB3  sing N N 65  
ASP CG  OD1  doub N N 66  
ASP CG  OD2  sing N N 67  
ASP OD2 HD2  sing N N 68  
ASP OXT HXT  sing N N 69  
CYS N   CA   sing N N 70  
CYS N   H    sing N N 71  
CYS N   H2   sing N N 72  
CYS CA  C    sing N N 73  
CYS CA  CB   sing N N 74  
CYS CA  HA   sing N N 75  
CYS C   O    doub N N 76  
CYS C   OXT  sing N N 77  
CYS CB  SG   sing N N 78  
CYS CB  HB2  sing N N 79  
CYS CB  HB3  sing N N 80  
CYS SG  HG   sing N N 81  
CYS OXT HXT  sing N N 82  
GLN N   CA   sing N N 83  
GLN N   H    sing N N 84  
GLN N   H2   sing N N 85  
GLN CA  C    sing N N 86  
GLN CA  CB   sing N N 87  
GLN CA  HA   sing N N 88  
GLN C   O    doub N N 89  
GLN C   OXT  sing N N 90  
GLN CB  CG   sing N N 91  
GLN CB  HB2  sing N N 92  
GLN CB  HB3  sing N N 93  
GLN CG  CD   sing N N 94  
GLN CG  HG2  sing N N 95  
GLN CG  HG3  sing N N 96  
GLN CD  OE1  doub N N 97  
GLN CD  NE2  sing N N 98  
GLN NE2 HE21 sing N N 99  
GLN NE2 HE22 sing N N 100 
GLN OXT HXT  sing N N 101 
GLU N   CA   sing N N 102 
GLU N   H    sing N N 103 
GLU N   H2   sing N N 104 
GLU CA  C    sing N N 105 
GLU CA  CB   sing N N 106 
GLU CA  HA   sing N N 107 
GLU C   O    doub N N 108 
GLU C   OXT  sing N N 109 
GLU CB  CG   sing N N 110 
GLU CB  HB2  sing N N 111 
GLU CB  HB3  sing N N 112 
GLU CG  CD   sing N N 113 
GLU CG  HG2  sing N N 114 
GLU CG  HG3  sing N N 115 
GLU CD  OE1  doub N N 116 
GLU CD  OE2  sing N N 117 
GLU OE2 HE2  sing N N 118 
GLU OXT HXT  sing N N 119 
GLY N   CA   sing N N 120 
GLY N   H    sing N N 121 
GLY N   H2   sing N N 122 
GLY CA  C    sing N N 123 
GLY CA  HA2  sing N N 124 
GLY CA  HA3  sing N N 125 
GLY C   O    doub N N 126 
GLY C   OXT  sing N N 127 
GLY OXT HXT  sing N N 128 
HIS N   CA   sing N N 129 
HIS N   H    sing N N 130 
HIS N   H2   sing N N 131 
HIS CA  C    sing N N 132 
HIS CA  CB   sing N N 133 
HIS CA  HA   sing N N 134 
HIS C   O    doub N N 135 
HIS C   OXT  sing N N 136 
HIS CB  CG   sing N N 137 
HIS CB  HB2  sing N N 138 
HIS CB  HB3  sing N N 139 
HIS CG  ND1  sing Y N 140 
HIS CG  CD2  doub Y N 141 
HIS ND1 CE1  doub Y N 142 
HIS ND1 HD1  sing N N 143 
HIS CD2 NE2  sing Y N 144 
HIS CD2 HD2  sing N N 145 
HIS CE1 NE2  sing Y N 146 
HIS CE1 HE1  sing N N 147 
HIS NE2 HE2  sing N N 148 
HIS OXT HXT  sing N N 149 
HOH O   H1   sing N N 150 
HOH O   H2   sing N N 151 
ILE N   CA   sing N N 152 
ILE N   H    sing N N 153 
ILE N   H2   sing N N 154 
ILE CA  C    sing N N 155 
ILE CA  CB   sing N N 156 
ILE CA  HA   sing N N 157 
ILE C   O    doub N N 158 
ILE C   OXT  sing N N 159 
ILE CB  CG1  sing N N 160 
ILE CB  CG2  sing N N 161 
ILE CB  HB   sing N N 162 
ILE CG1 CD1  sing N N 163 
ILE CG1 HG12 sing N N 164 
ILE CG1 HG13 sing N N 165 
ILE CG2 HG21 sing N N 166 
ILE CG2 HG22 sing N N 167 
ILE CG2 HG23 sing N N 168 
ILE CD1 HD11 sing N N 169 
ILE CD1 HD12 sing N N 170 
ILE CD1 HD13 sing N N 171 
ILE OXT HXT  sing N N 172 
LEU N   CA   sing N N 173 
LEU N   H    sing N N 174 
LEU N   H2   sing N N 175 
LEU CA  C    sing N N 176 
LEU CA  CB   sing N N 177 
LEU CA  HA   sing N N 178 
LEU C   O    doub N N 179 
LEU C   OXT  sing N N 180 
LEU CB  CG   sing N N 181 
LEU CB  HB2  sing N N 182 
LEU CB  HB3  sing N N 183 
LEU CG  CD1  sing N N 184 
LEU CG  CD2  sing N N 185 
LEU CG  HG   sing N N 186 
LEU CD1 HD11 sing N N 187 
LEU CD1 HD12 sing N N 188 
LEU CD1 HD13 sing N N 189 
LEU CD2 HD21 sing N N 190 
LEU CD2 HD22 sing N N 191 
LEU CD2 HD23 sing N N 192 
LEU OXT HXT  sing N N 193 
LYS N   CA   sing N N 194 
LYS N   H    sing N N 195 
LYS N   H2   sing N N 196 
LYS CA  C    sing N N 197 
LYS CA  CB   sing N N 198 
LYS CA  HA   sing N N 199 
LYS C   O    doub N N 200 
LYS C   OXT  sing N N 201 
LYS CB  CG   sing N N 202 
LYS CB  HB2  sing N N 203 
LYS CB  HB3  sing N N 204 
LYS CG  CD   sing N N 205 
LYS CG  HG2  sing N N 206 
LYS CG  HG3  sing N N 207 
LYS CD  CE   sing N N 208 
LYS CD  HD2  sing N N 209 
LYS CD  HD3  sing N N 210 
LYS CE  NZ   sing N N 211 
LYS CE  HE2  sing N N 212 
LYS CE  HE3  sing N N 213 
LYS NZ  HZ1  sing N N 214 
LYS NZ  HZ2  sing N N 215 
LYS NZ  HZ3  sing N N 216 
LYS OXT HXT  sing N N 217 
MET N   CA   sing N N 218 
MET N   H    sing N N 219 
MET N   H2   sing N N 220 
MET CA  C    sing N N 221 
MET CA  CB   sing N N 222 
MET CA  HA   sing N N 223 
MET C   O    doub N N 224 
MET C   OXT  sing N N 225 
MET CB  CG   sing N N 226 
MET CB  HB2  sing N N 227 
MET CB  HB3  sing N N 228 
MET CG  SD   sing N N 229 
MET CG  HG2  sing N N 230 
MET CG  HG3  sing N N 231 
MET SD  CE   sing N N 232 
MET CE  HE1  sing N N 233 
MET CE  HE2  sing N N 234 
MET CE  HE3  sing N N 235 
MET OXT HXT  sing N N 236 
N0M CL1 C17  sing N N 237 
N0M C17 C16  doub Y N 238 
N0M C17 C18  sing Y N 239 
N0M C16 C15  sing Y N 240 
N0M C18 C11  doub Y N 241 
N0M C15 C10  doub Y N 242 
N0M C9  O1   sing N N 243 
N0M C9  C8   sing N N 244 
N0M C11 C10  sing Y N 245 
N0M C11 C12  sing N N 246 
N0M C10 C8   sing N N 247 
N0M C12 C13  sing N N 248 
N0M O1  C2   sing N N 249 
N0M C8  C14  sing N N 250 
N0M C8  C7   sing N N 251 
N0M C14 C13  sing N N 252 
N0M C3  C2   doub Y N 253 
N0M C3  C4   sing Y N 254 
N0M C2  C1   sing Y N 255 
N0M C4  C5   doub Y N 256 
N0M C7  N1   sing N N 257 
N0M C1  N1   sing N N 258 
N0M C1  C6   doub Y N 259 
N0M N1  C20  sing N N 260 
N0M C5  C6   sing Y N 261 
N0M C5  C19  sing N N 262 
N0M C20 C21  sing N N 263 
N0M C19 N2   sing N N 264 
N0M C19 O2   doub N N 265 
N0M N2  S1   sing N N 266 
N0M O4  S1   doub N N 267 
N0M C21 C24  sing N N 268 
N0M C21 C22  sing N N 269 
N0M S1  O5   doub N N 270 
N0M S1  C28  sing N N 271 
N0M C24 C23  sing N N 272 
N0M C22 C23  sing N N 273 
N0M C22 C25  sing N N 274 
N0M C28 C29  sing N N 275 
N0M C28 C31  sing N N 276 
N0M C25 C26  sing N N 277 
N0M C25 O3   sing N N 278 
N0M C29 C30  sing N N 279 
N0M C26 C27  sing N N 280 
N0M C27 C30  sing N N 281 
N0M C14 H1   sing N N 282 
N0M C14 H2   sing N N 283 
N0M C13 H3   sing N N 284 
N0M C13 H4   sing N N 285 
N0M C12 H5   sing N N 286 
N0M C12 H6   sing N N 287 
N0M C18 H7   sing N N 288 
N0M C16 H8   sing N N 289 
N0M C15 H9   sing N N 290 
N0M C7  H10  sing N N 291 
N0M C7  H11  sing N N 292 
N0M C9  H12  sing N N 293 
N0M C9  H13  sing N N 294 
N0M C3  H14  sing N N 295 
N0M C4  H15  sing N N 296 
N0M C6  H16  sing N N 297 
N0M C20 H17  sing N N 298 
N0M C20 H18  sing N N 299 
N0M C21 H19  sing N N 300 
N0M C24 H20  sing N N 301 
N0M C24 H21  sing N N 302 
N0M C23 H22  sing N N 303 
N0M C23 H23  sing N N 304 
N0M C22 H24  sing N N 305 
N0M C25 H25  sing N N 306 
N0M O3  H26  sing N N 307 
N0M C26 H27  sing N N 308 
N0M C26 H28  sing N N 309 
N0M C27 H29  sing N N 310 
N0M C27 H30  sing N N 311 
N0M C30 H31  sing N N 312 
N0M C30 H32  sing N N 313 
N0M C29 H33  sing N N 314 
N0M C29 H34  sing N N 315 
N0M C28 H35  sing N N 316 
N0M C31 H36  sing N N 317 
N0M C31 H37  sing N N 318 
N0M C31 H38  sing N N 319 
N0M N2  H39  sing N N 320 
PHE N   CA   sing N N 321 
PHE N   H    sing N N 322 
PHE N   H2   sing N N 323 
PHE CA  C    sing N N 324 
PHE CA  CB   sing N N 325 
PHE CA  HA   sing N N 326 
PHE C   O    doub N N 327 
PHE C   OXT  sing N N 328 
PHE CB  CG   sing N N 329 
PHE CB  HB2  sing N N 330 
PHE CB  HB3  sing N N 331 
PHE CG  CD1  doub Y N 332 
PHE CG  CD2  sing Y N 333 
PHE CD1 CE1  sing Y N 334 
PHE CD1 HD1  sing N N 335 
PHE CD2 CE2  doub Y N 336 
PHE CD2 HD2  sing N N 337 
PHE CE1 CZ   doub Y N 338 
PHE CE1 HE1  sing N N 339 
PHE CE2 CZ   sing Y N 340 
PHE CE2 HE2  sing N N 341 
PHE CZ  HZ   sing N N 342 
PHE OXT HXT  sing N N 343 
PRO N   CA   sing N N 344 
PRO N   CD   sing N N 345 
PRO N   H    sing N N 346 
PRO CA  C    sing N N 347 
PRO CA  CB   sing N N 348 
PRO CA  HA   sing N N 349 
PRO C   O    doub N N 350 
PRO C   OXT  sing N N 351 
PRO CB  CG   sing N N 352 
PRO CB  HB2  sing N N 353 
PRO CB  HB3  sing N N 354 
PRO CG  CD   sing N N 355 
PRO CG  HG2  sing N N 356 
PRO CG  HG3  sing N N 357 
PRO CD  HD2  sing N N 358 
PRO CD  HD3  sing N N 359 
PRO OXT HXT  sing N N 360 
SER N   CA   sing N N 361 
SER N   H    sing N N 362 
SER N   H2   sing N N 363 
SER CA  C    sing N N 364 
SER CA  CB   sing N N 365 
SER CA  HA   sing N N 366 
SER C   O    doub N N 367 
SER C   OXT  sing N N 368 
SER CB  OG   sing N N 369 
SER CB  HB2  sing N N 370 
SER CB  HB3  sing N N 371 
SER OG  HG   sing N N 372 
SER OXT HXT  sing N N 373 
THR N   CA   sing N N 374 
THR N   H    sing N N 375 
THR N   H2   sing N N 376 
THR CA  C    sing N N 377 
THR CA  CB   sing N N 378 
THR CA  HA   sing N N 379 
THR C   O    doub N N 380 
THR C   OXT  sing N N 381 
THR CB  OG1  sing N N 382 
THR CB  CG2  sing N N 383 
THR CB  HB   sing N N 384 
THR OG1 HG1  sing N N 385 
THR CG2 HG21 sing N N 386 
THR CG2 HG22 sing N N 387 
THR CG2 HG23 sing N N 388 
THR OXT HXT  sing N N 389 
TRP N   CA   sing N N 390 
TRP N   H    sing N N 391 
TRP N   H2   sing N N 392 
TRP CA  C    sing N N 393 
TRP CA  CB   sing N N 394 
TRP CA  HA   sing N N 395 
TRP C   O    doub N N 396 
TRP C   OXT  sing N N 397 
TRP CB  CG   sing N N 398 
TRP CB  HB2  sing N N 399 
TRP CB  HB3  sing N N 400 
TRP CG  CD1  doub Y N 401 
TRP CG  CD2  sing Y N 402 
TRP CD1 NE1  sing Y N 403 
TRP CD1 HD1  sing N N 404 
TRP CD2 CE2  doub Y N 405 
TRP CD2 CE3  sing Y N 406 
TRP NE1 CE2  sing Y N 407 
TRP NE1 HE1  sing N N 408 
TRP CE2 CZ2  sing Y N 409 
TRP CE3 CZ3  doub Y N 410 
TRP CE3 HE3  sing N N 411 
TRP CZ2 CH2  doub Y N 412 
TRP CZ2 HZ2  sing N N 413 
TRP CZ3 CH2  sing Y N 414 
TRP CZ3 HZ3  sing N N 415 
TRP CH2 HH2  sing N N 416 
TRP OXT HXT  sing N N 417 
TYR N   CA   sing N N 418 
TYR N   H    sing N N 419 
TYR N   H2   sing N N 420 
TYR CA  C    sing N N 421 
TYR CA  CB   sing N N 422 
TYR CA  HA   sing N N 423 
TYR C   O    doub N N 424 
TYR C   OXT  sing N N 425 
TYR CB  CG   sing N N 426 
TYR CB  HB2  sing N N 427 
TYR CB  HB3  sing N N 428 
TYR CG  CD1  doub Y N 429 
TYR CG  CD2  sing Y N 430 
TYR CD1 CE1  sing Y N 431 
TYR CD1 HD1  sing N N 432 
TYR CD2 CE2  doub Y N 433 
TYR CD2 HD2  sing N N 434 
TYR CE1 CZ   doub Y N 435 
TYR CE1 HE1  sing N N 436 
TYR CE2 CZ   sing Y N 437 
TYR CE2 HE2  sing N N 438 
TYR CZ  OH   sing N N 439 
TYR OH  HH   sing N N 440 
TYR OXT HXT  sing N N 441 
VAL N   CA   sing N N 442 
VAL N   H    sing N N 443 
VAL N   H2   sing N N 444 
VAL CA  C    sing N N 445 
VAL CA  CB   sing N N 446 
VAL CA  HA   sing N N 447 
VAL C   O    doub N N 448 
VAL C   OXT  sing N N 449 
VAL CB  CG1  sing N N 450 
VAL CB  CG2  sing N N 451 
VAL CB  HB   sing N N 452 
VAL CG1 HG11 sing N N 453 
VAL CG1 HG12 sing N N 454 
VAL CG1 HG13 sing N N 455 
VAL CG2 HG21 sing N N 456 
VAL CG2 HG22 sing N N 457 
VAL CG2 HG23 sing N N 458 
VAL OXT HXT  sing N N 459 
# 
_pdbx_entity_instance_feature.ordinal        1 
_pdbx_entity_instance_feature.comp_id        N0M 
_pdbx_entity_instance_feature.asym_id        ? 
_pdbx_entity_instance_feature.seq_num        ? 
_pdbx_entity_instance_feature.auth_comp_id   N0M 
_pdbx_entity_instance_feature.auth_asym_id   ? 
_pdbx_entity_instance_feature.auth_seq_num   ? 
_pdbx_entity_instance_feature.feature_type   'SUBJECT OF INVESTIGATION' 
_pdbx_entity_instance_feature.details        ? 
# 
_atom_sites.entry_id                    6OQD 
_atom_sites.fract_transf_matrix[1][1]   -0.01599317 
_atom_sites.fract_transf_matrix[1][2]   -0.01322898 
_atom_sites.fract_transf_matrix[1][3]   0.00990791 
_atom_sites.fract_transf_matrix[2][1]   -0.00787356 
_atom_sites.fract_transf_matrix[2][2]   0.00734843 
_atom_sites.fract_transf_matrix[2][3]   -0.00289778 
_atom_sites.fract_transf_matrix[3][1]   -0.00158987 
_atom_sites.fract_transf_matrix[3][2]   -0.00573519 
_atom_sites.fract_transf_matrix[3][3]   -0.01022393 
_atom_sites.fract_transf_vector[1]      0.340315 
_atom_sites.fract_transf_vector[2]      -0.144176 
_atom_sites.fract_transf_vector[3]      0.109638 
# 
loop_
_atom_type.symbol 
C  
CL 
N  
O  
S  
# 
loop_
_atom_site.group_PDB 
_atom_site.id 
_atom_site.type_symbol 
_atom_site.label_atom_id 
_atom_site.label_alt_id 
_atom_site.label_comp_id 
_atom_site.label_asym_id 
_atom_site.label_entity_id 
_atom_site.label_seq_id 
_atom_site.pdbx_PDB_ins_code 
_atom_site.Cartn_x 
_atom_site.Cartn_y 
_atom_site.Cartn_z 
_atom_site.occupancy 
_atom_site.B_iso_or_equiv 
_atom_site.pdbx_formal_charge 
_atom_site.auth_seq_id 
_atom_site.auth_comp_id 
_atom_site.auth_asym_id 
_atom_site.auth_atom_id 
_atom_site.pdbx_PDB_model_num 
ATOM   1    N  N   . GLU A 1 1   ? 4.436   3.929   19.898  1.00 34.01 ? 171 GLU A N   1 
ATOM   2    C  CA  . GLU A 1 1   ? 3.237   4.081   20.775  1.00 33.71 ? 171 GLU A CA  1 
ATOM   3    C  C   . GLU A 1 1   ? 1.937   4.012   19.960  1.00 29.38 ? 171 GLU A C   1 
ATOM   4    O  O   . GLU A 1 1   ? 1.013   3.286   20.341  1.00 32.01 ? 171 GLU A O   1 
ATOM   5    C  CB  . GLU A 1 1   ? 3.338   5.376   21.585  1.00 36.39 ? 171 GLU A CB  1 
ATOM   6    C  CG  . GLU A 1 1   ? 2.154   5.662   22.504  1.00 38.58 ? 171 GLU A CG  1 
ATOM   7    C  CD  . GLU A 1 1   ? 1.234   6.743   21.964  1.00 41.06 ? 171 GLU A CD  1 
ATOM   8    O  OE1 . GLU A 1 1   ? 1.747   7.772   21.462  1.00 43.21 ? 171 GLU A OE1 1 
ATOM   9    O  OE2 . GLU A 1 1   ? -0.003  6.575   22.054  1.00 43.91 ? 171 GLU A OE2 1 
ATOM   10   N  N   . ASP A 1 2   ? 1.857   4.751   18.847  1.00 24.64 ? 172 ASP A N   1 
ATOM   11   C  CA  . ASP A 1 2   ? 0.798   4.499   17.852  1.00 21.34 ? 172 ASP A CA  1 
ATOM   12   C  C   . ASP A 1 2   ? 1.241   3.297   17.012  1.00 19.43 ? 172 ASP A C   1 
ATOM   13   O  O   . ASP A 1 2   ? 1.779   3.442   15.906  1.00 18.46 ? 172 ASP A O   1 
ATOM   14   C  CB  . ASP A 1 2   ? 0.519   5.726   16.974  1.00 19.29 ? 172 ASP A CB  1 
ATOM   15   C  CG  . ASP A 1 2   ? -0.681  5.530   16.027  1.00 17.75 ? 172 ASP A CG  1 
ATOM   16   O  OD1 . ASP A 1 2   ? -1.168  4.397   15.860  1.00 16.50 ? 172 ASP A OD1 1 
ATOM   17   O  OD2 . ASP A 1 2   ? -1.143  6.539   15.456  1.00 16.69 ? 172 ASP A OD2 1 
ATOM   18   N  N   . GLU A 1 3   ? 1.005   2.106   17.545  1.00 19.44 ? 173 GLU A N   1 
ATOM   19   C  CA  . GLU A 1 3   ? 1.520   0.891   16.926  1.00 19.64 ? 173 GLU A CA  1 
ATOM   20   C  C   . GLU A 1 3   ? 0.878   0.631   15.573  1.00 17.33 ? 173 GLU A C   1 
ATOM   21   O  O   . GLU A 1 3   ? 1.553   0.166   14.664  1.00 16.66 ? 173 GLU A O   1 
ATOM   22   C  CB  . GLU A 1 3   ? 1.361   -0.320  17.861  1.00 22.39 ? 173 GLU A CB  1 
ATOM   23   C  CG  . GLU A 1 3   ? 1.554   -1.696  17.220  1.00 25.51 ? 173 GLU A CG  1 
ATOM   24   C  CD  . GLU A 1 3   ? 2.991   -2.032  16.834  1.00 28.36 ? 173 GLU A CD  1 
ATOM   25   O  OE1 . GLU A 1 3   ? 3.399   -3.184  17.097  1.00 31.82 ? 173 GLU A OE1 1 
ATOM   26   O  OE2 . GLU A 1 3   ? 3.703   -1.181  16.252  1.00 30.83 ? 173 GLU A OE2 1 
ATOM   27   N  N   . LEU A 1 4   ? -0.409  0.933   15.427  1.00 15.29 ? 174 LEU A N   1 
ATOM   28   C  CA  . LEU A 1 4   ? -1.077  0.706   14.155  1.00 14.38 ? 174 LEU A CA  1 
ATOM   29   C  C   . LEU A 1 4   ? -0.441  1.567   13.073  1.00 13.93 ? 174 LEU A C   1 
ATOM   30   O  O   . LEU A 1 4   ? -0.207  1.084   11.968  1.00 13.39 ? 174 LEU A O   1 
ATOM   31   C  CB  . LEU A 1 4   ? -2.587  0.990   14.238  1.00 14.08 ? 174 LEU A CB  1 
ATOM   32   C  CG  . LEU A 1 4   ? -3.370  0.851   12.920  1.00 13.89 ? 174 LEU A CG  1 
ATOM   33   C  CD1 . LEU A 1 4   ? -3.261  -0.564  12.365  1.00 14.20 ? 174 LEU A CD1 1 
ATOM   34   C  CD2 . LEU A 1 4   ? -4.829  1.245   13.122  1.00 14.00 ? 174 LEU A CD2 1 
ATOM   35   N  N   . TYR A 1 5   ? -0.164  2.833   13.373  1.00 13.63 ? 175 TYR A N   1 
ATOM   36   C  CA  . TYR A 1 5   ? 0.458   3.695   12.375  1.00 13.65 ? 175 TYR A CA  1 
ATOM   37   C  C   . TYR A 1 5   ? 1.838   3.169   11.979  1.00 13.92 ? 175 TYR A C   1 
ATOM   38   O  O   . TYR A 1 5   ? 2.152   3.032   10.791  1.00 13.14 ? 175 TYR A O   1 
ATOM   39   C  CB  . TYR A 1 5   ? 0.591   5.146   12.849  1.00 13.94 ? 175 TYR A CB  1 
ATOM   40   C  CG  . TYR A 1 5   ? 1.095   6.031   11.735  1.00 14.95 ? 175 TYR A CG  1 
ATOM   41   C  CD1 . TYR A 1 5   ? 0.209   6.640   10.854  1.00 15.61 ? 175 TYR A CD1 1 
ATOM   42   C  CD2 . TYR A 1 5   ? 2.452   6.196   11.514  1.00 15.85 ? 175 TYR A CD2 1 
ATOM   43   C  CE1 . TYR A 1 5   ? 0.662   7.414   9.807   1.00 16.41 ? 175 TYR A CE1 1 
ATOM   44   C  CE2 . TYR A 1 5   ? 2.921   6.966   10.467  1.00 16.52 ? 175 TYR A CE2 1 
ATOM   45   C  CZ  . TYR A 1 5   ? 2.025   7.575   9.619   1.00 16.89 ? 175 TYR A CZ  1 
ATOM   46   O  OH  . TYR A 1 5   ? 2.488   8.345   8.581   1.00 19.54 ? 175 TYR A OH  1 
ATOM   47   N  N   . ARG A 1 6   ? 2.661   2.887   12.986  1.00 14.79 ? 176 ARG A N   1 
ATOM   48   C  CA  . ARG A 1 6   ? 4.033   2.422   12.757  1.00 15.93 ? 176 ARG A CA  1 
ATOM   49   C  C   . ARG A 1 6   ? 4.031   1.143   11.926  1.00 14.62 ? 176 ARG A C   1 
ATOM   50   O  O   . ARG A 1 6   ? 4.820   0.998   10.989  1.00 14.82 ? 176 ARG A O   1 
ATOM   51   C  CB  . ARG A 1 6   ? 4.727   2.178   14.099  1.00 17.89 ? 176 ARG A CB  1 
ATOM   52   C  CG  . ARG A 1 6   ? 6.216   1.861   14.023  1.00 20.45 ? 176 ARG A CG  1 
ATOM   53   C  CD  . ARG A 1 6   ? 6.647   0.955   15.168  1.00 22.86 ? 176 ARG A CD  1 
ATOM   54   N  NE  . ARG A 1 6   ? 5.974   -0.337  15.070  1.00 25.47 ? 176 ARG A NE  1 
ATOM   55   C  CZ  . ARG A 1 6   ? 6.278   -1.297  14.194  1.00 26.08 ? 176 ARG A CZ  1 
ATOM   56   N  NH1 . ARG A 1 6   ? 7.279   -1.149  13.323  1.00 27.12 ? 176 ARG A NH1 1 
ATOM   57   N  NH2 . ARG A 1 6   ? 5.577   -2.419  14.195  1.00 27.14 ? 176 ARG A NH2 1 
ATOM   58   N  N   . GLN A 1 7   ? 3.140   0.222   12.263  1.00 13.96 ? 177 GLN A N   1 
ATOM   59   C  CA  . GLN A 1 7   ? 3.088   -1.057  11.583  1.00 13.81 ? 177 GLN A CA  1 
ATOM   60   C  C   . GLN A 1 7   ? 2.621   -0.891  10.139  1.00 13.13 ? 177 GLN A C   1 
ATOM   61   O  O   . GLN A 1 7   ? 3.183   -1.496  9.209   1.00 13.87 ? 177 GLN A O   1 
ATOM   62   C  CB  . GLN A 1 7   ? 2.149   -2.007  12.313  1.00 14.14 ? 177 GLN A CB  1 
ATOM   63   C  CG  . GLN A 1 7   ? 2.073   -3.378  11.687  1.00 14.91 ? 177 GLN A CG  1 
ATOM   64   C  CD  . GLN A 1 7   ? 1.209   -4.328  12.470  1.00 14.99 ? 177 GLN A CD  1 
ATOM   65   O  OE1 . GLN A 1 7   ? 0.209   -3.928  13.065  1.00 15.80 ? 177 GLN A OE1 1 
ATOM   66   N  NE2 . GLN A 1 7   ? 1.580   -5.607  12.462  1.00 15.73 ? 177 GLN A NE2 1 
ATOM   67   N  N   . SER A 1 8   ? 1.592   -0.071  9.952   1.00 12.56 ? 178 SER A N   1 
ATOM   68   C  CA  . SER A 1 8   ? 1.081   0.251   8.614   1.00 12.08 ? 178 SER A CA  1 
ATOM   69   C  C   . SER A 1 8   ? 2.163   0.867   7.749   1.00 12.30 ? 178 SER A C   1 
ATOM   70   O  O   . SER A 1 8   ? 2.338   0.481   6.596   1.00 12.55 ? 178 SER A O   1 
ATOM   71   C  CB  . SER A 1 8   ? -0.115  1.211   8.698   1.00 11.96 ? 178 SER A CB  1 
ATOM   72   O  OG  . SER A 1 8   ? -1.171  0.629   9.461   1.00 11.68 ? 178 SER A OG  1 
ATOM   73   N  N   . LEU A 1 9   ? 2.900   1.820   8.306   1.00 12.68 ? 179 LEU A N   1 
ATOM   74   C  CA  . LEU A 1 9   ? 3.941   2.499   7.547   1.00 13.37 ? 179 LEU A CA  1 
ATOM   75   C  C   . LEU A 1 9   ? 5.027   1.519   7.130   1.00 13.62 ? 179 LEU A C   1 
ATOM   76   O  O   . LEU A 1 9   ? 5.518   1.567   5.995   1.00 13.99 ? 179 LEU A O   1 
ATOM   77   C  CB  . LEU A 1 9   ? 4.542   3.652   8.345   1.00 14.39 ? 179 LEU A CB  1 
ATOM   78   C  CG  . LEU A 1 9   ? 5.638   4.450   7.639   1.00 15.00 ? 179 LEU A CG  1 
ATOM   79   C  CD1 . LEU A 1 9   ? 5.116   5.128   6.378   1.00 16.24 ? 179 LEU A CD1 1 
ATOM   80   C  CD2 . LEU A 1 9   ? 6.231   5.480   8.594   1.00 15.51 ? 179 LEU A CD2 1 
ATOM   81   N  N   . GLU A 1 10  ? 5.413   0.631   8.037   1.00 13.80 ? 180 GLU A N   1 
ATOM   82   C  CA  . GLU A 1 10  ? 6.449   -0.331  7.715   1.00 14.78 ? 180 GLU A CA  1 
ATOM   83   C  C   . GLU A 1 10  ? 6.020   -1.268  6.579   1.00 14.15 ? 180 GLU A C   1 
ATOM   84   O  O   . GLU A 1 10  ? 6.780   -1.468  5.628   1.00 14.01 ? 180 GLU A O   1 
ATOM   85   C  CB  . GLU A 1 10  ? 6.922   -1.095  8.959   1.00 17.37 ? 180 GLU A CB  1 
ATOM   86   C  CG  . GLU A 1 10  ? 8.063   -2.062  8.670   1.00 19.51 ? 180 GLU A CG  1 
ATOM   87   C  CD  . GLU A 1 10  ? 8.914   -2.401  9.874   1.00 21.80 ? 180 GLU A CD  1 
ATOM   88   O  OE1 . GLU A 1 10  ? 8.343   -2.690  10.933  1.00 24.68 ? 180 GLU A OE1 1 
ATOM   89   O  OE2 . GLU A 1 10  ? 10.159  -2.407  9.744   1.00 24.87 ? 180 GLU A OE2 1 
ATOM   90   N  N   . ILE A 1 11  ? 4.798   -1.788  6.641   1.00 13.22 ? 181 ILE A N   1 
ATOM   91   C  CA  . ILE A 1 11  ? 4.305   -2.710  5.618   1.00 12.46 ? 181 ILE A CA  1 
ATOM   92   C  C   . ILE A 1 11  ? 4.184   -2.023  4.254   1.00 12.07 ? 181 ILE A C   1 
ATOM   93   O  O   . ILE A 1 11  ? 4.620   -2.553  3.232   1.00 12.17 ? 181 ILE A O   1 
ATOM   94   C  CB  . ILE A 1 11  ? 2.924   -3.286  6.034   1.00 12.55 ? 181 ILE A CB  1 
ATOM   95   C  CG1 . ILE A 1 11  ? 3.058   -4.216  7.249   1.00 12.81 ? 181 ILE A CG1 1 
ATOM   96   C  CG2 . ILE A 1 11  ? 2.249   -4.007  4.875   1.00 12.91 ? 181 ILE A CG2 1 
ATOM   97   C  CD1 . ILE A 1 11  ? 1.753   -4.432  7.990   1.00 13.13 ? 181 ILE A CD1 1 
ATOM   98   N  N   . ILE A 1 12  ? 3.569   -0.845  4.250   1.00 11.56 ? 182 ILE A N   1 
ATOM   99   C  CA  . ILE A 1 12  ? 3.326   -0.105  3.016   1.00 11.50 ? 182 ILE A CA  1 
ATOM   100  C  C   . ILE A 1 12  ? 4.634   0.375   2.393   1.00 12.17 ? 182 ILE A C   1 
ATOM   101  O  O   . ILE A 1 12  ? 4.834   0.242   1.180   1.00 11.56 ? 182 ILE A O   1 
ATOM   102  C  CB  . ILE A 1 12  ? 2.339   1.043   3.258   1.00 11.42 ? 182 ILE A CB  1 
ATOM   103  C  CG1 . ILE A 1 12  ? 0.961   0.444   3.534   1.00 11.18 ? 182 ILE A CG1 1 
ATOM   104  C  CG2 . ILE A 1 12  ? 2.256   1.967   2.045   1.00 10.95 ? 182 ILE A CG2 1 
ATOM   105  C  CD1 . ILE A 1 12  ? -0.060  1.424   4.091   1.00 11.55 ? 182 ILE A CD1 1 
ATOM   106  N  N   . SER A 1 13  ? 5.535   0.881   3.220   1.00 12.81 ? 183 SER A N   1 
ATOM   107  C  CA  . SER A 1 13  ? 6.831   1.343   2.731   1.00 13.89 ? 183 SER A CA  1 
ATOM   108  C  C   . SER A 1 13  ? 7.633   0.196   2.156   1.00 13.27 ? 183 SER A C   1 
ATOM   109  O  O   . SER A 1 13  ? 8.225   0.341   1.082   1.00 13.26 ? 183 SER A O   1 
ATOM   110  C  CB  . SER A 1 13  ? 7.635   2.005   3.845   1.00 14.87 ? 183 SER A CB  1 
ATOM   111  O  OG  . SER A 1 13  ? 8.954   2.239   3.397   1.00 18.90 ? 183 SER A OG  1 
ATOM   112  N  N   . ARG A 1 14  ? 7.628   -0.952  2.823   1.00 13.93 ? 184 ARG A N   1 
ATOM   113  C  CA  . ARG A 1 14  ? 8.364   -2.109  2.304   1.00 14.50 ? 184 ARG A CA  1 
ATOM   114  C  C   . ARG A 1 14  ? 7.811   -2.584  0.971   1.00 14.26 ? 184 ARG A C   1 
ATOM   115  O  O   . ARG A 1 14  ? 8.575   -2.843  0.041   1.00 14.39 ? 184 ARG A O   1 
ATOM   116  C  CB  . ARG A 1 14  ? 8.382   -3.251  3.310   1.00 15.68 ? 184 ARG A CB  1 
ATOM   117  C  CG  . ARG A 1 14  ? 9.315   -2.944  4.461   1.00 17.29 ? 184 ARG A CG  1 
ATOM   118  C  CD  . ARG A 1 14  ? 9.754   -4.191  5.175   1.00 18.67 ? 184 ARG A CD  1 
ATOM   119  N  NE  . ARG A 1 14  ? 10.581  -3.807  6.303   1.00 19.12 ? 184 ARG A NE  1 
ATOM   120  C  CZ  . ARG A 1 14  ? 11.640  -4.479  6.744   1.00 19.27 ? 184 ARG A CZ  1 
ATOM   121  N  NH1 . ARG A 1 14  ? 12.043  -5.596  6.159   1.00 18.92 ? 184 ARG A NH1 1 
ATOM   122  N  NH2 . ARG A 1 14  ? 12.313  -4.004  7.786   1.00 19.92 ? 184 ARG A NH2 1 
ATOM   123  N  N   . TYR A 1 15  ? 6.491   -2.666  0.848   1.00 13.91 ? 185 TYR A N   1 
ATOM   124  C  CA  . TYR A 1 15  ? 5.902   -3.123  -0.399  1.00 13.97 ? 185 TYR A CA  1 
ATOM   125  C  C   . TYR A 1 15  ? 6.237   -2.165  -1.543  1.00 13.90 ? 185 TYR A C   1 
ATOM   126  O  O   . TYR A 1 15  ? 6.634   -2.609  -2.619  1.00 13.93 ? 185 TYR A O   1 
ATOM   127  C  CB  . TYR A 1 15  ? 4.387   -3.290  -0.266  1.00 13.89 ? 185 TYR A CB  1 
ATOM   128  C  CG  . TYR A 1 15  ? 3.715   -3.828  -1.514  1.00 13.78 ? 185 TYR A CG  1 
ATOM   129  C  CD1 . TYR A 1 15  ? 4.145   -5.011  -2.110  1.00 14.28 ? 185 TYR A CD1 1 
ATOM   130  C  CD2 . TYR A 1 15  ? 2.647   -3.156  -2.094  1.00 13.97 ? 185 TYR A CD2 1 
ATOM   131  C  CE1 . TYR A 1 15  ? 3.534   -5.507  -3.246  1.00 14.09 ? 185 TYR A CE1 1 
ATOM   132  C  CE2 . TYR A 1 15  ? 2.026   -3.645  -3.231  1.00 13.54 ? 185 TYR A CE2 1 
ATOM   133  C  CZ  . TYR A 1 15  ? 2.468   -4.820  -3.798  1.00 13.78 ? 185 TYR A CZ  1 
ATOM   134  O  OH  . TYR A 1 15  ? 1.856   -5.303  -4.927  1.00 14.72 ? 185 TYR A OH  1 
ATOM   135  N  N   . LEU A 1 16  ? 6.075   -0.862  -1.316  1.00 13.78 ? 186 LEU A N   1 
ATOM   136  C  CA  . LEU A 1 16  ? 6.373   0.136   -2.351  1.00 14.25 ? 186 LEU A CA  1 
ATOM   137  C  C   . LEU A 1 16  ? 7.839   0.096   -2.773  1.00 14.89 ? 186 LEU A C   1 
ATOM   138  O  O   . LEU A 1 16  ? 8.138   0.125   -3.960  1.00 15.49 ? 186 LEU A O   1 
ATOM   139  C  CB  . LEU A 1 16  ? 5.972   1.544   -1.918  1.00 13.89 ? 186 LEU A CB  1 
ATOM   140  C  CG  . LEU A 1 16  ? 4.558   1.954   -2.358  1.00 13.95 ? 186 LEU A CG  1 
ATOM   141  C  CD1 . LEU A 1 16  ? 3.481   0.994   -1.870  1.00 14.02 ? 186 LEU A CD1 1 
ATOM   142  C  CD2 . LEU A 1 16  ? 4.256   3.376   -1.917  1.00 14.49 ? 186 LEU A CD2 1 
ATOM   143  N  N   . ARG A 1 17  ? 8.749   0.039   -1.810  1.00 16.10 ? 187 ARG A N   1 
ATOM   144  C  CA  . ARG A 1 17  ? 10.177  -0.072  -2.137  1.00 18.00 ? 187 ARG A CA  1 
ATOM   145  C  C   . ARG A 1 17  ? 10.541  -1.364  -2.869  1.00 18.36 ? 187 ARG A C   1 
ATOM   146  O  O   . ARG A 1 17  ? 11.366  -1.364  -3.782  1.00 19.13 ? 187 ARG A O   1 
ATOM   147  C  CB  . ARG A 1 17  ? 11.020  0.028   -0.865  1.00 19.45 ? 187 ARG A CB  1 
ATOM   148  C  CG  . ARG A 1 17  ? 11.020  1.406   -0.241  1.00 21.52 ? 187 ARG A CG  1 
ATOM   149  C  CD  . ARG A 1 17  ? 12.029  1.509   0.894   1.00 23.96 ? 187 ARG A CD  1 
ATOM   150  N  NE  . ARG A 1 17  ? 11.439  1.279   2.213   1.00 26.63 ? 187 ARG A NE  1 
ATOM   151  C  CZ  . ARG A 1 17  ? 11.566  0.177   2.957   1.00 27.98 ? 187 ARG A CZ  1 
ATOM   152  N  NH1 . ARG A 1 17  ? 12.286  -0.882  2.554   1.00 28.23 ? 187 ARG A NH1 1 
ATOM   153  N  NH2 . ARG A 1 17  ? 10.961  0.139   4.141   1.00 28.95 ? 187 ARG A NH2 1 
ATOM   154  N  N   . GLU A 1 18  ? 9.953   -2.471  -2.445  1.00 19.74 ? 188 GLU A N   1 
ATOM   155  C  CA  . GLU A 1 18  ? 10.194  -3.778  -3.045  1.00 21.16 ? 188 GLU A CA  1 
ATOM   156  C  C   . GLU A 1 18  ? 9.683   -3.802  -4.484  1.00 20.99 ? 188 GLU A C   1 
ATOM   157  O  O   . GLU A 1 18  ? 10.343  -4.325  -5.393  1.00 20.57 ? 188 GLU A O   1 
ATOM   158  C  CB  . GLU A 1 18  ? 9.463   -4.792  -2.182  1.00 23.23 ? 188 GLU A CB  1 
ATOM   159  C  CG  . GLU A 1 18  ? 9.595   -6.249  -2.485  1.00 24.81 ? 188 GLU A CG  1 
ATOM   160  C  CD  . GLU A 1 18  ? 8.790   -7.008  -1.458  1.00 25.04 ? 188 GLU A CD  1 
ATOM   161  O  OE1 . GLU A 1 18  ? 9.243   -7.081  -0.304  1.00 23.43 ? 188 GLU A OE1 1 
ATOM   162  O  OE2 . GLU A 1 18  ? 7.684   -7.475  -1.784  1.00 25.35 ? 188 GLU A OE2 1 
ATOM   163  N  N   . GLN A 1 19  ? 8.505   -3.224  -4.687  1.00 20.48 ? 189 GLN A N   1 
ATOM   164  C  CA  . GLN A 1 19  ? 7.919   -3.108  -6.017  1.00 20.35 ? 189 GLN A CA  1 
ATOM   165  C  C   . GLN A 1 19  ? 8.786   -2.251  -6.932  1.00 20.77 ? 189 GLN A C   1 
ATOM   166  O  O   . GLN A 1 19  ? 8.993   -2.594  -8.093  1.00 21.64 ? 189 GLN A O   1 
ATOM   167  C  CB  . GLN A 1 19  ? 6.498   -2.533  -5.908  1.00 19.99 ? 189 GLN A CB  1 
ATOM   168  C  CG  . GLN A 1 19  ? 5.515   -3.528  -5.316  1.00 19.83 ? 189 GLN A CG  1 
ATOM   169  C  CD  . GLN A 1 19  ? 4.999   -4.498  -6.354  1.00 19.83 ? 189 GLN A CD  1 
ATOM   170  O  OE1 . GLN A 1 19  ? 4.402   -4.086  -7.358  1.00 20.99 ? 189 GLN A OE1 1 
ATOM   171  N  NE2 . GLN A 1 19  ? 5.236   -5.785  -6.135  1.00 19.82 ? 189 GLN A NE2 1 
ATOM   172  N  N   . ALA A 1 20  ? 9.314   -1.161  -6.385  1.00 21.15 ? 190 ALA A N   1 
ATOM   173  C  CA  . ALA A 1 20  ? 10.164  -0.233  -7.134  1.00 22.75 ? 190 ALA A CA  1 
ATOM   174  C  C   . ALA A 1 20  ? 11.530  -0.826  -7.471  1.00 24.18 ? 190 ALA A C   1 
ATOM   175  O  O   . ALA A 1 20  ? 11.975  -0.732  -8.615  1.00 26.37 ? 190 ALA A O   1 
ATOM   176  C  CB  . ALA A 1 20  ? 10.337  1.067   -6.364  1.00 23.08 ? 190 ALA A CB  1 
ATOM   177  N  N   . THR A 1 21  ? 12.185  -1.440  -6.488  1.00 24.57 ? 191 THR A N   1 
ATOM   178  C  CA  . THR A 1 21  ? 13.572  -1.894  -6.647  1.00 24.52 ? 191 THR A CA  1 
ATOM   179  C  C   . THR A 1 21  ? 13.718  -3.326  -7.159  1.00 24.33 ? 191 THR A C   1 
ATOM   180  O  O   . THR A 1 21  ? 14.755  -3.673  -7.735  1.00 25.19 ? 191 THR A O   1 
ATOM   181  C  CB  . THR A 1 21  ? 14.345  -1.815  -5.317  1.00 24.74 ? 191 THR A CB  1 
ATOM   182  O  OG1 . THR A 1 21  ? 13.814  -2.766  -4.380  1.00 25.51 ? 191 THR A OG1 1 
ATOM   183  C  CG2 . THR A 1 21  ? 14.277  -0.411  -4.739  1.00 25.04 ? 191 THR A CG2 1 
ATOM   184  N  N   . GLY A 1 22  ? 12.711  -4.161  -6.924  1.00 23.58 ? 192 GLY A N   1 
ATOM   185  C  CA  . GLY A 1 22  ? 12.778  -5.586  -7.268  1.00 23.35 ? 192 GLY A CA  1 
ATOM   186  C  C   . GLY A 1 22  ? 13.570  -6.456  -6.303  1.00 23.53 ? 192 GLY A C   1 
ATOM   187  O  O   . GLY A 1 22  ? 13.844  -7.618  -6.599  1.00 23.55 ? 192 GLY A O   1 
ATOM   188  N  N   . ALA A 1 23  ? 13.926  -5.913  -5.140  1.00 23.65 ? 193 ALA A N   1 
ATOM   189  C  CA  . ALA A 1 23  ? 14.676  -6.659  -4.134  1.00 23.85 ? 193 ALA A CA  1 
ATOM   190  C  C   . ALA A 1 23  ? 13.963  -6.626  -2.789  1.00 23.80 ? 193 ALA A C   1 
ATOM   191  O  O   . ALA A 1 23  ? 13.352  -5.623  -2.439  1.00 24.53 ? 193 ALA A O   1 
ATOM   192  C  CB  . ALA A 1 23  ? 16.072  -6.076  -3.991  1.00 24.30 ? 193 ALA A CB  1 
ATOM   193  N  N   . LYS A 1 24  ? 14.047  -7.730  -2.052  1.00 24.65 ? 194 LYS A N   1 
ATOM   194  C  CA  . LYS A 1 24  ? 13.548  -7.790  -0.679  1.00 25.20 ? 194 LYS A CA  1 
ATOM   195  C  C   . LYS A 1 24  ? 14.467  -7.014  0.264   1.00 24.11 ? 194 LYS A C   1 
ATOM   196  O  O   . LYS A 1 24  ? 15.686  -7.027  0.107   1.00 24.80 ? 194 LYS A O   1 
ATOM   197  C  CB  . LYS A 1 24  ? 13.463  -9.240  -0.188  1.00 27.37 ? 194 LYS A CB  1 
ATOM   198  C  CG  . LYS A 1 24  ? 12.089  -9.874  -0.296  1.00 30.11 ? 194 LYS A CG  1 
ATOM   199  C  CD  . LYS A 1 24  ? 12.048  -11.236 0.385   1.00 32.19 ? 194 LYS A CD  1 
ATOM   200  C  CE  . LYS A 1 24  ? 12.192  -11.127 1.897   1.00 33.74 ? 194 LYS A CE  1 
ATOM   201  N  NZ  . LYS A 1 24  ? 11.777  -12.375 2.595   1.00 35.93 ? 194 LYS A NZ  1 
ATOM   202  N  N   . ASP A 1 25  ? 13.869  -6.339  1.238   1.00 22.52 ? 195 ASP A N   1 
ATOM   203  C  CA  . ASP A 1 25  ? 14.614  -5.725  2.341   1.00 21.68 ? 195 ASP A CA  1 
ATOM   204  C  C   . ASP A 1 25  ? 14.820  -6.798  3.389   1.00 21.35 ? 195 ASP A C   1 
ATOM   205  O  O   . ASP A 1 25  ? 13.861  -7.364  3.904   1.00 20.63 ? 195 ASP A O   1 
ATOM   206  C  CB  . ASP A 1 25  ? 13.806  -4.560  2.913   1.00 21.31 ? 195 ASP A CB  1 
ATOM   207  C  CG  . ASP A 1 25  ? 14.571  -3.734  3.926   1.00 21.95 ? 195 ASP A CG  1 
ATOM   208  O  OD1 . ASP A 1 25  ? 15.591  -4.201  4.477   1.00 21.60 ? 195 ASP A OD1 1 
ATOM   209  O  OD2 . ASP A 1 25  ? 14.107  -2.613  4.199   1.00 22.44 ? 195 ASP A OD2 1 
ATOM   210  N  N   . THR A 1 26  ? 16.079  -7.087  3.700   1.00 21.76 ? 196 THR A N   1 
ATOM   211  C  CA  . THR A 1 26  ? 16.404  -8.180  4.610   1.00 23.09 ? 196 THR A CA  1 
ATOM   212  C  C   . THR A 1 26  ? 16.507  -7.721  6.069   1.00 21.67 ? 196 THR A C   1 
ATOM   213  O  O   . THR A 1 26  ? 16.795  -8.527  6.954   1.00 22.64 ? 196 THR A O   1 
ATOM   214  C  CB  . THR A 1 26  ? 17.715  -8.867  4.189   1.00 24.91 ? 196 THR A CB  1 
ATOM   215  O  OG1 . THR A 1 26  ? 18.725  -7.876  3.995   1.00 26.86 ? 196 THR A OG1 1 
ATOM   216  C  CG2 . THR A 1 26  ? 17.505  -9.633  2.883   1.00 25.24 ? 196 THR A CG2 1 
ATOM   217  N  N   . LYS A 1 27  ? 16.252  -6.442  6.329   1.00 20.33 ? 197 LYS A N   1 
ATOM   218  C  CA  . LYS A 1 27  ? 16.220  -5.946  7.704   1.00 20.16 ? 197 LYS A CA  1 
ATOM   219  C  C   . LYS A 1 27  ? 15.026  -6.527  8.443   1.00 19.14 ? 197 LYS A C   1 
ATOM   220  O  O   . LYS A 1 27  ? 13.967  -6.740  7.850   1.00 17.94 ? 197 LYS A O   1 
ATOM   221  C  CB  . LYS A 1 27  ? 16.143  -4.419  7.748   1.00 21.41 ? 197 LYS A CB  1 
ATOM   222  C  CG  . LYS A 1 27  ? 17.427  -3.720  7.324   1.00 23.10 ? 197 LYS A CG  1 
ATOM   223  C  CD  . LYS A 1 27  ? 17.328  -2.201  7.455   1.00 24.94 ? 197 LYS A CD  1 
ATOM   224  C  CE  . LYS A 1 27  ? 16.401  -1.575  6.421   1.00 26.22 ? 197 LYS A CE  1 
ATOM   225  N  NZ  . LYS A 1 27  ? 16.961  -1.620  5.039   1.00 27.27 ? 197 LYS A NZ  1 
ATOM   226  N  N   . PRO A 1 28  ? 15.183  -6.791  9.740   1.00 18.28 ? 198 PRO A N   1 
ATOM   227  C  CA  . PRO A 1 28  ? 14.043  -7.241  10.526  1.00 18.63 ? 198 PRO A CA  1 
ATOM   228  C  C   . PRO A 1 28  ? 12.931  -6.209  10.571  1.00 19.35 ? 198 PRO A C   1 
ATOM   229  O  O   . PRO A 1 28  ? 13.178  -5.010  10.468  1.00 17.44 ? 198 PRO A O   1 
ATOM   230  C  CB  . PRO A 1 28  ? 14.629  -7.426  11.933  1.00 18.97 ? 198 PRO A CB  1 
ATOM   231  C  CG  . PRO A 1 28  ? 16.082  -7.597  11.721  1.00 19.21 ? 198 PRO A CG  1 
ATOM   232  C  CD  . PRO A 1 28  ? 16.419  -6.750  10.548  1.00 18.86 ? 198 PRO A CD  1 
ATOM   233  N  N   . MET A 1 29  ? 11.705  -6.690  10.721  1.00 20.92 ? 199 MET A N   1 
ATOM   234  C  CA  . MET A 1 29  ? 10.581  -5.828  11.030  1.00 22.77 ? 199 MET A CA  1 
ATOM   235  C  C   . MET A 1 29  ? 10.735  -5.283  12.445  1.00 25.08 ? 199 MET A C   1 
ATOM   236  O  O   . MET A 1 29  ? 11.534  -5.794  13.239  1.00 25.90 ? 199 MET A O   1 
ATOM   237  C  CB  . MET A 1 29  ? 9.280   -6.624  10.940  1.00 23.37 ? 199 MET A CB  1 
ATOM   238  C  CG  . MET A 1 29  ? 8.965   -7.120  9.547   1.00 24.44 ? 199 MET A CG  1 
ATOM   239  S  SD  . MET A 1 29  ? 8.482   -5.763  8.476   1.00 26.20 ? 199 MET A SD  1 
ATOM   240  C  CE  . MET A 1 29  ? 7.827   -6.695  7.091   1.00 25.48 ? 199 MET A CE  1 
ATOM   241  N  N   . GLY A 1 30  ? 9.968   -4.249  12.753  1.00 27.22 ? 200 GLY A N   1 
ATOM   242  C  CA  . GLY A 1 30  ? 9.894   -3.722  14.115  1.00 28.83 ? 200 GLY A CA  1 
ATOM   243  C  C   . GLY A 1 30  ? 9.027   -4.609  14.993  1.00 30.12 ? 200 GLY A C   1 
ATOM   244  O  O   . GLY A 1 30  ? 9.076   -5.844  14.908  1.00 31.04 ? 200 GLY A O   1 
ATOM   245  N  N   . ARG A 1 31  ? 8.221   -3.986  15.843  1.00 32.57 ? 201 ARG A N   1 
ATOM   246  C  CA  . ARG A 1 31  ? 7.267   -4.726  16.660  1.00 33.15 ? 201 ARG A CA  1 
ATOM   247  C  C   . ARG A 1 31  ? 6.245   -5.443  15.783  1.00 31.17 ? 201 ARG A C   1 
ATOM   248  O  O   . ARG A 1 31  ? 6.022   -5.062  14.631  1.00 32.85 ? 201 ARG A O   1 
ATOM   249  C  CB  . ARG A 1 31  ? 6.563   -3.799  17.657  1.00 36.18 ? 201 ARG A CB  1 
ATOM   250  C  CG  . ARG A 1 31  ? 7.330   -3.638  18.956  1.00 38.37 ? 201 ARG A CG  1 
ATOM   251  C  CD  . ARG A 1 31  ? 7.016   -2.327  19.662  1.00 40.61 ? 201 ARG A CD  1 
ATOM   252  N  NE  . ARG A 1 31  ? 7.603   -1.163  18.995  1.00 42.41 ? 201 ARG A NE  1 
ATOM   253  C  CZ  . ARG A 1 31  ? 8.902   -0.861  18.970  1.00 43.52 ? 201 ARG A CZ  1 
ATOM   254  N  NH1 . ARG A 1 31  ? 9.804   -1.641  19.561  1.00 43.98 ? 201 ARG A NH1 1 
ATOM   255  N  NH2 . ARG A 1 31  ? 9.311   0.231   18.332  1.00 45.02 ? 201 ARG A NH2 1 
ATOM   256  N  N   . SER A 1 32  ? 5.657   -6.497  16.333  1.00 29.22 ? 202 SER A N   1 
ATOM   257  C  CA  . SER A 1 32  ? 4.656   -7.299  15.632  1.00 27.36 ? 202 SER A CA  1 
ATOM   258  C  C   . SER A 1 32  ? 5.195   -7.804  14.294  1.00 25.09 ? 202 SER A C   1 
ATOM   259  O  O   . SER A 1 32  ? 4.478   -7.834  13.295  1.00 22.86 ? 202 SER A O   1 
ATOM   260  C  CB  . SER A 1 32  ? 3.378   -6.486  15.418  1.00 27.88 ? 202 SER A CB  1 
ATOM   261  O  OG  . SER A 1 32  ? 2.984   -5.833  16.611  1.00 29.95 ? 202 SER A OG  1 
ATOM   262  N  N   . GLY A 1 33  ? 6.457   -8.218  14.293  1.00 23.56 ? 203 GLY A N   1 
ATOM   263  C  CA  . GLY A 1 33  ? 7.144   -8.618  13.080  1.00 22.83 ? 203 GLY A CA  1 
ATOM   264  C  C   . GLY A 1 33  ? 6.532   -9.804  12.362  1.00 22.01 ? 203 GLY A C   1 
ATOM   265  O  O   . GLY A 1 33  ? 6.529   -9.841  11.136  1.00 21.43 ? 203 GLY A O   1 
ATOM   266  N  N   . ALA A 1 34  ? 6.032   -10.782 13.111  1.00 21.34 ? 204 ALA A N   1 
ATOM   267  C  CA  . ALA A 1 34  ? 5.427   -11.964 12.499  1.00 20.67 ? 204 ALA A CA  1 
ATOM   268  C  C   . ALA A 1 34  ? 4.216   -11.569 11.656  1.00 20.41 ? 204 ALA A C   1 
ATOM   269  O  O   . ALA A 1 34  ? 4.065   -12.011 10.516  1.00 19.76 ? 204 ALA A O   1 
ATOM   270  C  CB  . ALA A 1 34  ? 5.039   -12.996 13.554  1.00 21.23 ? 204 ALA A CB  1 
ATOM   271  N  N   . THR A 1 35  ? 3.345   -10.747 12.225  1.00 19.98 ? 205 THR A N   1 
ATOM   272  C  CA  . THR A 1 35  ? 2.170   -10.278 11.479  1.00 19.81 ? 205 THR A CA  1 
ATOM   273  C  C   . THR A 1 35  ? 2.564   -9.371  10.329  1.00 18.70 ? 205 THR A C   1 
ATOM   274  O  O   . THR A 1 35  ? 2.018   -9.494  9.239   1.00 17.68 ? 205 THR A O   1 
ATOM   275  C  CB  . THR A 1 35  ? 1.163   -9.540  12.376  1.00 21.50 ? 205 THR A CB  1 
ATOM   276  O  OG1 . THR A 1 35  ? 1.758   -8.364  12.938  1.00 26.21 ? 205 THR A OG1 1 
ATOM   277  C  CG2 . THR A 1 35  ? 0.691   -10.459 13.465  1.00 21.02 ? 205 THR A CG2 1 
ATOM   278  N  N   . SER A 1 36  ? 3.514   -8.474  10.561  1.00 17.57 ? 206 SER A N   1 
ATOM   279  C  CA  . SER A 1 36  ? 3.971   -7.574  9.495   1.00 17.25 ? 206 SER A CA  1 
ATOM   280  C  C   . SER A 1 36  ? 4.558   -8.364  8.330   1.00 17.59 ? 206 SER A C   1 
ATOM   281  O  O   . SER A 1 36  ? 4.301   -8.048  7.178   1.00 15.73 ? 206 SER A O   1 
ATOM   282  C  CB  . SER A 1 36  ? 4.973   -6.553  10.029  1.00 17.50 ? 206 SER A CB  1 
ATOM   283  O  OG  . SER A 1 36  ? 4.355   -5.728  11.002  1.00 18.07 ? 206 SER A OG  1 
ATOM   284  N  N   . ARG A 1 37  ? 5.348   -9.396  8.624   1.00 18.01 ? 207 ARG A N   1 
ATOM   285  C  CA  . ARG A 1 37  ? 5.890   -10.255 7.578   1.00 19.19 ? 207 ARG A CA  1 
ATOM   286  C  C   . ARG A 1 37  ? 4.784   -10.909 6.769   1.00 18.88 ? 207 ARG A C   1 
ATOM   287  O  O   . ARG A 1 37  ? 4.848   -10.950 5.538   1.00 18.80 ? 207 ARG A O   1 
ATOM   288  C  CB  . ARG A 1 37  ? 6.796   -11.350 8.179   1.00 20.68 ? 207 ARG A CB  1 
ATOM   289  C  CG  . ARG A 1 37  ? 8.167   -10.866 8.629   1.00 22.43 ? 207 ARG A CG  1 
ATOM   290  C  CD  . ARG A 1 37  ? 9.101   -12.024 8.985   1.00 23.91 ? 207 ARG A CD  1 
ATOM   291  N  NE  . ARG A 1 37  ? 8.738   -12.733 10.215  1.00 25.49 ? 207 ARG A NE  1 
ATOM   292  C  CZ  . ARG A 1 37  ? 9.017   -12.328 11.457  1.00 26.47 ? 207 ARG A CZ  1 
ATOM   293  N  NH1 . ARG A 1 37  ? 9.654   -11.181 11.683  1.00 27.30 ? 207 ARG A NH1 1 
ATOM   294  N  NH2 . ARG A 1 37  ? 8.637   -13.070 12.490  1.00 27.61 ? 207 ARG A NH2 1 
ATOM   295  N  N   . LYS A 1 38  ? 3.780   -11.433 7.461   1.00 18.28 ? 208 LYS A N   1 
ATOM   296  C  CA  . LYS A 1 38  ? 2.675   -12.112 6.807   1.00 18.08 ? 208 LYS A CA  1 
ATOM   297  C  C   . LYS A 1 38  ? 1.842   -11.110 6.015   1.00 16.76 ? 208 LYS A C   1 
ATOM   298  O  O   . LYS A 1 38  ? 1.383   -11.419 4.925   1.00 16.45 ? 208 LYS A O   1 
ATOM   299  C  CB  . LYS A 1 38  ? 1.804   -12.855 7.821   1.00 19.80 ? 208 LYS A CB  1 
ATOM   300  C  CG  . LYS A 1 38  ? 2.433   -14.126 8.374   1.00 21.65 ? 208 LYS A CG  1 
ATOM   301  C  CD  . LYS A 1 38  ? 1.518   -14.780 9.395   1.00 23.57 ? 208 LYS A CD  1 
ATOM   302  C  CE  . LYS A 1 38  ? 1.968   -16.191 9.761   1.00 25.00 ? 208 LYS A CE  1 
ATOM   303  N  NZ  . LYS A 1 38  ? 1.316   -17.224 8.906   1.00 27.60 ? 208 LYS A NZ  1 
ATOM   304  N  N   . ALA A 1 39  ? 1.661   -9.912  6.559   1.00 15.68 ? 209 ALA A N   1 
ATOM   305  C  CA  . ALA A 1 39  ? 0.927   -8.855  5.834   1.00 15.23 ? 209 ALA A CA  1 
ATOM   306  C  C   . ALA A 1 39  ? 1.646   -8.459  4.547   1.00 15.17 ? 209 ALA A C   1 
ATOM   307  O  O   . ALA A 1 39  ? 1.021   -8.305  3.502   1.00 14.41 ? 209 ALA A O   1 
ATOM   308  C  CB  . ALA A 1 39  ? 0.700   -7.639  6.724   1.00 15.28 ? 209 ALA A CB  1 
ATOM   309  N  N   . LEU A 1 40  ? 2.958   -8.298  4.615   1.00 15.14 ? 210 LEU A N   1 
ATOM   310  C  CA  . LEU A 1 40  ? 3.750   -8.002  3.419   1.00 15.20 ? 210 LEU A CA  1 
ATOM   311  C  C   . LEU A 1 40  ? 3.660   -9.134  2.403   1.00 16.27 ? 210 LEU A C   1 
ATOM   312  O  O   . LEU A 1 40  ? 3.503   -8.884  1.209   1.00 15.00 ? 210 LEU A O   1 
ATOM   313  C  CB  . LEU A 1 40  ? 5.213   -7.714  3.787   1.00 15.76 ? 210 LEU A CB  1 
ATOM   314  C  CG  . LEU A 1 40  ? 6.142   -7.368  2.634   1.00 15.94 ? 210 LEU A CG  1 
ATOM   315  C  CD1 . LEU A 1 40  ? 5.635   -6.172  1.829   1.00 16.80 ? 210 LEU A CD1 1 
ATOM   316  C  CD2 . LEU A 1 40  ? 7.524   -7.087  3.196   1.00 16.33 ? 210 LEU A CD2 1 
ATOM   317  N  N   . GLU A 1 41  ? 3.747   -10.381 2.868   1.00 16.90 ? 211 GLU A N   1 
ATOM   318  C  CA  . GLU A 1 41  ? 3.615   -11.543 1.983   1.00 18.27 ? 211 GLU A CA  1 
ATOM   319  C  C   . GLU A 1 41  ? 2.251   -11.590 1.303   1.00 17.61 ? 211 GLU A C   1 
ATOM   320  O  O   . GLU A 1 41  ? 2.151   -11.894 0.104   1.00 17.56 ? 211 GLU A O   1 
ATOM   321  C  CB  . GLU A 1 41  ? 3.890   -12.839 2.749   1.00 20.87 ? 211 GLU A CB  1 
ATOM   322  C  CG  . GLU A 1 41  ? 5.359   -12.991 3.121   1.00 23.46 ? 211 GLU A CG  1 
ATOM   323  C  CD  . GLU A 1 41  ? 5.640   -14.083 4.139   1.00 26.46 ? 211 GLU A CD  1 
ATOM   324  O  OE1 . GLU A 1 41  ? 4.687   -14.710 4.650   1.00 28.81 ? 211 GLU A OE1 1 
ATOM   325  O  OE2 . GLU A 1 41  ? 6.836   -14.309 4.423   1.00 29.48 ? 211 GLU A OE2 1 
ATOM   326  N  N   . THR A 1 42  ? 1.207   -11.262 2.060   1.00 16.47 ? 212 THR A N   1 
ATOM   327  C  CA  . THR A 1 42  ? -0.160  -11.188 1.531   1.00 16.40 ? 212 THR A CA  1 
ATOM   328  C  C   . THR A 1 42  ? -0.300  -10.076 0.500   1.00 16.67 ? 212 THR A C   1 
ATOM   329  O  O   . THR A 1 42  ? -0.853  -10.272 -0.586  1.00 16.13 ? 212 THR A O   1 
ATOM   330  C  CB  . THR A 1 42  ? -1.158  -10.936 2.673   1.00 15.88 ? 212 THR A CB  1 
ATOM   331  O  OG1 . THR A 1 42  ? -1.097  -12.019 3.602   1.00 16.74 ? 212 THR A OG1 1 
ATOM   332  C  CG2 . THR A 1 42  ? -2.578  -10.786 2.143   1.00 15.71 ? 212 THR A CG2 1 
ATOM   333  N  N   . LEU A 1 43  ? 0.221   -8.907  0.847   1.00 17.18 ? 213 LEU A N   1 
ATOM   334  C  CA  . LEU A 1 43  ? 0.139   -7.743  -0.010  1.00 18.54 ? 213 LEU A CA  1 
ATOM   335  C  C   . LEU A 1 43  ? 0.851   -8.017  -1.334  1.00 19.95 ? 213 LEU A C   1 
ATOM   336  O  O   . LEU A 1 43  ? 0.371   -7.595  -2.397  1.00 21.38 ? 213 LEU A O   1 
ATOM   337  C  CB  . LEU A 1 43  ? 0.739   -6.547  0.727   1.00 18.69 ? 213 LEU A CB  1 
ATOM   338  C  CG  . LEU A 1 43  ? 0.469   -5.133  0.267   1.00 18.86 ? 213 LEU A CG  1 
ATOM   339  C  CD1 . LEU A 1 43  ? -1.007  -4.893  -0.007  1.00 17.22 ? 213 LEU A CD1 1 
ATOM   340  C  CD2 . LEU A 1 43  ? 1.017   -4.203  1.336   1.00 18.17 ? 213 LEU A CD2 1 
ATOM   341  N  N   . ARG A 1 44  ? 1.980   -8.735  -1.292  1.00 20.93 ? 214 ARG A N   1 
ATOM   342  C  CA  . ARG A 1 44  ? 2.660   -9.187  -2.509  1.00 23.31 ? 214 ARG A CA  1 
ATOM   343  C  C   . ARG A 1 44  ? 1.721   -10.013 -3.360  1.00 22.87 ? 214 ARG A C   1 
ATOM   344  O  O   . ARG A 1 44  ? 1.431   -9.661  -4.508  1.00 24.31 ? 214 ARG A O   1 
ATOM   345  C  CB  . ARG A 1 44  ? 3.867   -10.068 -2.195  1.00 24.69 ? 214 ARG A CB  1 
ATOM   346  C  CG  . ARG A 1 44  ? 5.107   -9.339  -1.739  1.00 26.29 ? 214 ARG A CG  1 
ATOM   347  C  CD  . ARG A 1 44  ? 6.211   -10.340 -1.443  1.00 28.34 ? 214 ARG A CD  1 
ATOM   348  N  NE  . ARG A 1 44  ? 7.239   -9.728  -0.619  1.00 27.99 ? 214 ARG A NE  1 
ATOM   349  C  CZ  . ARG A 1 44  ? 8.010   -10.363 0.261   1.00 29.67 ? 214 ARG A CZ  1 
ATOM   350  N  NH1 . ARG A 1 44  ? 7.893   -11.672 0.474   1.00 30.92 ? 214 ARG A NH1 1 
ATOM   351  N  NH2 . ARG A 1 44  ? 8.900   -9.663  0.951   1.00 30.46 ? 214 ARG A NH2 1 
ATOM   352  N  N   . ARG A 1 45  ? 1.266   -11.120 -2.785  1.00 22.43 ? 215 ARG A N   1 
ATOM   353  C  CA  . ARG A 1 45  ? 0.430   -12.081 -3.484  1.00 21.90 ? 215 ARG A CA  1 
ATOM   354  C  C   . ARG A 1 45  ? -0.772  -11.391 -4.130  1.00 20.82 ? 215 ARG A C   1 
ATOM   355  O  O   . ARG A 1 45  ? -1.050  -11.584 -5.318  1.00 21.68 ? 215 ARG A O   1 
ATOM   356  C  CB  . ARG A 1 45  ? -0.020  -13.178 -2.506  1.00 22.49 ? 215 ARG A CB  1 
ATOM   357  C  CG  . ARG A 1 45  ? -0.977  -14.213 -3.079  1.00 23.37 ? 215 ARG A CG  1 
ATOM   358  C  CD  . ARG A 1 45  ? -1.121  -15.420 -2.159  1.00 24.17 ? 215 ARG A CD  1 
ATOM   359  N  NE  . ARG A 1 45  ? -1.491  -15.040 -0.793  1.00 25.01 ? 215 ARG A NE  1 
ATOM   360  C  CZ  . ARG A 1 45  ? -2.725  -14.761 -0.373  1.00 25.78 ? 215 ARG A CZ  1 
ATOM   361  N  NH1 . ARG A 1 45  ? -3.771  -14.802 -1.198  1.00 26.66 ? 215 ARG A NH1 1 
ATOM   362  N  NH2 . ARG A 1 45  ? -2.908  -14.430 0.901   1.00 26.01 ? 215 ARG A NH2 1 
ATOM   363  N  N   . VAL A 1 46  ? -1.470  -10.566 -3.358  1.00 18.02 ? 216 VAL A N   1 
ATOM   364  C  CA  . VAL A 1 46  ? -2.724  -9.959  -3.813  1.00 17.40 ? 216 VAL A CA  1 
ATOM   365  C  C   . VAL A 1 46  ? -2.507  -8.692  -4.652  1.00 16.66 ? 216 VAL A C   1 
ATOM   366  O  O   . VAL A 1 46  ? -3.134  -8.529  -5.710  1.00 16.96 ? 216 VAL A O   1 
ATOM   367  C  CB  . VAL A 1 46  ? -3.667  -9.684  -2.621  1.00 17.59 ? 216 VAL A CB  1 
ATOM   368  C  CG1 . VAL A 1 46  ? -4.970  -9.051  -3.086  1.00 17.27 ? 216 VAL A CG1 1 
ATOM   369  C  CG2 . VAL A 1 46  ? -3.948  -10.984 -1.876  1.00 17.37 ? 216 VAL A CG2 1 
ATOM   370  N  N   . GLY A 1 47  ? -1.624  -7.806  -4.198  1.00 15.35 ? 217 GLY A N   1 
ATOM   371  C  CA  . GLY A 1 47  ? -1.394  -6.541  -4.878  1.00 15.04 ? 217 GLY A CA  1 
ATOM   372  C  C   . GLY A 1 47  ? -0.822  -6.691  -6.270  1.00 15.06 ? 217 GLY A C   1 
ATOM   373  O  O   . GLY A 1 47  ? -1.136  -5.915  -7.168  1.00 13.82 ? 217 GLY A O   1 
ATOM   374  N  N   . ASP A 1 48  ? 0.036   -7.688  -6.458  1.00 16.47 ? 218 ASP A N   1 
ATOM   375  C  CA  . ASP A 1 48  ? 0.621   -7.926  -7.762  1.00 17.30 ? 218 ASP A CA  1 
ATOM   376  C  C   . ASP A 1 48  ? -0.484  -8.280  -8.770  1.00 16.74 ? 218 ASP A C   1 
ATOM   377  O  O   . ASP A 1 48  ? -0.451  -7.852  -9.919  1.00 18.05 ? 218 ASP A O   1 
ATOM   378  C  CB  . ASP A 1 48  ? 1.674   -9.033  -7.684  1.00 19.07 ? 218 ASP A CB  1 
ATOM   379  C  CG  . ASP A 1 48  ? 2.933   -8.612  -6.924  1.00 20.26 ? 218 ASP A CG  1 
ATOM   380  O  OD1 . ASP A 1 48  ? 2.983   -7.512  -6.336  1.00 21.71 ? 218 ASP A OD1 1 
ATOM   381  O  OD2 . ASP A 1 48  ? 3.890   -9.406  -6.908  1.00 20.96 ? 218 ASP A OD2 1 
ATOM   382  N  N   . GLY A 1 49  ? -1.465  -9.046  -8.318  1.00 15.52 ? 219 GLY A N   1 
ATOM   383  C  CA  . GLY A 1 49  ? -2.612  -9.385  -9.150  1.00 13.88 ? 219 GLY A CA  1 
ATOM   384  C  C   . GLY A 1 49  ? -3.476  -8.176  -9.452  1.00 12.57 ? 219 GLY A C   1 
ATOM   385  O  O   . GLY A 1 49  ? -3.938  -7.994  -10.569 1.00 11.92 ? 219 GLY A O   1 
ATOM   386  N  N   . VAL A 1 50  ? -3.701  -7.342  -8.447  1.00 11.66 ? 220 VAL A N   1 
ATOM   387  C  CA  . VAL A 1 50  ? -4.574  -6.179  -8.589  1.00 11.62 ? 220 VAL A CA  1 
ATOM   388  C  C   . VAL A 1 50  ? -4.061  -5.228  -9.657  1.00 11.53 ? 220 VAL A C   1 
ATOM   389  O  O   . VAL A 1 50  ? -4.817  -4.716  -10.480 1.00 10.63 ? 220 VAL A O   1 
ATOM   390  C  CB  . VAL A 1 50  ? -4.729  -5.454  -7.229  1.00 11.89 ? 220 VAL A CB  1 
ATOM   391  C  CG1 . VAL A 1 50  ? -5.341  -4.070  -7.393  1.00 12.33 ? 220 VAL A CG1 1 
ATOM   392  C  CG2 . VAL A 1 50  ? -5.553  -6.322  -6.271  1.00 12.37 ? 220 VAL A CG2 1 
ATOM   393  N  N   . GLN A 1 51  ? -2.751  -5.016  -9.678  1.00 11.57 ? 221 GLN A N   1 
ATOM   394  C  CA  . GLN A 1 51  ? -2.168  -4.093  -10.632 1.00 11.75 ? 221 GLN A CA  1 
ATOM   395  C  C   . GLN A 1 51  ? -2.333  -4.591  -12.074 1.00 12.13 ? 221 GLN A C   1 
ATOM   396  O  O   . GLN A 1 51  ? -2.388  -3.788  -13.000 1.00 13.25 ? 221 GLN A O   1 
ATOM   397  C  CB  . GLN A 1 51  ? -0.687  -3.878  -10.335 1.00 11.73 ? 221 GLN A CB  1 
ATOM   398  C  CG  . GLN A 1 51  ? -0.379  -3.226  -8.984  1.00 12.05 ? 221 GLN A CG  1 
ATOM   399  C  CD  . GLN A 1 51  ? 1.116   -3.133  -8.754  1.00 12.17 ? 221 GLN A CD  1 
ATOM   400  O  OE1 . GLN A 1 51  ? 1.813   -2.469  -9.516  1.00 13.33 ? 221 GLN A OE1 1 
ATOM   401  N  NE2 . GLN A 1 51  ? 1.611   -3.802  -7.710  1.00 12.84 ? 221 GLN A NE2 1 
ATOM   402  N  N   . ARG A 1 52  ? -2.376  -5.907  -12.249 1.00 12.42 ? 222 ARG A N   1 
ATOM   403  C  CA  . ARG A 1 52  ? -2.585  -6.504  -13.573 1.00 13.17 ? 222 ARG A CA  1 
ATOM   404  C  C   . ARG A 1 52  ? -4.075  -6.555  -13.930 1.00 12.35 ? 222 ARG A C   1 
ATOM   405  O  O   . ARG A 1 52  ? -4.461  -6.211  -15.056 1.00 12.02 ? 222 ARG A O   1 
ATOM   406  C  CB  . ARG A 1 52  ? -1.958  -7.897  -13.623 1.00 14.78 ? 222 ARG A CB  1 
ATOM   407  C  CG  . ARG A 1 52  ? -0.434  -7.886  -13.479 1.00 17.25 ? 222 ARG A CG  1 
ATOM   408  C  CD  . ARG A 1 52  ? 0.237   -7.594  -14.815 1.00 19.87 ? 222 ARG A CD  1 
ATOM   409  N  NE  . ARG A 1 52  ? 0.210   -6.187  -15.192 1.00 23.78 ? 222 ARG A NE  1 
ATOM   410  C  CZ  . ARG A 1 52  ? 0.400   -5.733  -16.434 1.00 25.60 ? 222 ARG A CZ  1 
ATOM   411  N  NH1 . ARG A 1 52  ? 0.624   -6.573  -17.452 1.00 27.67 ? 222 ARG A NH1 1 
ATOM   412  N  NH2 . ARG A 1 52  ? 0.355   -4.426  -16.662 1.00 27.35 ? 222 ARG A NH2 1 
ATOM   413  N  N   . ASN A 1 53  ? -4.913  -6.972  -12.983 1.00 11.68 ? 223 ASN A N   1 
ATOM   414  C  CA  . ASN A 1 53  ? -6.359  -7.023  -13.235 1.00 11.74 ? 223 ASN A CA  1 
ATOM   415  C  C   . ASN A 1 53  ? -6.952  -5.666  -13.591 1.00 11.98 ? 223 ASN A C   1 
ATOM   416  O  O   . ASN A 1 53  ? -7.920  -5.599  -14.336 1.00 12.19 ? 223 ASN A O   1 
ATOM   417  C  CB  . ASN A 1 53  ? -7.087  -7.588  -12.022 1.00 11.63 ? 223 ASN A CB  1 
ATOM   418  C  CG  . ASN A 1 53  ? -6.956  -9.089  -11.909 1.00 12.29 ? 223 ASN A CG  1 
ATOM   419  O  OD1 . ASN A 1 53  ? -6.897  -9.806  -12.917 1.00 13.86 ? 223 ASN A OD1 1 
ATOM   420  N  ND2 . ASN A 1 53  ? -6.957  -9.582  -10.674 1.00 13.44 ? 223 ASN A ND2 1 
ATOM   421  N  N   . HIS A 1 54  ? -6.359  -4.595  -13.064 1.00 12.25 ? 224 HIS A N   1 
ATOM   422  C  CA  . HIS A 1 54  ? -6.787  -3.214  -13.338 1.00 12.82 ? 224 HIS A CA  1 
ATOM   423  C  C   . HIS A 1 54  ? -5.771  -2.430  -14.113 1.00 12.55 ? 224 HIS A C   1 
ATOM   424  O  O   . HIS A 1 54  ? -5.729  -1.199  -14.022 1.00 12.28 ? 224 HIS A O   1 
ATOM   425  C  CB  . HIS A 1 54  ? -7.101  -2.483  -12.039 1.00 13.73 ? 224 HIS A CB  1 
ATOM   426  C  CG  . HIS A 1 54  ? -8.146  -3.163  -11.209 1.00 14.61 ? 224 HIS A CG  1 
ATOM   427  N  ND1 . HIS A 1 54  ? -9.388  -3.430  -11.678 1.00 15.58 ? 224 HIS A ND1 1 
ATOM   428  C  CD2 . HIS A 1 54  ? -8.097  -3.653  -9.900  1.00 15.53 ? 224 HIS A CD2 1 
ATOM   429  C  CE1 . HIS A 1 54  ? -10.095 -4.056  -10.711 1.00 16.15 ? 224 HIS A CE1 1 
ATOM   430  N  NE2 . HIS A 1 54  ? -9.304  -4.186  -9.623  1.00 16.22 ? 224 HIS A NE2 1 
ATOM   431  N  N   . GLU A 1 55  ? -4.976  -3.127  -14.920 1.00 12.72 ? 225 GLU A N   1 
ATOM   432  C  CA  . GLU A 1 55  ? -3.904  -2.498  -15.700 1.00 14.48 ? 225 GLU A CA  1 
ATOM   433  C  C   . GLU A 1 55  ? -4.378  -1.270  -16.475 1.00 13.92 ? 225 GLU A C   1 
ATOM   434  O  O   . GLU A 1 55  ? -3.775  -0.207  -16.397 1.00 13.64 ? 225 GLU A O   1 
ATOM   435  C  CB  . GLU A 1 55  ? -3.288  -3.502  -16.682 1.00 16.15 ? 225 GLU A CB  1 
ATOM   436  C  CG  . GLU A 1 55  ? -2.250  -2.899  -17.635 1.00 18.29 ? 225 GLU A CG  1 
ATOM   437  C  CD  . GLU A 1 55  ? -1.885  -3.788  -18.823 1.00 19.53 ? 225 GLU A CD  1 
ATOM   438  O  OE1 . GLU A 1 55  ? -2.751  -4.089  -19.684 1.00 21.98 ? 225 GLU A OE1 1 
ATOM   439  O  OE2 . GLU A 1 55  ? -0.701  -4.161  -18.913 1.00 21.48 ? 225 GLU A OE2 1 
ATOM   440  N  N   . THR A 1 56  ? -5.448  -1.414  -17.249 1.00 14.23 ? 226 THR A N   1 
ATOM   441  C  CA  . THR A 1 56  ? -5.897  -0.319  -18.098 1.00 14.89 ? 226 THR A CA  1 
ATOM   442  C  C   . THR A 1 56  ? -6.299  0.894   -17.262 1.00 14.23 ? 226 THR A C   1 
ATOM   443  O  O   . THR A 1 56  ? -5.877  2.008   -17.541 1.00 14.65 ? 226 THR A O   1 
ATOM   444  C  CB  . THR A 1 56  ? -7.063  -0.747  -18.996 1.00 15.43 ? 226 THR A CB  1 
ATOM   445  O  OG1 . THR A 1 56  ? -6.678  -1.915  -19.732 1.00 17.03 ? 226 THR A OG1 1 
ATOM   446  C  CG2 . THR A 1 56  ? -7.435  0.373   -19.966 1.00 15.91 ? 226 THR A CG2 1 
ATOM   447  N  N   . ALA A 1 57  ? -7.085  0.668   -16.212 1.00 13.69 ? 227 ALA A N   1 
ATOM   448  C  CA  . ALA A 1 57  ? -7.521  1.748   -15.337 1.00 13.13 ? 227 ALA A CA  1 
ATOM   449  C  C   . ALA A 1 57  ? -6.345  2.403   -14.592 1.00 13.02 ? 227 ALA A C   1 
ATOM   450  O  O   . ALA A 1 57  ? -6.313  3.634   -14.431 1.00 13.41 ? 227 ALA A O   1 
ATOM   451  C  CB  . ALA A 1 57  ? -8.556  1.232   -14.346 1.00 12.75 ? 227 ALA A CB  1 
ATOM   452  N  N   . PHE A 1 58  ? -5.388  1.583   -14.158 1.00 12.83 ? 228 PHE A N   1 
ATOM   453  C  CA  . PHE A 1 58  ? -4.214  2.066   -13.443 1.00 12.90 ? 228 PHE A CA  1 
ATOM   454  C  C   . PHE A 1 58  ? -3.363  2.947   -14.358 1.00 13.98 ? 228 PHE A C   1 
ATOM   455  O  O   . PHE A 1 58  ? -2.949  4.031   -13.958 1.00 13.95 ? 228 PHE A O   1 
ATOM   456  C  CB  . PHE A 1 58  ? -3.384  0.896   -12.887 1.00 12.22 ? 228 PHE A CB  1 
ATOM   457  C  CG  . PHE A 1 58  ? -3.807  0.423   -11.506 1.00 11.79 ? 228 PHE A CG  1 
ATOM   458  C  CD1 . PHE A 1 58  ? -5.129  0.454   -11.100 1.00 11.76 ? 228 PHE A CD1 1 
ATOM   459  C  CD2 . PHE A 1 58  ? -2.864  -0.108  -10.630 1.00 11.74 ? 228 PHE A CD2 1 
ATOM   460  C  CE1 . PHE A 1 58  ? -5.503  0.007   -9.841  1.00 11.54 ? 228 PHE A CE1 1 
ATOM   461  C  CE2 . PHE A 1 58  ? -3.231  -0.555  -9.373  1.00 11.69 ? 228 PHE A CE2 1 
ATOM   462  C  CZ  . PHE A 1 58  ? -4.547  -0.489  -8.972  1.00 11.79 ? 228 PHE A CZ  1 
ATOM   463  N  N   . GLN A 1 59  ? -3.112  2.478   -15.578 1.00 14.90 ? 229 GLN A N   1 
ATOM   464  C  CA  . GLN A 1 59  ? -2.341  3.251   -16.565 1.00 16.40 ? 229 GLN A CA  1 
ATOM   465  C  C   . GLN A 1 59  ? -3.047  4.572   -16.877 1.00 16.52 ? 229 GLN A C   1 
ATOM   466  O  O   . GLN A 1 59  ? -2.399  5.628   -16.944 1.00 15.62 ? 229 GLN A O   1 
ATOM   467  C  CB  . GLN A 1 59  ? -2.124  2.423   -17.853 1.00 17.89 ? 229 GLN A CB  1 
ATOM   468  C  CG  . GLN A 1 59  ? -1.070  1.316   -17.726 1.00 20.22 ? 229 GLN A CG  1 
ATOM   469  C  CD  . GLN A 1 59  ? -0.715  0.590   -19.036 1.00 23.29 ? 229 GLN A CD  1 
ATOM   470  O  OE1 . GLN A 1 59  ? -0.799  1.148   -20.133 1.00 26.98 ? 229 GLN A OE1 1 
ATOM   471  N  NE2 . GLN A 1 59  ? -0.272  -0.657  -18.909 1.00 24.64 ? 229 GLN A NE2 1 
ATOM   472  N  N   . GLY A 1 60  ? -4.373  4.524   -17.019 1.00 15.77 ? 230 GLY A N   1 
ATOM   473  C  CA  . GLY A 1 60  ? -5.178  5.712   -17.316 1.00 16.96 ? 230 GLY A CA  1 
ATOM   474  C  C   . GLY A 1 60  ? -5.082  6.745   -16.213 1.00 17.44 ? 230 GLY A C   1 
ATOM   475  O  O   . GLY A 1 60  ? -4.880  7.925   -16.469 1.00 18.12 ? 230 GLY A O   1 
ATOM   476  N  N   . MET A 1 61  ? -5.219  6.298   -14.969 1.00 17.23 ? 231 MET A N   1 
ATOM   477  C  CA  . MET A 1 61  ? -5.117  7.207   -13.828 1.00 17.44 ? 231 MET A CA  1 
ATOM   478  C  C   . MET A 1 61  ? -3.703  7.787   -13.663 1.00 17.33 ? 231 MET A C   1 
ATOM   479  O  O   . MET A 1 61  ? -3.562  8.976   -13.383 1.00 17.82 ? 231 MET A O   1 
ATOM   480  C  CB  . MET A 1 61  ? -5.558  6.485   -12.548 1.00 17.50 ? 231 MET A CB  1 
ATOM   481  C  CG  . MET A 1 61  ? -5.567  7.358   -11.290 1.00 18.07 ? 231 MET A CG  1 
ATOM   482  S  SD  . MET A 1 61  ? -6.573  8.859   -11.393 1.00 19.15 ? 231 MET A SD  1 
ATOM   483  C  CE  . MET A 1 61  ? -8.209  8.173   -11.202 1.00 19.69 ? 231 MET A CE  1 
ATOM   484  N  N   . LEU A 1 62  ? -2.673  6.965   -13.840 1.00 17.83 ? 232 LEU A N   1 
ATOM   485  C  CA  . LEU A 1 62  ? -1.282  7.430   -13.772 1.00 18.26 ? 232 LEU A CA  1 
ATOM   486  C  C   . LEU A 1 62  ? -1.020  8.535   -14.791 1.00 19.68 ? 232 LEU A C   1 
ATOM   487  O  O   . LEU A 1 62  ? -0.423  9.561   -14.470 1.00 20.41 ? 232 LEU A O   1 
ATOM   488  C  CB  . LEU A 1 62  ? -0.296  6.271   -13.996 1.00 18.43 ? 232 LEU A CB  1 
ATOM   489  C  CG  . LEU A 1 62  ? 1.197   6.610   -13.840 1.00 18.50 ? 232 LEU A CG  1 
ATOM   490  C  CD1 . LEU A 1 62  ? 1.511   6.987   -12.392 1.00 19.27 ? 232 LEU A CD1 1 
ATOM   491  C  CD2 . LEU A 1 62  ? 2.083   5.461   -14.286 1.00 18.41 ? 232 LEU A CD2 1 
ATOM   492  N  N   . ARG A 1 63  ? -1.471  8.317   -16.018 1.00 20.86 ? 233 ARG A N   1 
ATOM   493  C  CA  . ARG A 1 63  ? -1.284  9.294   -17.082 1.00 22.63 ? 233 ARG A CA  1 
ATOM   494  C  C   . ARG A 1 63  ? -1.984  10.606  -16.744 1.00 22.75 ? 233 ARG A C   1 
ATOM   495  O  O   . ARG A 1 63  ? -1.405  11.684  -16.921 1.00 23.53 ? 233 ARG A O   1 
ATOM   496  C  CB  . ARG A 1 63  ? -1.814  8.754   -18.406 1.00 23.11 ? 233 ARG A CB  1 
ATOM   497  C  CG  . ARG A 1 63  ? -1.551  9.683   -19.577 1.00 24.35 ? 233 ARG A CG  1 
ATOM   498  C  CD  . ARG A 1 63  ? -2.030  9.078   -20.879 1.00 26.46 ? 233 ARG A CD  1 
ATOM   499  N  NE  . ARG A 1 63  ? -1.974  10.060  -21.958 1.00 28.18 ? 233 ARG A NE  1 
ATOM   500  C  CZ  . ARG A 1 63  ? -2.993  10.813  -22.375 1.00 30.14 ? 233 ARG A CZ  1 
ATOM   501  N  NH1 . ARG A 1 63  ? -4.197  10.722  -21.816 1.00 31.47 ? 233 ARG A NH1 1 
ATOM   502  N  NH2 . ARG A 1 63  ? -2.804  11.671  -23.372 1.00 30.80 ? 233 ARG A NH2 1 
ATOM   503  N  N   . LYS A 1 64  ? -3.222  10.500  -16.263 1.00 23.16 ? 234 LYS A N   1 
ATOM   504  C  CA  . LYS A 1 64  ? -4.034  11.642  -15.844 1.00 25.15 ? 234 LYS A CA  1 
ATOM   505  C  C   . LYS A 1 64  ? -3.360  12.465  -14.733 1.00 24.31 ? 234 LYS A C   1 
ATOM   506  O  O   . LYS A 1 64  ? -3.379  13.701  -14.768 1.00 24.70 ? 234 LYS A O   1 
ATOM   507  C  CB  . LYS A 1 64  ? -5.397  11.137  -15.371 1.00 27.47 ? 234 LYS A CB  1 
ATOM   508  C  CG  . LYS A 1 64  ? -6.485  12.184  -15.224 1.00 29.70 ? 234 LYS A CG  1 
ATOM   509  C  CD  . LYS A 1 64  ? -7.817  11.529  -14.883 1.00 31.58 ? 234 LYS A CD  1 
ATOM   510  C  CE  . LYS A 1 64  ? -8.478  10.888  -16.100 1.00 32.53 ? 234 LYS A CE  1 
ATOM   511  N  NZ  . LYS A 1 64  ? -9.324  9.712   -15.739 1.00 33.99 ? 234 LYS A NZ  1 
ATOM   512  N  N   . LEU A 1 65  ? -2.753  11.777  -13.767 1.00 22.91 ? 235 LEU A N   1 
ATOM   513  C  CA  . LEU A 1 65  ? -2.088  12.437  -12.634 1.00 22.64 ? 235 LEU A CA  1 
ATOM   514  C  C   . LEU A 1 65  ? -0.771  13.153  -13.013 1.00 23.68 ? 235 LEU A C   1 
ATOM   515  O  O   . LEU A 1 65  ? -0.363  14.103  -12.334 1.00 25.28 ? 235 LEU A O   1 
ATOM   516  C  CB  . LEU A 1 65  ? -1.831  11.428  -11.504 1.00 21.17 ? 235 LEU A CB  1 
ATOM   517  C  CG  . LEU A 1 65  ? -3.059  10.831  -10.806 1.00 20.86 ? 235 LEU A CG  1 
ATOM   518  C  CD1 . LEU A 1 65  ? -2.640  9.611   -9.999  1.00 19.90 ? 235 LEU A CD1 1 
ATOM   519  C  CD2 . LEU A 1 65  ? -3.773  11.847  -9.922  1.00 21.17 ? 235 LEU A CD2 1 
ATOM   520  N  N   . ASP A 1 66  ? -0.100  12.687  -14.067 1.00 24.80 ? 236 ASP A N   1 
ATOM   521  C  CA  . ASP A 1 66  ? 1.145   13.314  -14.563 1.00 26.01 ? 236 ASP A CA  1 
ATOM   522  C  C   . ASP A 1 66  ? 2.180   13.578  -13.458 1.00 26.39 ? 236 ASP A C   1 
ATOM   523  O  O   . ASP A 1 66  ? 2.567   14.721  -13.186 1.00 26.26 ? 236 ASP A O   1 
ATOM   524  C  CB  . ASP A 1 66  ? 0.823   14.613  -15.323 1.00 27.28 ? 236 ASP A CB  1 
ATOM   525  C  CG  . ASP A 1 66  ? 2.049   15.215  -16.022 1.00 28.11 ? 236 ASP A CG  1 
ATOM   526  O  OD1 . ASP A 1 66  ? 3.009   14.477  -16.331 1.00 29.83 ? 236 ASP A OD1 1 
ATOM   527  O  OD2 . ASP A 1 66  ? 2.061   16.443  -16.253 1.00 29.90 ? 236 ASP A OD2 1 
ATOM   528  N  N   . ILE A 1 67  ? 2.657   12.507  -12.841 1.00 25.87 ? 237 ILE A N   1 
ATOM   529  C  CA  . ILE A 1 67  ? 3.540   12.633  -11.694 1.00 26.10 ? 237 ILE A CA  1 
ATOM   530  C  C   . ILE A 1 67  ? 4.982   12.797  -12.174 1.00 26.90 ? 237 ILE A C   1 
ATOM   531  O  O   . ILE A 1 67  ? 5.526   11.909  -12.833 1.00 25.23 ? 237 ILE A O   1 
ATOM   532  C  CB  . ILE A 1 67  ? 3.397   11.412  -10.774 1.00 25.64 ? 237 ILE A CB  1 
ATOM   533  C  CG1 . ILE A 1 67  ? 1.936   11.271  -10.326 1.00 25.20 ? 237 ILE A CG1 1 
ATOM   534  C  CG2 . ILE A 1 67  ? 4.323   11.533  -9.573  1.00 25.64 ? 237 ILE A CG2 1 
ATOM   535  C  CD1 . ILE A 1 67  ? 1.632   9.958   -9.645  1.00 25.17 ? 237 ILE A CD1 1 
ATOM   536  N  N   . LYS A 1 68  ? 5.576   13.948  -11.857 1.00 28.56 ? 238 LYS A N   1 
ATOM   537  C  CA  . LYS A 1 68  ? 6.910   14.317  -12.341 1.00 30.08 ? 238 LYS A CA  1 
ATOM   538  C  C   . LYS A 1 68  ? 7.908   14.627  -11.227 1.00 31.00 ? 238 LYS A C   1 
ATOM   539  O  O   . LYS A 1 68  ? 9.112   14.440  -11.409 1.00 31.11 ? 238 LYS A O   1 
ATOM   540  C  CB  . LYS A 1 68  ? 6.814   15.539  -13.264 1.00 30.80 ? 238 LYS A CB  1 
ATOM   541  C  CG  . LYS A 1 68  ? 5.936   15.332  -14.492 1.00 31.50 ? 238 LYS A CG  1 
ATOM   542  C  CD  . LYS A 1 68  ? 5.589   16.644  -15.186 1.00 32.83 ? 238 LYS A CD  1 
ATOM   543  C  CE  . LYS A 1 68  ? 4.590   17.469  -14.382 1.00 33.88 ? 238 LYS A CE  1 
ATOM   544  N  NZ  . LYS A 1 68  ? 3.934   18.532  -15.195 1.00 35.63 ? 238 LYS A NZ  1 
ATOM   545  N  N   . ASN A 1 69  ? 7.422   15.095  -10.080 1.00 31.08 ? 239 ASN A N   1 
ATOM   546  C  CA  . ASN A 1 69  ? 8.307   15.650  -9.063  1.00 31.55 ? 239 ASN A CA  1 
ATOM   547  C  C   . ASN A 1 69  ? 7.703   15.587  -7.662  1.00 32.02 ? 239 ASN A C   1 
ATOM   548  O  O   . ASN A 1 69  ? 6.609   15.049  -7.475  1.00 30.77 ? 239 ASN A O   1 
ATOM   549  C  CB  . ASN A 1 69  ? 8.653   17.094  -9.446  1.00 32.30 ? 239 ASN A CB  1 
ATOM   550  C  CG  . ASN A 1 69  ? 7.420   17.937  -9.714  1.00 32.14 ? 239 ASN A CG  1 
ATOM   551  O  OD1 . ASN A 1 69  ? 6.465   17.929  -8.936  1.00 32.13 ? 239 ASN A OD1 1 
ATOM   552  N  ND2 . ASN A 1 69  ? 7.431   18.668  -10.820 1.00 32.66 ? 239 ASN A ND2 1 
ATOM   553  N  N   . GLU A 1 70  ? 8.428   16.133  -6.687  1.00 32.98 ? 240 GLU A N   1 
ATOM   554  C  CA  . GLU A 1 70  ? 7.983   16.166  -5.297  1.00 33.59 ? 240 GLU A CA  1 
ATOM   555  C  C   . GLU A 1 70  ? 6.629   16.855  -5.125  1.00 32.78 ? 240 GLU A C   1 
ATOM   556  O  O   . GLU A 1 70  ? 5.791   16.382  -4.357  1.00 32.26 ? 240 GLU A O   1 
ATOM   557  C  CB  . GLU A 1 70  ? 9.024   16.873  -4.425  1.00 34.94 ? 240 GLU A CB  1 
ATOM   558  C  CG  . GLU A 1 70  ? 8.721   16.817  -2.930  1.00 36.58 ? 240 GLU A CG  1 
ATOM   559  C  CD  . GLU A 1 70  ? 9.747   17.549  -2.088  1.00 37.31 ? 240 GLU A CD  1 
ATOM   560  O  OE1 . GLU A 1 70  ? 10.443  18.440  -2.626  1.00 38.90 ? 240 GLU A OE1 1 
ATOM   561  O  OE2 . GLU A 1 70  ? 9.851   17.236  -0.883  1.00 37.60 ? 240 GLU A OE2 1 
ATOM   562  N  N   . ASP A 1 71  ? 6.421   17.969  -5.824  1.00 33.12 ? 241 ASP A N   1 
ATOM   563  C  CA  . ASP A 1 71  ? 5.169   18.721  -5.713  1.00 32.90 ? 241 ASP A CA  1 
ATOM   564  C  C   . ASP A 1 71  ? 3.971   17.897  -6.179  1.00 31.14 ? 241 ASP A C   1 
ATOM   565  O  O   . ASP A 1 71  ? 2.918   17.929  -5.545  1.00 29.28 ? 241 ASP A O   1 
ATOM   566  C  CB  . ASP A 1 71  ? 5.239   20.041  -6.493  1.00 34.89 ? 241 ASP A CB  1 
ATOM   567  C  CG  . ASP A 1 71  ? 5.953   21.149  -5.723  1.00 36.82 ? 241 ASP A CG  1 
ATOM   568  O  OD1 . ASP A 1 71  ? 6.501   20.883  -4.629  1.00 38.37 ? 241 ASP A OD1 1 
ATOM   569  O  OD2 . ASP A 1 71  ? 5.963   22.295  -6.220  1.00 37.87 ? 241 ASP A OD2 1 
ATOM   570  N  N   . ASP A 1 72  ? 4.140   17.166  -7.282  1.00 28.58 ? 242 ASP A N   1 
ATOM   571  C  CA  . ASP A 1 72  ? 3.093   16.287  -7.801  1.00 27.42 ? 242 ASP A CA  1 
ATOM   572  C  C   . ASP A 1 72  ? 2.773   15.181  -6.798  1.00 26.34 ? 242 ASP A C   1 
ATOM   573  O  O   . ASP A 1 72  ? 1.606   14.880  -6.557  1.00 25.97 ? 242 ASP A O   1 
ATOM   574  C  CB  . ASP A 1 72  ? 3.513   15.657  -9.136  1.00 27.21 ? 242 ASP A CB  1 
ATOM   575  C  CG  . ASP A 1 72  ? 3.648   16.680  -10.260 1.00 27.54 ? 242 ASP A CG  1 
ATOM   576  O  OD1 . ASP A 1 72  ? 2.943   17.708  -10.241 1.00 27.81 ? 242 ASP A OD1 1 
ATOM   577  O  OD2 . ASP A 1 72  ? 4.453   16.433  -11.179 1.00 27.08 ? 242 ASP A OD2 1 
ATOM   578  N  N   . VAL A 1 73  ? 3.809   14.577  -6.226  1.00 25.04 ? 243 VAL A N   1 
ATOM   579  C  CA  . VAL A 1 73  ? 3.627   13.516  -5.232  1.00 24.85 ? 243 VAL A CA  1 
ATOM   580  C  C   . VAL A 1 73  ? 2.907   14.043  -3.986  1.00 25.01 ? 243 VAL A C   1 
ATOM   581  O  O   . VAL A 1 73  ? 2.054   13.354  -3.430  1.00 24.01 ? 243 VAL A O   1 
ATOM   582  C  CB  . VAL A 1 73  ? 4.971   12.852  -4.865  1.00 24.96 ? 243 VAL A CB  1 
ATOM   583  C  CG1 . VAL A 1 73  ? 4.794   11.842  -3.744  1.00 25.34 ? 243 VAL A CG1 1 
ATOM   584  C  CG2 . VAL A 1 73  ? 5.572   12.188  -6.101  1.00 25.47 ? 243 VAL A CG2 1 
ATOM   585  N  N   . LYS A 1 74  ? 3.216   15.273  -3.578  1.00 25.67 ? 244 LYS A N   1 
ATOM   586  C  CA  . LYS A 1 74  ? 2.545   15.903  -2.442  1.00 26.29 ? 244 LYS A CA  1 
ATOM   587  C  C   . LYS A 1 74  ? 1.049   16.110  -2.687  1.00 25.33 ? 244 LYS A C   1 
ATOM   588  O  O   . LYS A 1 74  ? 0.243   15.988  -1.763  1.00 25.31 ? 244 LYS A O   1 
ATOM   589  C  CB  . LYS A 1 74  ? 3.194   17.245  -2.102  1.00 27.87 ? 244 LYS A CB  1 
ATOM   590  C  CG  . LYS A 1 74  ? 4.509   17.130  -1.348  1.00 29.53 ? 244 LYS A CG  1 
ATOM   591  C  CD  . LYS A 1 74  ? 4.949   18.472  -0.781  1.00 31.33 ? 244 LYS A CD  1 
ATOM   592  C  CE  . LYS A 1 74  ? 5.291   19.475  -1.872  1.00 32.66 ? 244 LYS A CE  1 
ATOM   593  N  NZ  . LYS A 1 74  ? 5.522   20.838  -1.315  1.00 34.15 ? 244 LYS A NZ  1 
ATOM   594  N  N   . SER A 1 75  ? 0.678   16.401  -3.931  1.00 24.19 ? 245 SER A N   1 
ATOM   595  C  CA  . SER A 1 75  ? -0.723  16.654  -4.293  1.00 24.04 ? 245 SER A CA  1 
ATOM   596  C  C   . SER A 1 75  ? -1.600  15.395  -4.260  1.00 22.24 ? 245 SER A C   1 
ATOM   597  O  O   . SER A 1 75  ? -2.826  15.497  -4.354  1.00 22.63 ? 245 SER A O   1 
ATOM   598  C  CB  . SER A 1 75  ? -0.810  17.268  -5.688  1.00 24.90 ? 245 SER A CB  1 
ATOM   599  O  OG  . SER A 1 75  ? -0.505  16.312  -6.686  1.00 26.41 ? 245 SER A OG  1 
ATOM   600  N  N   . LEU A 1 76  ? -0.981  14.220  -4.146  1.00 20.88 ? 246 LEU A N   1 
ATOM   601  C  CA  . LEU A 1 76  ? -1.736  12.965  -4.204  1.00 19.21 ? 246 LEU A CA  1 
ATOM   602  C  C   . LEU A 1 76  ? -2.589  12.718  -2.964  1.00 17.99 ? 246 LEU A C   1 
ATOM   603  O  O   . LEU A 1 76  ? -3.614  12.040  -3.052  1.00 16.16 ? 246 LEU A O   1 
ATOM   604  C  CB  . LEU A 1 76  ? -0.806  11.775  -4.451  1.00 18.63 ? 246 LEU A CB  1 
ATOM   605  C  CG  . LEU A 1 76  ? -0.097  11.763  -5.811  1.00 18.69 ? 246 LEU A CG  1 
ATOM   606  C  CD1 . LEU A 1 76  ? 0.912   10.622  -5.887  1.00 19.11 ? 246 LEU A CD1 1 
ATOM   607  C  CD2 . LEU A 1 76  ? -1.102  11.685  -6.946  1.00 19.21 ? 246 LEU A CD2 1 
ATOM   608  N  N   . SER A 1 77  ? -2.188  13.255  -1.813  1.00 17.69 ? 247 SER A N   1 
ATOM   609  C  CA  . SER A 1 77  ? -2.975  13.079  -0.595  1.00 18.41 ? 247 SER A CA  1 
ATOM   610  C  C   . SER A 1 77  ? -4.435  13.524  -0.780  1.00 17.20 ? 247 SER A C   1 
ATOM   611  O  O   . SER A 1 77  ? -5.370  12.799  -0.443  1.00 16.06 ? 247 SER A O   1 
ATOM   612  C  CB  . SER A 1 77  ? -2.339  13.846  0.568   1.00 20.06 ? 247 SER A CB  1 
ATOM   613  O  OG  . SER A 1 77  ? -1.074  13.293  0.895   1.00 23.43 ? 247 SER A OG  1 
ATOM   614  N  N   . ARG A 1 78  ? -4.636  14.707  -1.345  1.00 17.26 ? 248 ARG A N   1 
ATOM   615  C  CA  . ARG A 1 78  ? -5.981  15.215  -1.578  1.00 17.54 ? 248 ARG A CA  1 
ATOM   616  C  C   . ARG A 1 78  ? -6.795  14.285  -2.479  1.00 15.46 ? 248 ARG A C   1 
ATOM   617  O  O   . ARG A 1 78  ? -7.993  14.104  -2.277  1.00 15.12 ? 248 ARG A O   1 
ATOM   618  C  CB  . ARG A 1 78  ? -5.914  16.613  -2.200  1.00 19.90 ? 248 ARG A CB  1 
ATOM   619  C  CG  . ARG A 1 78  ? -7.274  17.262  -2.370  1.00 22.92 ? 248 ARG A CG  1 
ATOM   620  C  CD  . ARG A 1 78  ? -7.218  18.631  -3.038  1.00 25.75 ? 248 ARG A CD  1 
ATOM   621  N  NE  . ARG A 1 78  ? -8.565  19.205  -3.064  1.00 28.92 ? 248 ARG A NE  1 
ATOM   622  C  CZ  . ARG A 1 78  ? -8.987  20.165  -3.884  1.00 31.42 ? 248 ARG A CZ  1 
ATOM   623  N  NH1 . ARG A 1 78  ? -8.173  20.713  -4.788  1.00 32.69 ? 248 ARG A NH1 1 
ATOM   624  N  NH2 . ARG A 1 78  ? -10.246 20.582  -3.790  1.00 32.50 ? 248 ARG A NH2 1 
ATOM   625  N  N   . VAL A 1 79  ? -6.134  13.708  -3.476  1.00 14.29 ? 249 VAL A N   1 
ATOM   626  C  CA  . VAL A 1 79  ? -6.807  12.817  -4.415  1.00 13.79 ? 249 VAL A CA  1 
ATOM   627  C  C   . VAL A 1 79  ? -7.178  11.493  -3.741  1.00 12.97 ? 249 VAL A C   1 
ATOM   628  O  O   . VAL A 1 79  ? -8.275  10.967  -3.947  1.00 11.92 ? 249 VAL A O   1 
ATOM   629  C  CB  . VAL A 1 79  ? -5.940  12.565  -5.661  1.00 14.14 ? 249 VAL A CB  1 
ATOM   630  C  CG1 . VAL A 1 79  ? -6.729  11.796  -6.707  1.00 14.63 ? 249 VAL A CG1 1 
ATOM   631  C  CG2 . VAL A 1 79  ? -5.428  13.893  -6.230  1.00 15.17 ? 249 VAL A CG2 1 
ATOM   632  N  N   . MET A 1 80  ? -6.281  10.972  -2.912  1.00 12.69 ? 250 MET A N   1 
ATOM   633  C  CA  . MET A 1 80  ? -6.573  9.751   -2.155  1.00 12.55 ? 250 MET A CA  1 
ATOM   634  C  C   . MET A 1 80  ? -7.741  9.942   -1.187  1.00 12.40 ? 250 MET A C   1 
ATOM   635  O  O   . MET A 1 80  ? -8.591  9.071   -1.044  1.00 11.69 ? 250 MET A O   1 
ATOM   636  C  CB  . MET A 1 80  ? -5.341  9.283   -1.389  1.00 12.81 ? 250 MET A CB  1 
ATOM   637  C  CG  . MET A 1 80  ? -4.231  8.702   -2.260  1.00 13.43 ? 250 MET A CG  1 
ATOM   638  S  SD  . MET A 1 80  ? -2.864  8.047   -1.287  1.00 15.44 ? 250 MET A SD  1 
ATOM   639  C  CE  . MET A 1 80  ? -1.961  9.531   -0.892  1.00 15.28 ? 250 MET A CE  1 
ATOM   640  N  N   . ILE A 1 81  ? -7.780  11.080  -0.509  1.00 12.81 ? 251 ILE A N   1 
ATOM   641  C  CA  . ILE A 1 81  ? -8.907  11.387  0.356   1.00 13.16 ? 251 ILE A CA  1 
ATOM   642  C  C   . ILE A 1 81  ? -10.215 11.422  -0.444  1.00 13.17 ? 251 ILE A C   1 
ATOM   643  O  O   . ILE A 1 81  ? -11.228 10.868  -0.040  1.00 12.65 ? 251 ILE A O   1 
ATOM   644  C  CB  . ILE A 1 81  ? -8.661  12.720  1.093   1.00 14.32 ? 251 ILE A CB  1 
ATOM   645  C  CG1 . ILE A 1 81  ? -7.510  12.561  2.082   1.00 14.64 ? 251 ILE A CG1 1 
ATOM   646  C  CG2 . ILE A 1 81  ? -9.917  13.161  1.809   1.00 15.02 ? 251 ILE A CG2 1 
ATOM   647  C  CD1 . ILE A 1 81  ? -7.890  11.823  3.342   1.00 15.73 ? 251 ILE A CD1 1 
ATOM   648  N  N   . HIS A 1 82  ? -10.165 12.040  -1.616  1.00 12.90 ? 252 HIS A N   1 
ATOM   649  C  CA  . HIS A 1 82  ? -11.340 12.159  -2.475  1.00 13.82 ? 252 HIS A CA  1 
ATOM   650  C  C   . HIS A 1 82  ? -11.842 10.821  -2.967  1.00 12.64 ? 252 HIS A C   1 
ATOM   651  O  O   . HIS A 1 82  ? -13.049 10.538  -2.929  1.00 13.80 ? 252 HIS A O   1 
ATOM   652  C  CB  . HIS A 1 82  ? -10.974 13.060  -3.652  1.00 15.12 ? 252 HIS A CB  1 
ATOM   653  C  CG  . HIS A 1 82  ? -12.143 13.486  -4.516  1.00 17.87 ? 252 HIS A CG  1 
ATOM   654  N  ND1 . HIS A 1 82  ? -12.778 12.645  -5.339  1.00 21.02 ? 252 HIS A ND1 1 
ATOM   655  C  CD2 . HIS A 1 82  ? -12.729 14.732  -4.705  1.00 19.57 ? 252 HIS A CD2 1 
ATOM   656  C  CE1 . HIS A 1 82  ? -13.749 13.302  -6.002  1.00 19.96 ? 252 HIS A CE1 1 
ATOM   657  N  NE2 . HIS A 1 82  ? -13.723 14.575  -5.612  1.00 20.62 ? 252 HIS A NE2 1 
ATOM   658  N  N   . VAL A 1 83  ? -10.933 9.969   -3.436  1.00 11.79 ? 253 VAL A N   1 
ATOM   659  C  CA  . VAL A 1 83  ? -11.336 8.741   -4.098  1.00 11.65 ? 253 VAL A CA  1 
ATOM   660  C  C   . VAL A 1 83  ? -11.432 7.571   -3.119  1.00 11.20 ? 253 VAL A C   1 
ATOM   661  O  O   . VAL A 1 83  ? -12.410 6.816   -3.150  1.00 11.86 ? 253 VAL A O   1 
ATOM   662  C  CB  . VAL A 1 83  ? -10.384 8.402   -5.258  1.00 11.39 ? 253 VAL A CB  1 
ATOM   663  C  CG1 . VAL A 1 83  ? -10.747 7.050   -5.887  1.00 11.67 ? 253 VAL A CG1 1 
ATOM   664  C  CG2 . VAL A 1 83  ? -10.417 9.518   -6.295  1.00 11.78 ? 253 VAL A CG2 1 
ATOM   665  N  N   . PHE A 1 84  ? -10.427 7.398   -2.267  1.00 10.58 ? 254 PHE A N   1 
ATOM   666  C  CA  . PHE A 1 84  ? -10.436 6.262   -1.337  1.00 10.37 ? 254 PHE A CA  1 
ATOM   667  C  C   . PHE A 1 84  ? -11.265 6.536   -0.084  1.00 10.41 ? 254 PHE A C   1 
ATOM   668  O  O   . PHE A 1 84  ? -12.124 5.730   0.271   1.00 10.43 ? 254 PHE A O   1 
ATOM   669  C  CB  . PHE A 1 84  ? -9.015  5.841   -0.936  1.00 10.23 ? 254 PHE A CB  1 
ATOM   670  C  CG  . PHE A 1 84  ? -8.996  4.930   0.261   1.00 9.89  ? 254 PHE A CG  1 
ATOM   671  C  CD1 . PHE A 1 84  ? -9.328  3.592   0.122   1.00 9.72  ? 254 PHE A CD1 1 
ATOM   672  C  CD2 . PHE A 1 84  ? -8.712  5.422   1.533   1.00 9.88  ? 254 PHE A CD2 1 
ATOM   673  C  CE1 . PHE A 1 84  ? -9.363  2.751   1.222   1.00 9.66  ? 254 PHE A CE1 1 
ATOM   674  C  CE2 . PHE A 1 84  ? -8.764  4.587   2.635   1.00 9.64  ? 254 PHE A CE2 1 
ATOM   675  C  CZ  . PHE A 1 84  ? -9.070  3.247   2.476   1.00 9.80  ? 254 PHE A CZ  1 
ATOM   676  N  N   . SER A 1 85  ? -10.995 7.639   0.619   1.00 9.87  ? 255 SER A N   1 
ATOM   677  C  CA  . SER A 1 85  ? -11.638 7.830   1.924   1.00 10.25 ? 255 SER A CA  1 
ATOM   678  C  C   . SER A 1 85  ? -13.140 8.020   1.785   1.00 10.46 ? 255 SER A C   1 
ATOM   679  O  O   . SER A 1 85  ? -13.910 7.522   2.601   1.00 10.05 ? 255 SER A O   1 
ATOM   680  C  CB  . SER A 1 85  ? -11.045 9.007   2.703   1.00 10.52 ? 255 SER A CB  1 
ATOM   681  O  OG  . SER A 1 85  ? -9.661  8.835   2.920   1.00 10.77 ? 255 SER A OG  1 
ATOM   682  N  N   . ASP A 1 86  ? -13.552 8.728   0.742   1.00 10.77 ? 256 ASP A N   1 
ATOM   683  C  CA  . ASP A 1 86  ? -14.970 9.033   0.554   1.00 11.64 ? 256 ASP A CA  1 
ATOM   684  C  C   . ASP A 1 86  ? -15.681 7.893   -0.188  1.00 12.81 ? 256 ASP A C   1 
ATOM   685  O  O   . ASP A 1 86  ? -16.089 8.020   -1.335  1.00 14.21 ? 256 ASP A O   1 
ATOM   686  C  CB  . ASP A 1 86  ? -15.110 10.373  -0.176  1.00 11.83 ? 256 ASP A CB  1 
ATOM   687  C  CG  . ASP A 1 86  ? -16.521 10.912  -0.153  1.00 12.66 ? 256 ASP A CG  1 
ATOM   688  O  OD1 . ASP A 1 86  ? -17.343 10.445  0.650   1.00 13.47 ? 256 ASP A OD1 1 
ATOM   689  O  OD2 . ASP A 1 86  ? -16.802 11.812  -0.958  1.00 13.74 ? 256 ASP A OD2 1 
ATOM   690  N  N   . GLY A 1 87  ? -15.814 6.779   0.512   1.00 13.74 ? 257 GLY A N   1 
ATOM   691  C  CA  . GLY A 1 87  ? -16.480 5.587   -0.010  1.00 14.55 ? 257 GLY A CA  1 
ATOM   692  C  C   . GLY A 1 87  ? -16.565 4.541   1.084   1.00 15.84 ? 257 GLY A C   1 
ATOM   693  O  O   . GLY A 1 87  ? -15.860 4.632   2.081   1.00 16.19 ? 257 GLY A O   1 
ATOM   694  N  N   . VAL A 1 88  ? -17.402 3.520   0.905   1.00 17.26 ? 258 VAL A N   1 
ATOM   695  C  CA  . VAL A 1 88  ? -17.511 2.469   1.919   1.00 17.55 ? 258 VAL A CA  1 
ATOM   696  C  C   . VAL A 1 88  ? -16.192 1.704   1.932   1.00 16.46 ? 258 VAL A C   1 
ATOM   697  O  O   . VAL A 1 88  ? -15.588 1.482   0.903   1.00 19.37 ? 258 VAL A O   1 
ATOM   698  C  CB  . VAL A 1 88  ? -18.740 1.555   1.692   1.00 18.57 ? 258 VAL A CB  1 
ATOM   699  C  CG1 . VAL A 1 88  ? -18.713 0.345   2.618   1.00 19.25 ? 258 VAL A CG1 1 
ATOM   700  C  CG2 . VAL A 1 88  ? -20.024 2.352   1.896   1.00 19.23 ? 258 VAL A CG2 1 
ATOM   701  N  N   . THR A 1 89  ? -15.722 1.375   3.117   1.00 14.06 ? 259 THR A N   1 
ATOM   702  C  CA  . THR A 1 89  ? -14.431 0.749   3.295   1.00 13.53 ? 259 THR A CA  1 
ATOM   703  C  C   . THR A 1 89  ? -14.547 -0.769  3.315   1.00 12.12 ? 259 THR A C   1 
ATOM   704  O  O   . THR A 1 89  ? -15.432 -1.342  3.957   1.00 12.45 ? 259 THR A O   1 
ATOM   705  C  CB  . THR A 1 89  ? -13.820 1.197   4.623   1.00 14.09 ? 259 THR A CB  1 
ATOM   706  O  OG1 . THR A 1 89  ? -13.913 2.629   4.713   1.00 15.87 ? 259 THR A OG1 1 
ATOM   707  C  CG2 . THR A 1 89  ? -12.365 0.746   4.746   1.00 14.94 ? 259 THR A CG2 1 
ATOM   708  N  N   . ASN A 1 90  ? -13.641 -1.414  2.598   1.00 11.25 ? 260 ASN A N   1 
ATOM   709  C  CA  . ASN A 1 90  ? -13.468 -2.854  2.681   1.00 10.85 ? 260 ASN A CA  1 
ATOM   710  C  C   . ASN A 1 90  ? -12.009 -3.148  2.354   1.00 10.25 ? 260 ASN A C   1 
ATOM   711  O  O   . ASN A 1 90  ? -11.272 -2.269  1.903   1.00 9.63  ? 260 ASN A O   1 
ATOM   712  C  CB  . ASN A 1 90  ? -14.439 -3.620  1.770   1.00 11.15 ? 260 ASN A CB  1 
ATOM   713  C  CG  . ASN A 1 90  ? -14.409 -3.161  0.335   1.00 11.93 ? 260 ASN A CG  1 
ATOM   714  O  OD1 . ASN A 1 90  ? -13.368 -3.208  -0.320  1.00 12.60 ? 260 ASN A OD1 1 
ATOM   715  N  ND2 . ASN A 1 90  ? -15.569 -2.757  -0.176  1.00 13.36 ? 260 ASN A ND2 1 
ATOM   716  N  N   . TRP A 1 91  ? -11.571 -4.378  2.584   1.00 10.28 ? 261 TRP A N   1 
ATOM   717  C  CA  . TRP A 1 91  ? -10.171 -4.716  2.360   1.00 10.01 ? 261 TRP A CA  1 
ATOM   718  C  C   . TRP A 1 91  ? -9.783  -4.583  0.905   1.00 9.84  ? 261 TRP A C   1 
ATOM   719  O  O   . TRP A 1 91  ? -8.660  -4.194  0.614   1.00 9.67  ? 261 TRP A O   1 
ATOM   720  C  CB  . TRP A 1 91  ? -9.845  -6.125  2.884   1.00 10.32 ? 261 TRP A CB  1 
ATOM   721  C  CG  . TRP A 1 91  ? -9.717  -6.229  4.395   1.00 10.74 ? 261 TRP A CG  1 
ATOM   722  C  CD1 . TRP A 1 91  ? -10.468 -7.015  5.266   1.00 11.21 ? 261 TRP A CD1 1 
ATOM   723  C  CD2 . TRP A 1 91  ? -8.764  -5.508  5.253   1.00 10.88 ? 261 TRP A CD2 1 
ATOM   724  N  NE1 . TRP A 1 91  ? -10.047 -6.849  6.564   1.00 11.32 ? 261 TRP A NE1 1 
ATOM   725  C  CE2 . TRP A 1 91  ? -9.030  -5.944  6.625   1.00 11.24 ? 261 TRP A CE2 1 
ATOM   726  C  CE3 . TRP A 1 91  ? -7.760  -4.570  5.030   1.00 11.16 ? 261 TRP A CE3 1 
ATOM   727  C  CZ2 . TRP A 1 91  ? -8.286  -5.461  7.700   1.00 11.48 ? 261 TRP A CZ2 1 
ATOM   728  C  CZ3 . TRP A 1 91  ? -7.029  -4.087  6.122   1.00 11.42 ? 261 TRP A CZ3 1 
ATOM   729  C  CH2 . TRP A 1 91  ? -7.296  -4.520  7.426   1.00 11.66 ? 261 TRP A CH2 1 
ATOM   730  N  N   . GLY A 1 92  ? -10.711 -4.874  -0.013  1.00 9.80  ? 262 GLY A N   1 
ATOM   731  C  CA  . GLY A 1 92  ? -10.430 -4.732  -1.433  1.00 9.93  ? 262 GLY A CA  1 
ATOM   732  C  C   . GLY A 1 92  ? -10.027 -3.307  -1.799  1.00 9.90  ? 262 GLY A C   1 
ATOM   733  O  O   . GLY A 1 92  ? -9.051  -3.091  -2.511  1.00 10.28 ? 262 GLY A O   1 
ATOM   734  N  N   . ARG A 1 93  ? -10.763 -2.336  -1.282  1.00 9.89  ? 263 ARG A N   1 
ATOM   735  C  CA  . ARG A 1 93  ? -10.444 -0.920  -1.549  1.00 10.18 ? 263 ARG A CA  1 
ATOM   736  C  C   . ARG A 1 93  ? -9.121  -0.508  -0.917  1.00 9.56  ? 263 ARG A C   1 
ATOM   737  O  O   . ARG A 1 93  ? -8.396  0.292   -1.491  1.00 9.58  ? 263 ARG A O   1 
ATOM   738  C  CB  . ARG A 1 93  ? -11.565 -0.013  -1.064  1.00 11.19 ? 263 ARG A CB  1 
ATOM   739  C  CG  . ARG A 1 93  ? -12.795 -0.155  -1.923  1.00 12.55 ? 263 ARG A CG  1 
ATOM   740  C  CD  . ARG A 1 93  ? -13.950 0.646   -1.358  1.00 14.43 ? 263 ARG A CD  1 
ATOM   741  N  NE  . ARG A 1 93  ? -13.632 2.063   -1.144  1.00 16.59 ? 263 ARG A NE  1 
ATOM   742  C  CZ  . ARG A 1 93  ? -13.584 2.964   -2.116  1.00 17.31 ? 263 ARG A CZ  1 
ATOM   743  N  NH1 . ARG A 1 93  ? -13.316 4.233   -1.830  1.00 19.59 ? 263 ARG A NH1 1 
ATOM   744  N  NH2 . ARG A 1 93  ? -13.814 2.595   -3.368  1.00 18.38 ? 263 ARG A NH2 1 
ATOM   745  N  N   . ILE A 1 94  ? -8.808  -1.057  0.260   1.00 9.62  ? 264 ILE A N   1 
ATOM   746  C  CA  . ILE A 1 94  ? -7.518  -0.811  0.898   1.00 9.57  ? 264 ILE A CA  1 
ATOM   747  C  C   . ILE A 1 94  ? -6.367  -1.386  0.060   1.00 9.51  ? 264 ILE A C   1 
ATOM   748  O  O   . ILE A 1 94  ? -5.340  -0.742  -0.131  1.00 9.45  ? 264 ILE A O   1 
ATOM   749  C  CB  . ILE A 1 94  ? -7.514  -1.331  2.354   1.00 9.46  ? 264 ILE A CB  1 
ATOM   750  C  CG1 . ILE A 1 94  ? -8.448  -0.460  3.203   1.00 9.75  ? 264 ILE A CG1 1 
ATOM   751  C  CG2 . ILE A 1 94  ? -6.098  -1.344  2.923   1.00 9.70  ? 264 ILE A CG2 1 
ATOM   752  C  CD1 . ILE A 1 94  ? -8.829  -1.061  4.540   1.00 9.51  ? 264 ILE A CD1 1 
ATOM   753  N  N   . VAL A 1 95  ? -6.536  -2.600  -0.444  1.00 9.70  ? 265 VAL A N   1 
ATOM   754  C  CA  . VAL A 1 95  ? -5.541  -3.164  -1.332  1.00 10.00 ? 265 VAL A CA  1 
ATOM   755  C  C   . VAL A 1 95  ? -5.400  -2.354  -2.627  1.00 10.15 ? 265 VAL A C   1 
ATOM   756  O  O   . VAL A 1 95  ? -4.282  -2.184  -3.119  1.00 10.44 ? 265 VAL A O   1 
ATOM   757  C  CB  . VAL A 1 95  ? -5.854  -4.643  -1.631  1.00 10.24 ? 265 VAL A CB  1 
ATOM   758  C  CG1 . VAL A 1 95  ? -4.959  -5.169  -2.748  1.00 10.66 ? 265 VAL A CG1 1 
ATOM   759  C  CG2 . VAL A 1 95  ? -5.704  -5.461  -0.356  1.00 10.48 ? 265 VAL A CG2 1 
ATOM   760  N  N   . THR A 1 96  ? -6.496  -1.833  -3.175  1.00 9.80  ? 266 THR A N   1 
ATOM   761  C  CA  . THR A 1 96  ? -6.406  -1.019  -4.389  1.00 9.82  ? 266 THR A CA  1 
ATOM   762  C  C   . THR A 1 96  ? -5.646  0.270   -4.103  1.00 9.56  ? 266 THR A C   1 
ATOM   763  O  O   . THR A 1 96  ? -4.794  0.676   -4.878  1.00 9.60  ? 266 THR A O   1 
ATOM   764  C  CB  . THR A 1 96  ? -7.782  -0.691  -4.999  1.00 10.34 ? 266 THR A CB  1 
ATOM   765  O  OG1 . THR A 1 96  ? -8.460  -1.916  -5.334  1.00 11.80 ? 266 THR A OG1 1 
ATOM   766  C  CG2 . THR A 1 96  ? -7.611  0.177   -6.257  1.00 10.52 ? 266 THR A CG2 1 
ATOM   767  N  N   . LEU A 1 97  ? -5.930  0.900   -2.968  1.00 9.16  ? 267 LEU A N   1 
ATOM   768  C  CA  . LEU A 1 97  ? -5.171  2.067   -2.523  1.00 9.17  ? 267 LEU A CA  1 
ATOM   769  C  C   . LEU A 1 97  ? -3.671  1.782   -2.514  1.00 9.32  ? 267 LEU A C   1 
ATOM   770  O  O   . LEU A 1 97  ? -2.866  2.524   -3.100  1.00 9.19  ? 267 LEU A O   1 
ATOM   771  C  CB  . LEU A 1 97  ? -5.628  2.470   -1.117  1.00 9.20  ? 267 LEU A CB  1 
ATOM   772  C  CG  . LEU A 1 97  ? -4.809  3.555   -0.396  1.00 8.82  ? 267 LEU A CG  1 
ATOM   773  C  CD1 . LEU A 1 97  ? -5.091  4.945   -0.978  1.00 9.21  ? 267 LEU A CD1 1 
ATOM   774  C  CD2 . LEU A 1 97  ? -5.098  3.555   1.104   1.00 9.05  ? 267 LEU A CD2 1 
ATOM   775  N  N   . ILE A 1 98  ? -3.283  0.711   -1.834  1.00 9.13  ? 268 ILE A N   1 
ATOM   776  C  CA  . ILE A 1 98  ? -1.865  0.385   -1.674  1.00 9.59  ? 268 ILE A CA  1 
ATOM   777  C  C   . ILE A 1 98  ? -1.245  -0.082  -3.004  1.00 9.68  ? 268 ILE A C   1 
ATOM   778  O  O   . ILE A 1 98  ? -0.104  0.280   -3.320  1.00 10.09 ? 268 ILE A O   1 
ATOM   779  C  CB  . ILE A 1 98  ? -1.676  -0.672  -0.556  1.00 9.80  ? 268 ILE A CB  1 
ATOM   780  C  CG1 . ILE A 1 98  ? -2.072  -0.078  0.799   1.00 10.01 ? 268 ILE A CG1 1 
ATOM   781  C  CG2 . ILE A 1 98  ? -0.238  -1.189  -0.491  1.00 10.18 ? 268 ILE A CG2 1 
ATOM   782  C  CD1 . ILE A 1 98  ? -2.285  -1.124  1.874   1.00 10.12 ? 268 ILE A CD1 1 
ATOM   783  N  N   . SER A 1 99  ? -1.995  -0.868  -3.774  1.00 9.63  ? 269 SER A N   1 
ATOM   784  C  CA  . SER A 1 99  ? -1.536  -1.395  -5.072  1.00 9.89  ? 269 SER A CA  1 
ATOM   785  C  C   . SER A 1 99  ? -1.312  -0.284  -6.102  1.00 9.75  ? 269 SER A C   1 
ATOM   786  O  O   . SER A 1 99  ? -0.341  -0.317  -6.864  1.00 9.67  ? 269 SER A O   1 
ATOM   787  C  CB  . SER A 1 99  ? -2.527  -2.429  -5.622  1.00 10.28 ? 269 SER A CB  1 
ATOM   788  O  OG  . SER A 1 99  ? -2.655  -3.555  -4.765  1.00 11.79 ? 269 SER A OG  1 
ATOM   789  N  N   . PHE A 1 100 ? -2.198  0.703   -6.135  1.00 9.94  ? 270 PHE A N   1 
ATOM   790  C  CA  . PHE A 1 100 ? -1.963  1.843   -6.997  1.00 10.22 ? 270 PHE A CA  1 
ATOM   791  C  C   . PHE A 1 100 ? -0.776  2.634   -6.487  1.00 10.72 ? 270 PHE A C   1 
ATOM   792  O  O   . PHE A 1 100 ? 0.006   3.161   -7.272  1.00 11.05 ? 270 PHE A O   1 
ATOM   793  C  CB  . PHE A 1 100 ? -3.196  2.735   -7.166  1.00 10.45 ? 270 PHE A CB  1 
ATOM   794  C  CG  . PHE A 1 100 ? -3.005  3.781   -8.231  1.00 11.02 ? 270 PHE A CG  1 
ATOM   795  C  CD1 . PHE A 1 100 ? -3.004  3.424   -9.572  1.00 11.48 ? 270 PHE A CD1 1 
ATOM   796  C  CD2 . PHE A 1 100 ? -2.750  5.091   -7.904  1.00 11.71 ? 270 PHE A CD2 1 
ATOM   797  C  CE1 . PHE A 1 100 ? -2.790  4.370   -10.562 1.00 11.66 ? 270 PHE A CE1 1 
ATOM   798  C  CE2 . PHE A 1 100 ? -2.537  6.043   -8.886  1.00 12.03 ? 270 PHE A CE2 1 
ATOM   799  C  CZ  . PHE A 1 100 ? -2.559  5.683   -10.217 1.00 12.32 ? 270 PHE A CZ  1 
ATOM   800  N  N   . GLY A 1 101 ? -0.608  2.711   -5.171  1.00 10.87 ? 271 GLY A N   1 
ATOM   801  C  CA  . GLY A 1 101 ? 0.616   3.281   -4.620  1.00 10.94 ? 271 GLY A CA  1 
ATOM   802  C  C   . GLY A 1 101 ? 1.879   2.607   -5.151  1.00 11.11 ? 271 GLY A C   1 
ATOM   803  O  O   . GLY A 1 101 ? 2.869   3.285   -5.503  1.00 12.17 ? 271 GLY A O   1 
ATOM   804  N  N   . ALA A 1 102 ? 1.865   1.278   -5.217  1.00 10.98 ? 272 ALA A N   1 
ATOM   805  C  CA  . ALA A 1 102 ? 3.019   0.533   -5.744  1.00 10.97 ? 272 ALA A CA  1 
ATOM   806  C  C   . ALA A 1 102 ? 3.201   0.841   -7.232  1.00 11.17 ? 272 ALA A C   1 
ATOM   807  O  O   . ALA A 1 102 ? 4.326   0.942   -7.710  1.00 11.47 ? 272 ALA A O   1 
ATOM   808  C  CB  . ALA A 1 102 ? 2.874   -0.962  -5.513  1.00 11.53 ? 272 ALA A CB  1 
ATOM   809  N  N   . PHE A 1 103 ? 2.092   0.990   -7.952  1.00 11.35 ? 273 PHE A N   1 
ATOM   810  C  CA  . PHE A 1 103 ? 2.126   1.347   -9.377  1.00 11.80 ? 273 PHE A CA  1 
ATOM   811  C  C   . PHE A 1 103 ? 2.797   2.709   -9.551  1.00 12.28 ? 273 PHE A C   1 
ATOM   812  O  O   . PHE A 1 103 ? 3.651   2.891   -10.434 1.00 13.05 ? 273 PHE A O   1 
ATOM   813  C  CB  . PHE A 1 103 ? 0.688   1.325   -9.938  1.00 11.67 ? 273 PHE A CB  1 
ATOM   814  C  CG  . PHE A 1 103 ? 0.593   1.270   -11.438 1.00 12.17 ? 273 PHE A CG  1 
ATOM   815  C  CD1 . PHE A 1 103 ? 0.743   0.070   -12.107 1.00 12.70 ? 273 PHE A CD1 1 
ATOM   816  C  CD2 . PHE A 1 103 ? 0.284   2.398   -12.159 1.00 12.48 ? 273 PHE A CD2 1 
ATOM   817  C  CE1 . PHE A 1 103 ? 0.633   0.012   -13.486 1.00 12.92 ? 273 PHE A CE1 1 
ATOM   818  C  CE2 . PHE A 1 103 ? 0.173   2.349   -13.549 1.00 12.30 ? 273 PHE A CE2 1 
ATOM   819  C  CZ  . PHE A 1 103 ? 0.346   1.149   -14.198 1.00 12.77 ? 273 PHE A CZ  1 
ATOM   820  N  N   . VAL A 1 104 ? 2.440   3.657   -8.695  1.00 12.61 ? 274 VAL A N   1 
ATOM   821  C  CA  . VAL A 1 104 ? 3.067   4.982   -8.704  1.00 13.21 ? 274 VAL A CA  1 
ATOM   822  C  C   . VAL A 1 104 ? 4.545   4.888   -8.302  1.00 14.27 ? 274 VAL A C   1 
ATOM   823  O  O   . VAL A 1 104 ? 5.403   5.555   -8.894  1.00 15.05 ? 274 VAL A O   1 
ATOM   824  C  CB  . VAL A 1 104 ? 2.311   5.977   -7.802  1.00 13.45 ? 274 VAL A CB  1 
ATOM   825  C  CG1 . VAL A 1 104 ? 3.057   7.305   -7.718  1.00 13.39 ? 274 VAL A CG1 1 
ATOM   826  C  CG2 . VAL A 1 104 ? 0.887   6.178   -8.291  1.00 13.79 ? 274 VAL A CG2 1 
ATOM   827  N  N   . ALA A 1 105 ? 4.865   4.052   -7.322  1.00 14.28 ? 275 ALA A N   1 
ATOM   828  C  CA  . ALA A 1 105 ? 6.262   3.884   -6.879  1.00 14.90 ? 275 ALA A CA  1 
ATOM   829  C  C   . ALA A 1 105 ? 7.151   3.358   -8.015  1.00 15.80 ? 275 ALA A C   1 
ATOM   830  O  O   . ALA A 1 105 ? 8.296   3.802   -8.189  1.00 17.23 ? 275 ALA A O   1 
ATOM   831  C  CB  . ALA A 1 105 ? 6.340   2.960   -5.664  1.00 15.04 ? 275 ALA A CB  1 
ATOM   832  N  N   . LYS A 1 106 ? 6.638   2.404   -8.782  1.00 16.26 ? 276 LYS A N   1 
ATOM   833  C  CA  . LYS A 1 106 ? 7.394   1.883   -9.929  1.00 17.25 ? 276 LYS A CA  1 
ATOM   834  C  C   . LYS A 1 106 ? 7.620   2.980   -10.956 1.00 17.42 ? 276 LYS A C   1 
ATOM   835  O  O   . LYS A 1 106 ? 8.713   3.089   -11.531 1.00 17.42 ? 276 LYS A O   1 
ATOM   836  C  CB  . LYS A 1 106 ? 6.673   0.705   -10.558 1.00 17.76 ? 276 LYS A CB  1 
ATOM   837  C  CG  . LYS A 1 106 ? 6.793   -0.542  -9.713  1.00 18.79 ? 276 LYS A CG  1 
ATOM   838  C  CD  . LYS A 1 106 ? 6.212   -1.760  -10.393 1.00 20.74 ? 276 LYS A CD  1 
ATOM   839  C  CE  . LYS A 1 106 ? 4.714   -1.831  -10.216 1.00 21.65 ? 276 LYS A CE  1 
ATOM   840  N  NZ  . LYS A 1 106 ? 4.231   -3.171  -10.631 1.00 23.47 ? 276 LYS A NZ  1 
ATOM   841  N  N   . HIS A 1 107 ? 6.604   3.804   -11.179 1.00 17.54 ? 277 HIS A N   1 
ATOM   842  C  CA  . HIS A 1 107 ? 6.741   4.947   -12.061 1.00 18.21 ? 277 HIS A CA  1 
ATOM   843  C  C   . HIS A 1 107 ? 7.801   5.900   -11.571 1.00 18.68 ? 277 HIS A C   1 
ATOM   844  O  O   . HIS A 1 107 ? 8.608   6.384   -12.364 1.00 18.12 ? 277 HIS A O   1 
ATOM   845  C  CB  . HIS A 1 107 ? 5.402   5.634   -12.219 1.00 18.62 ? 277 HIS A CB  1 
ATOM   846  C  CG  . HIS A 1 107 ? 5.485   6.981   -12.862 1.00 20.20 ? 277 HIS A CG  1 
ATOM   847  N  ND1 . HIS A 1 107 ? 5.682   7.136   -14.178 1.00 21.70 ? 277 HIS A ND1 1 
ATOM   848  C  CD2 . HIS A 1 107 ? 5.395   8.257   -12.316 1.00 21.06 ? 277 HIS A CD2 1 
ATOM   849  C  CE1 . HIS A 1 107 ? 5.708   8.452   -14.468 1.00 21.53 ? 277 HIS A CE1 1 
ATOM   850  N  NE2 . HIS A 1 107 ? 5.528   9.135   -13.327 1.00 22.16 ? 277 HIS A NE2 1 
ATOM   851  N  N   . LEU A 1 108 ? 7.851   6.148   -10.263 1.00 18.37 ? 278 LEU A N   1 
ATOM   852  C  CA  . LEU A 1 108 ? 8.875   7.032   -9.697  1.00 19.55 ? 278 LEU A CA  1 
ATOM   853  C  C   . LEU A 1 108 ? 10.280  6.496   -9.944  1.00 20.80 ? 278 LEU A C   1 
ATOM   854  O  O   . LEU A 1 108 ? 11.214  7.265   -10.186 1.00 20.76 ? 278 LEU A O   1 
ATOM   855  C  CB  . LEU A 1 108 ? 8.622   7.258   -8.201  1.00 19.23 ? 278 LEU A CB  1 
ATOM   856  C  CG  . LEU A 1 108 ? 7.368   8.085   -7.902  1.00 18.62 ? 278 LEU A CG  1 
ATOM   857  C  CD1 . LEU A 1 108 ? 7.046   8.061   -6.409  1.00 19.09 ? 278 LEU A CD1 1 
ATOM   858  C  CD2 . LEU A 1 108 ? 7.500   9.520   -8.379  1.00 19.07 ? 278 LEU A CD2 1 
ATOM   859  N  N   . LYS A 1 109 ? 10.436  5.183   -9.876  1.00 22.80 ? 279 LYS A N   1 
ATOM   860  C  CA  . LYS A 1 109 ? 11.724  4.559   -10.169 1.00 24.58 ? 279 LYS A CA  1 
ATOM   861  C  C   . LYS A 1 109 ? 12.091  4.759   -11.641 1.00 24.48 ? 279 LYS A C   1 
ATOM   862  O  O   . LYS A 1 109 ? 13.239  5.093   -11.948 1.00 25.46 ? 279 LYS A O   1 
ATOM   863  C  CB  . LYS A 1 109 ? 11.715  3.070   -9.813  1.00 27.22 ? 279 LYS A CB  1 
ATOM   864  C  CG  . LYS A 1 109 ? 13.099  2.484   -9.562  1.00 29.46 ? 279 LYS A CG  1 
ATOM   865  C  CD  . LYS A 1 109 ? 13.663  1.744   -10.763 1.00 31.17 ? 279 LYS A CD  1 
ATOM   866  C  CE  . LYS A 1 109 ? 15.168  1.536   -10.634 1.00 32.03 ? 279 LYS A CE  1 
ATOM   867  N  NZ  . LYS A 1 109 ? 15.596  1.143   -9.263  1.00 33.99 ? 279 LYS A NZ  1 
ATOM   868  N  N   . THR A 1 110 ? 11.119  4.593   -12.541 1.00 24.96 ? 280 THR A N   1 
ATOM   869  C  CA  . THR A 1 110 ? 11.389  4.689   -13.989 1.00 25.36 ? 280 THR A CA  1 
ATOM   870  C  C   . THR A 1 110 ? 11.786  6.101   -14.420 1.00 26.38 ? 280 THR A C   1 
ATOM   871  O  O   . THR A 1 110 ? 12.522  6.262   -15.398 1.00 27.52 ? 280 THR A O   1 
ATOM   872  C  CB  . THR A 1 110 ? 10.202  4.213   -14.869 1.00 26.51 ? 280 THR A CB  1 
ATOM   873  O  OG1 . THR A 1 110 ? 9.127   5.160   -14.825 1.00 29.17 ? 280 THR A OG1 1 
ATOM   874  C  CG2 . THR A 1 110 ? 9.723   2.834   -14.441 1.00 25.58 ? 280 THR A CG2 1 
ATOM   875  N  N   . ILE A 1 111 ? 11.299  7.114   -13.705 1.00 24.78 ? 281 ILE A N   1 
ATOM   876  C  CA  . ILE A 1 111 ? 11.701  8.504   -13.949 1.00 24.74 ? 281 ILE A CA  1 
ATOM   877  C  C   . ILE A 1 111 ? 12.804  8.982   -12.990 1.00 24.63 ? 281 ILE A C   1 
ATOM   878  O  O   . ILE A 1 111 ? 13.020  10.176  -12.847 1.00 24.79 ? 281 ILE A O   1 
ATOM   879  C  CB  . ILE A 1 111 ? 10.491  9.471   -13.910 1.00 23.43 ? 281 ILE A CB  1 
ATOM   880  C  CG1 . ILE A 1 111 ? 9.903   9.615   -12.497 1.00 23.24 ? 281 ILE A CG1 1 
ATOM   881  C  CG2 . ILE A 1 111 ? 9.400   9.016   -14.870 1.00 23.73 ? 281 ILE A CG2 1 
ATOM   882  C  CD1 . ILE A 1 111 ? 8.863   10.712  -12.403 1.00 21.91 ? 281 ILE A CD1 1 
ATOM   883  N  N   . ASN A 1 112 ? 13.492  8.047   -12.333 1.00 26.72 ? 282 ASN A N   1 
ATOM   884  C  CA  . ASN A 1 112 ? 14.609  8.374   -11.439 1.00 28.05 ? 282 ASN A CA  1 
ATOM   885  C  C   . ASN A 1 112 ? 14.261  9.386   -10.342 1.00 28.41 ? 282 ASN A C   1 
ATOM   886  O  O   . ASN A 1 112 ? 15.034  10.310  -10.052 1.00 26.79 ? 282 ASN A O   1 
ATOM   887  C  CB  . ASN A 1 112 ? 15.802  8.870   -12.262 1.00 29.81 ? 282 ASN A CB  1 
ATOM   888  C  CG  . ASN A 1 112 ? 16.130  7.946   -13.415 1.00 31.39 ? 282 ASN A CG  1 
ATOM   889  O  OD1 . ASN A 1 112 ? 16.309  6.742   -13.224 1.00 33.95 ? 282 ASN A OD1 1 
ATOM   890  N  ND2 . ASN A 1 112 ? 16.201  8.500   -14.621 1.00 33.49 ? 282 ASN A ND2 1 
ATOM   891  N  N   . GLN A 1 113 ? 13.091  9.195   -9.735  1.00 26.79 ? 283 GLN A N   1 
ATOM   892  C  CA  . GLN A 1 113 ? 12.656  9.982   -8.590  1.00 27.28 ? 283 GLN A CA  1 
ATOM   893  C  C   . GLN A 1 113 ? 12.409  9.043   -7.416  1.00 25.83 ? 283 GLN A C   1 
ATOM   894  O  O   . GLN A 1 113 ? 11.406  9.172   -6.704  1.00 25.23 ? 283 GLN A O   1 
ATOM   895  C  CB  . GLN A 1 113 ? 11.381  10.756  -8.934  1.00 28.28 ? 283 GLN A CB  1 
ATOM   896  C  CG  . GLN A 1 113 ? 11.563  11.808  -10.015 1.00 29.79 ? 283 GLN A CG  1 
ATOM   897  C  CD  . GLN A 1 113 ? 12.307  13.031  -9.521  1.00 31.47 ? 283 GLN A CD  1 
ATOM   898  O  OE1 . GLN A 1 113 ? 13.230  13.515  -10.179 1.00 33.85 ? 283 GLN A OE1 1 
ATOM   899  N  NE2 . GLN A 1 113 ? 11.909  13.542  -8.360  1.00 31.06 ? 283 GLN A NE2 1 
ATOM   900  N  N   . GLU A 1 114 ? 13.335  8.105   -7.207  1.00 25.96 ? 284 GLU A N   1 
ATOM   901  C  CA  . GLU A 1 114 ? 13.188  7.098   -6.160  1.00 26.78 ? 284 GLU A CA  1 
ATOM   902  C  C   . GLU A 1 114 ? 13.058  7.717   -4.774  1.00 25.06 ? 284 GLU A C   1 
ATOM   903  O  O   . GLU A 1 114 ? 12.447  7.119   -3.893  1.00 23.61 ? 284 GLU A O   1 
ATOM   904  C  CB  . GLU A 1 114 ? 14.354  6.101   -6.168  1.00 29.84 ? 284 GLU A CB  1 
ATOM   905  C  CG  . GLU A 1 114 ? 14.324  5.093   -7.306  1.00 32.59 ? 284 GLU A CG  1 
ATOM   906  C  CD  . GLU A 1 114 ? 15.499  4.128   -7.275  1.00 35.64 ? 284 GLU A CD  1 
ATOM   907  O  OE1 . GLU A 1 114 ? 15.972  3.786   -6.169  1.00 37.94 ? 284 GLU A OE1 1 
ATOM   908  O  OE2 . GLU A 1 114 ? 15.949  3.695   -8.361  1.00 38.80 ? 284 GLU A OE2 1 
ATOM   909  N  N   . SER A 1 115 ? 13.628  8.907   -4.581  1.00 23.23 ? 285 SER A N   1 
ATOM   910  C  CA  . SER A 1 115 ? 13.566  9.588   -3.288  1.00 22.82 ? 285 SER A CA  1 
ATOM   911  C  C   . SER A 1 115 ? 12.145  9.959   -2.885  1.00 21.24 ? 285 SER A C   1 
ATOM   912  O  O   . SER A 1 115 ? 11.888  10.243  -1.714  1.00 21.52 ? 285 SER A O   1 
ATOM   913  C  CB  . SER A 1 115 ? 14.433  10.856  -3.296  1.00 23.49 ? 285 SER A CB  1 
ATOM   914  O  OG  . SER A 1 115 ? 13.898  11.837  -4.165  1.00 26.85 ? 285 SER A OG  1 
ATOM   915  N  N   . CYS A 1 116 ? 11.222  9.981   -3.848  1.00 19.15 ? 286 CYS A N   1 
ATOM   916  C  CA  . CYS A 1 116 ? 9.826   10.301  -3.539  1.00 18.37 ? 286 CYS A CA  1 
ATOM   917  C  C   . CYS A 1 116 ? 9.026   9.115   -3.033  1.00 17.45 ? 286 CYS A C   1 
ATOM   918  O  O   . CYS A 1 116 ? 7.903   9.302   -2.572  1.00 17.34 ? 286 CYS A O   1 
ATOM   919  C  CB  . CYS A 1 116 ? 9.110   10.871  -4.756  1.00 18.21 ? 286 CYS A CB  1 
ATOM   920  S  SG  . CYS A 1 116 ? 9.838   12.407  -5.337  0.50 17.26 ? 286 CYS A SG  1 
ATOM   921  N  N   . ILE A 1 117 ? 9.592   7.916   -3.080  1.00 17.96 ? 287 ILE A N   1 
ATOM   922  C  CA  . ILE A 1 117 ? 8.834   6.718   -2.720  1.00 18.40 ? 287 ILE A CA  1 
ATOM   923  C  C   . ILE A 1 117 ? 8.489   6.694   -1.233  1.00 18.83 ? 287 ILE A C   1 
ATOM   924  O  O   . ILE A 1 117 ? 7.360   6.378   -0.866  1.00 17.92 ? 287 ILE A O   1 
ATOM   925  C  CB  . ILE A 1 117 ? 9.563   5.431   -3.141  1.00 18.93 ? 287 ILE A CB  1 
ATOM   926  C  CG1 . ILE A 1 117 ? 9.603   5.345   -4.675  1.00 19.71 ? 287 ILE A CG1 1 
ATOM   927  C  CG2 . ILE A 1 117 ? 8.885   4.208   -2.540  1.00 18.75 ? 287 ILE A CG2 1 
ATOM   928  C  CD1 . ILE A 1 117 ? 10.379  4.160   -5.211  1.00 19.54 ? 287 ILE A CD1 1 
ATOM   929  N  N   . GLU A 1 118 ? 9.441   7.032   -0.372  1.00 19.46 ? 288 GLU A N   1 
ATOM   930  C  CA  . GLU A 1 118 ? 9.152   7.048   1.059   1.00 19.93 ? 288 GLU A CA  1 
ATOM   931  C  C   . GLU A 1 118 ? 8.098   8.095   1.442   1.00 18.62 ? 288 GLU A C   1 
ATOM   932  O  O   . GLU A 1 118 ? 7.192   7.784   2.212   1.00 16.93 ? 288 GLU A O   1 
ATOM   933  C  CB  . GLU A 1 118 ? 10.435  7.218   1.875   1.00 23.23 ? 288 GLU A CB  1 
ATOM   934  C  CG  . GLU A 1 118 ? 11.172  5.909   2.086   1.00 26.66 ? 288 GLU A CG  1 
ATOM   935  C  CD  . GLU A 1 118 ? 10.557  5.040   3.174   1.00 30.32 ? 288 GLU A CD  1 
ATOM   936  O  OE1 . GLU A 1 118 ? 9.670   5.524   3.920   1.00 35.08 ? 288 GLU A OE1 1 
ATOM   937  O  OE2 . GLU A 1 118 ? 10.978  3.865   3.293   1.00 34.30 ? 288 GLU A OE2 1 
ATOM   938  N  N   . PRO A 1 119 ? 8.216   9.338   0.936   1.00 16.88 ? 289 PRO A N   1 
ATOM   939  C  CA  . PRO A 1 119 ? 7.145   10.310  1.200   1.00 17.03 ? 289 PRO A CA  1 
ATOM   940  C  C   . PRO A 1 119 ? 5.780   9.831   0.694   1.00 16.66 ? 289 PRO A C   1 
ATOM   941  O  O   . PRO A 1 119 ? 4.760   10.083  1.341   1.00 16.14 ? 289 PRO A O   1 
ATOM   942  C  CB  . PRO A 1 119 ? 7.601   11.567  0.448   1.00 17.96 ? 289 PRO A CB  1 
ATOM   943  C  CG  . PRO A 1 119 ? 9.072   11.425  0.340   1.00 18.09 ? 289 PRO A CG  1 
ATOM   944  C  CD  . PRO A 1 119 ? 9.429   9.975   0.386   1.00 17.84 ? 289 PRO A CD  1 
ATOM   945  N  N   . LEU A 1 120 ? 5.765   9.169   -0.460  1.00 15.85 ? 290 LEU A N   1 
ATOM   946  C  CA  . LEU A 1 120 ? 4.536   8.602   -1.012  1.00 15.44 ? 290 LEU A CA  1 
ATOM   947  C  C   . LEU A 1 120 ? 3.945   7.572   -0.045  1.00 14.64 ? 290 LEU A C   1 
ATOM   948  O  O   . LEU A 1 120 ? 2.735   7.610   0.259   1.00 13.60 ? 290 LEU A O   1 
ATOM   949  C  CB  . LEU A 1 120 ? 4.815   7.966   -2.378  1.00 16.11 ? 290 LEU A CB  1 
ATOM   950  C  CG  . LEU A 1 120 ? 3.686   7.194   -3.055  1.00 17.18 ? 290 LEU A CG  1 
ATOM   951  C  CD1 . LEU A 1 120 ? 2.625   8.170   -3.501  1.00 17.89 ? 290 LEU A CD1 1 
ATOM   952  C  CD2 . LEU A 1 120 ? 4.212   6.367   -4.215  1.00 17.80 ? 290 LEU A CD2 1 
ATOM   953  N  N   . ALA A 1 121 ? 4.785   6.661   0.436   1.00 14.12 ? 291 ALA A N   1 
ATOM   954  C  CA  . ALA A 1 121 ? 4.338   5.652   1.394   1.00 13.40 ? 291 ALA A CA  1 
ATOM   955  C  C   . ALA A 1 121 ? 3.783   6.290   2.662   1.00 13.63 ? 291 ALA A C   1 
ATOM   956  O  O   . ALA A 1 121 ? 2.786   5.844   3.200   1.00 13.00 ? 291 ALA A O   1 
ATOM   957  C  CB  . ALA A 1 121 ? 5.459   4.674   1.723   1.00 13.10 ? 291 ALA A CB  1 
ATOM   958  N  N   . GLU A 1 122 ? 4.434   7.336   3.145   1.00 13.62 ? 292 GLU A N   1 
ATOM   959  C  CA  . GLU A 1 122 ? 3.934   8.065   4.307   1.00 14.82 ? 292 GLU A CA  1 
ATOM   960  C  C   . GLU A 1 122 ? 2.553   8.699   4.037   1.00 13.99 ? 292 GLU A C   1 
ATOM   961  O  O   . GLU A 1 122 ? 1.665   8.652   4.883   1.00 13.17 ? 292 GLU A O   1 
ATOM   962  C  CB  . GLU A 1 122 ? 4.943   9.142   4.693   1.00 17.41 ? 292 GLU A CB  1 
ATOM   963  C  CG  . GLU A 1 122 ? 4.639   9.862   5.992   1.00 20.37 ? 292 GLU A CG  1 
ATOM   964  C  CD  . GLU A 1 122 ? 5.763   10.806  6.384   1.00 23.55 ? 292 GLU A CD  1 
ATOM   965  O  OE1 . GLU A 1 122 ? 6.469   11.314  5.482   1.00 28.03 ? 292 GLU A OE1 1 
ATOM   966  O  OE2 . GLU A 1 122 ? 5.940   11.038  7.596   1.00 28.01 ? 292 GLU A OE2 1 
ATOM   967  N  N   . SER A 1 123 ? 2.362   9.272   2.857   1.00 13.45 ? 293 SER A N   1 
ATOM   968  C  CA  . SER A 1 123 ? 1.075   9.866   2.500   1.00 13.41 ? 293 SER A CA  1 
ATOM   969  C  C   . SER A 1 123 ? -0.056  8.828   2.452   1.00 12.29 ? 293 SER A C   1 
ATOM   970  O  O   . SER A 1 123 ? -1.168  9.067   2.925   1.00 11.67 ? 293 SER A O   1 
ATOM   971  C  CB  . SER A 1 123 ? 1.172   10.595  1.155   1.00 15.08 ? 293 SER A CB  1 
ATOM   972  O  OG  . SER A 1 123 ? 2.133   11.636  1.205   1.00 18.54 ? 293 SER A OG  1 
ATOM   973  N  N   . ILE A 1 124 ? 0.220   7.671   1.865   1.00 11.11 ? 294 ILE A N   1 
ATOM   974  C  CA  . ILE A 1 124 ? -0.780  6.609   1.766   1.00 10.50 ? 294 ILE A CA  1 
ATOM   975  C  C   . ILE A 1 124 ? -1.127  6.138   3.182   1.00 10.17 ? 294 ILE A C   1 
ATOM   976  O  O   . ILE A 1 124 ? -2.292  5.949   3.512   1.00 9.45  ? 294 ILE A O   1 
ATOM   977  C  CB  . ILE A 1 124 ? -0.244  5.430   0.947   1.00 10.51 ? 294 ILE A CB  1 
ATOM   978  C  CG1 . ILE A 1 124 ? -0.067  5.800   -0.521  1.00 10.73 ? 294 ILE A CG1 1 
ATOM   979  C  CG2 . ILE A 1 124 ? -1.172  4.230   1.071   1.00 10.16 ? 294 ILE A CG2 1 
ATOM   980  C  CD1 . ILE A 1 124 ? 0.786   4.793   -1.253  1.00 11.32 ? 294 ILE A CD1 1 
ATOM   981  N  N   . THR A 1 125 ? -0.109  5.960   4.013   1.00 9.99  ? 295 THR A N   1 
ATOM   982  C  CA  . THR A 1 125 ? -0.322  5.515   5.386   1.00 10.26 ? 295 THR A CA  1 
ATOM   983  C  C   . THR A 1 125 ? -1.152  6.535   6.174   1.00 10.55 ? 295 THR A C   1 
ATOM   984  O  O   . THR A 1 125 ? -2.063  6.167   6.933   1.00 10.39 ? 295 THR A O   1 
ATOM   985  C  CB  . THR A 1 125 ? 1.001   5.246   6.112   1.00 10.24 ? 295 THR A CB  1 
ATOM   986  O  OG1 . THR A 1 125 ? 1.784   4.310   5.363   1.00 10.51 ? 295 THR A OG1 1 
ATOM   987  C  CG2 . THR A 1 125 ? 0.725   4.650   7.471   1.00 10.47 ? 295 THR A CG2 1 
ATOM   988  N  N   . ASP A 1 126 ? -0.841  7.813   6.008   1.00 11.13 ? 296 ASP A N   1 
ATOM   989  C  CA  . ASP A 1 126 ? -1.622  8.863   6.649   1.00 11.86 ? 296 ASP A CA  1 
ATOM   990  C  C   . ASP A 1 126 ? -3.084  8.783   6.261   1.00 11.22 ? 296 ASP A C   1 
ATOM   991  O  O   . ASP A 1 126 ? -3.971  8.847   7.103   1.00 11.34 ? 296 ASP A O   1 
ATOM   992  C  CB  . ASP A 1 126 ? -1.095  10.257  6.288   1.00 13.18 ? 296 ASP A CB  1 
ATOM   993  C  CG  . ASP A 1 126 ? 0.226   10.579  6.950   1.00 14.67 ? 296 ASP A CG  1 
ATOM   994  O  OD1 . ASP A 1 126 ? 0.572   9.947   7.972   1.00 15.69 ? 296 ASP A OD1 1 
ATOM   995  O  OD2 . ASP A 1 126 ? 0.906   11.493  6.437   1.00 17.74 ? 296 ASP A OD2 1 
ATOM   996  N  N   . VAL A 1 127 ? -3.360  8.668   4.973   1.00 10.80 ? 297 VAL A N   1 
ATOM   997  C  CA  . VAL A 1 127 ? -4.743  8.599   4.528   1.00 11.07 ? 297 VAL A CA  1 
ATOM   998  C  C   . VAL A 1 127 ? -5.433  7.353   5.099   1.00 10.56 ? 297 VAL A C   1 
ATOM   999  O  O   . VAL A 1 127 ? -6.535  7.428   5.640   1.00 10.49 ? 297 VAL A O   1 
ATOM   1000 C  CB  . VAL A 1 127 ? -4.842  8.664   3.004   1.00 11.31 ? 297 VAL A CB  1 
ATOM   1001 C  CG1 . VAL A 1 127 ? -6.248  8.291   2.523   1.00 12.55 ? 297 VAL A CG1 1 
ATOM   1002 C  CG2 . VAL A 1 127 ? -4.453  10.059  2.538   1.00 11.69 ? 297 VAL A CG2 1 
ATOM   1003 N  N   . LEU A 1 128 ? -4.788  6.198   4.998   1.00 10.06 ? 298 LEU A N   1 
ATOM   1004 C  CA  . LEU A 1 128 ? -5.401  4.962   5.472   1.00 9.89  ? 298 LEU A CA  1 
ATOM   1005 C  C   . LEU A 1 128 ? -5.661  4.998   6.976   1.00 9.87  ? 298 LEU A C   1 
ATOM   1006 O  O   . LEU A 1 128 ? -6.778  4.793   7.429   1.00 9.83  ? 298 LEU A O   1 
ATOM   1007 C  CB  . LEU A 1 128 ? -4.500  3.773   5.140   1.00 9.86  ? 298 LEU A CB  1 
ATOM   1008 C  CG  . LEU A 1 128 ? -4.945  2.407   5.638   1.00 9.53  ? 298 LEU A CG  1 
ATOM   1009 C  CD1 . LEU A 1 128 ? -6.329  2.045   5.113   1.00 10.06 ? 298 LEU A CD1 1 
ATOM   1010 C  CD2 . LEU A 1 128 ? -3.915  1.356   5.252   1.00 10.23 ? 298 LEU A CD2 1 
ATOM   1011 N  N   . VAL A 1 129 ? -4.621  5.237   7.757   1.00 9.67  ? 299 VAL A N   1 
ATOM   1012 C  CA  . VAL A 1 129 ? -4.734  5.130   9.208   1.00 10.42 ? 299 VAL A CA  1 
ATOM   1013 C  C   . VAL A 1 129 ? -5.511  6.293   9.810   1.00 10.88 ? 299 VAL A C   1 
ATOM   1014 O  O   . VAL A 1 129 ? -6.334  6.089   10.699  1.00 11.31 ? 299 VAL A O   1 
ATOM   1015 C  CB  . VAL A 1 129 ? -3.350  5.004   9.875   1.00 10.36 ? 299 VAL A CB  1 
ATOM   1016 C  CG1 . VAL A 1 129 ? -3.488  4.939   11.396  1.00 11.06 ? 299 VAL A CG1 1 
ATOM   1017 C  CG2 . VAL A 1 129 ? -2.643  3.760   9.371   1.00 10.87 ? 299 VAL A CG2 1 
ATOM   1018 N  N   . ARG A 1 130 ? -5.257  7.502   9.334   1.00 11.71 ? 300 ARG A N   1 
ATOM   1019 C  CA  . ARG A 1 130 ? -5.859  8.676   9.958   1.00 12.75 ? 300 ARG A CA  1 
ATOM   1020 C  C   . ARG A 1 130 ? -7.308  8.873   9.539   1.00 11.81 ? 300 ARG A C   1 
ATOM   1021 O  O   . ARG A 1 130 ? -8.065  9.500   10.276  1.00 12.44 ? 300 ARG A O   1 
ATOM   1022 C  CB  . ARG A 1 130 ? -4.966  9.922   9.790   1.00 14.85 ? 300 ARG A CB  1 
ATOM   1023 C  CG  . ARG A 1 130 ? -3.515  9.604   10.188  1.00 17.66 ? 300 ARG A CG  1 
ATOM   1024 C  CD  . ARG A 1 130 ? -2.617  10.776  10.584  1.00 20.56 ? 300 ARG A CD  1 
ATOM   1025 N  NE  . ARG A 1 130 ? -1.252  10.348  10.916  1.00 23.40 ? 300 ARG A NE  1 
ATOM   1026 C  CZ  . ARG A 1 130 ? -0.844  9.883   12.107  1.00 24.50 ? 300 ARG A CZ  1 
ATOM   1027 N  NH1 . ARG A 1 130 ? -1.682  9.755   13.127  1.00 25.57 ? 300 ARG A NH1 1 
ATOM   1028 N  NH2 . ARG A 1 130 ? 0.424   9.524   12.265  1.00 26.34 ? 300 ARG A NH2 1 
ATOM   1029 N  N   . THR A 1 131 ? -7.744  8.289   8.419   1.00 11.11 ? 301 THR A N   1 
ATOM   1030 C  CA  . THR A 1 131 ? -9.164  8.370   8.047   1.00 10.86 ? 301 THR A CA  1 
ATOM   1031 C  C   . THR A 1 131 ? -9.975  7.102   8.300   1.00 10.62 ? 301 THR A C   1 
ATOM   1032 O  O   . THR A 1 131 ? -11.203 7.168   8.309   1.00 10.94 ? 301 THR A O   1 
ATOM   1033 C  CB  . THR A 1 131 ? -9.395  8.870   6.595   1.00 10.97 ? 301 THR A CB  1 
ATOM   1034 O  OG1 . THR A 1 131 ? -9.127  7.839   5.632   1.00 10.60 ? 301 THR A OG1 1 
ATOM   1035 C  CG2 . THR A 1 131 ? -8.544  10.100  6.325   1.00 11.15 ? 301 THR A CG2 1 
ATOM   1036 N  N   . LYS A 1 132 ? -9.315  5.957   8.526   1.00 10.18 ? 302 LYS A N   1 
ATOM   1037 C  CA  . LYS A 1 132 ? -10.035 4.691   8.699   1.00 10.38 ? 302 LYS A CA  1 
ATOM   1038 C  C   . LYS A 1 132 ? -9.646  3.924   9.953   1.00 10.53 ? 302 LYS A C   1 
ATOM   1039 O  O   . LYS A 1 132 ? -9.851  2.718   10.021  1.00 10.26 ? 302 LYS A O   1 
ATOM   1040 C  CB  . LYS A 1 132 ? -9.842  3.787   7.468   1.00 10.64 ? 302 LYS A CB  1 
ATOM   1041 C  CG  . LYS A 1 132 ? -10.267 4.411   6.149   1.00 11.11 ? 302 LYS A CG  1 
ATOM   1042 C  CD  . LYS A 1 132 ? -11.739 4.780   6.131   1.00 11.95 ? 302 LYS A CD  1 
ATOM   1043 C  CE  . LYS A 1 132 ? -12.109 5.481   4.836   1.00 12.84 ? 302 LYS A CE  1 
ATOM   1044 N  NZ  . LYS A 1 132 ? -13.464 6.094   4.941   1.00 14.91 ? 302 LYS A NZ  1 
ATOM   1045 N  N   . ARG A 1 133 ? -9.118  4.602   10.968  1.00 10.90 ? 303 ARG A N   1 
ATOM   1046 C  CA  . ARG A 1 133 ? -8.679  3.877   12.176  1.00 11.70 ? 303 ARG A CA  1 
ATOM   1047 C  C   . ARG A 1 133 ? -9.786  3.037   12.801  1.00 12.13 ? 303 ARG A C   1 
ATOM   1048 O  O   . ARG A 1 133 ? -9.568  1.880   13.152  1.00 12.27 ? 303 ARG A O   1 
ATOM   1049 C  CB  . ARG A 1 133 ? -8.115  4.814   13.238  1.00 11.72 ? 303 ARG A CB  1 
ATOM   1050 C  CG  . ARG A 1 133 ? -7.487  4.059   14.400  1.00 11.90 ? 303 ARG A CG  1 
ATOM   1051 C  CD  . ARG A 1 133 ? -6.992  4.974   15.500  1.00 12.24 ? 303 ARG A CD  1 
ATOM   1052 N  NE  . ARG A 1 133 ? -5.967  5.885   15.011  1.00 12.31 ? 303 ARG A NE  1 
ATOM   1053 C  CZ  . ARG A 1 133 ? -4.663  5.644   14.978  1.00 11.93 ? 303 ARG A CZ  1 
ATOM   1054 N  NH1 . ARG A 1 133 ? -4.166  4.475   15.397  1.00 12.31 ? 303 ARG A NH1 1 
ATOM   1055 N  NH2 . ARG A 1 133 ? -3.853  6.574   14.506  1.00 11.99 ? 303 ARG A NH2 1 
ATOM   1056 N  N   . ASP A 1 134 ? -10.978 3.617   12.937  1.00 13.60 ? 304 ASP A N   1 
ATOM   1057 C  CA  . ASP A 1 134 ? -12.082 2.914   13.580  1.00 14.53 ? 304 ASP A CA  1 
ATOM   1058 C  C   . ASP A 1 134 ? -12.379 1.589   12.864  1.00 13.41 ? 304 ASP A C   1 
ATOM   1059 O  O   . ASP A 1 134 ? -12.533 0.540   13.494  1.00 13.83 ? 304 ASP A O   1 
ATOM   1060 C  CB  . ASP A 1 134 ? -13.338 3.790   13.631  1.00 17.04 ? 304 ASP A CB  1 
ATOM   1061 C  CG  . ASP A 1 134 ? -14.443 3.157   14.428  1.00 20.21 ? 304 ASP A CG  1 
ATOM   1062 O  OD1 . ASP A 1 134 ? -14.264 2.991   15.651  1.00 24.09 ? 304 ASP A OD1 1 
ATOM   1063 O  OD2 . ASP A 1 134 ? -15.487 2.822   13.832  1.00 23.98 ? 304 ASP A OD2 1 
ATOM   1064 N  N   . TRP A 1 135 ? -12.445 1.640   11.539  1.00 12.05 ? 305 TRP A N   1 
ATOM   1065 C  CA  . TRP A 1 135 ? -12.707 0.453   10.754  1.00 11.40 ? 305 TRP A CA  1 
ATOM   1066 C  C   . TRP A 1 135 ? -11.578 -0.550  10.877  1.00 11.21 ? 305 TRP A C   1 
ATOM   1067 O  O   . TRP A 1 135 ? -11.815 -1.749  11.055  1.00 10.65 ? 305 TRP A O   1 
ATOM   1068 C  CB  . TRP A 1 135 ? -12.926 0.861   9.299   1.00 11.31 ? 305 TRP A CB  1 
ATOM   1069 C  CG  . TRP A 1 135 ? -13.429 -0.252  8.427   1.00 11.61 ? 305 TRP A CG  1 
ATOM   1070 C  CD1 . TRP A 1 135 ? -14.743 -0.539  8.077   1.00 11.99 ? 305 TRP A CD1 1 
ATOM   1071 C  CD2 . TRP A 1 135 ? -12.620 -1.268  7.754   1.00 11.59 ? 305 TRP A CD2 1 
ATOM   1072 N  NE1 . TRP A 1 135 ? -14.805 -1.639  7.264   1.00 12.36 ? 305 TRP A NE1 1 
ATOM   1073 C  CE2 . TRP A 1 135 ? -13.559 -2.131  7.032   1.00 11.77 ? 305 TRP A CE2 1 
ATOM   1074 C  CE3 . TRP A 1 135 ? -11.267 -1.539  7.686   1.00 11.44 ? 305 TRP A CE3 1 
ATOM   1075 C  CZ2 . TRP A 1 135 ? -13.130 -3.208  6.278   1.00 11.70 ? 305 TRP A CZ2 1 
ATOM   1076 C  CZ3 . TRP A 1 135 ? -10.841 -2.633  6.929   1.00 11.52 ? 305 TRP A CZ3 1 
ATOM   1077 C  CH2 . TRP A 1 135 ? -11.749 -3.441  6.234   1.00 11.44 ? 305 TRP A CH2 1 
ATOM   1078 N  N   . LEU A 1 136 ? -10.344 -0.067  10.777  1.00 10.88 ? 306 LEU A N   1 
ATOM   1079 C  CA  . LEU A 1 136 ? -9.177  -0.945  10.868  1.00 11.02 ? 306 LEU A CA  1 
ATOM   1080 C  C   . LEU A 1 136 ? -9.166  -1.676  12.207  1.00 11.16 ? 306 LEU A C   1 
ATOM   1081 O  O   . LEU A 1 136 ? -8.952  -2.884  12.233  1.00 11.10 ? 306 LEU A O   1 
ATOM   1082 C  CB  . LEU A 1 136 ? -7.873  -0.171  10.644  1.00 11.03 ? 306 LEU A CB  1 
ATOM   1083 C  CG  . LEU A 1 136 ? -7.644  0.321   9.205   1.00 10.80 ? 306 LEU A CG  1 
ATOM   1084 C  CD1 . LEU A 1 136 ? -6.589  1.426   9.188   1.00 11.31 ? 306 LEU A CD1 1 
ATOM   1085 C  CD2 . LEU A 1 136 ? -7.287  -0.837  8.272   1.00 11.36 ? 306 LEU A CD2 1 
ATOM   1086 N  N   . VAL A 1 137 ? -9.398  -0.951  13.305  1.00 11.77 ? 307 VAL A N   1 
ATOM   1087 C  CA  . VAL A 1 137 ? -9.405  -1.579  14.646  1.00 12.26 ? 307 VAL A CA  1 
ATOM   1088 C  C   . VAL A 1 137 ? -10.507 -2.653  14.758  1.00 12.73 ? 307 VAL A C   1 
ATOM   1089 O  O   . VAL A 1 137 ? -10.270 -3.773  15.246  1.00 12.66 ? 307 VAL A O   1 
ATOM   1090 C  CB  . VAL A 1 137 ? -9.569  -0.508  15.742  1.00 12.21 ? 307 VAL A CB  1 
ATOM   1091 C  CG1 . VAL A 1 137 ? -9.870  -1.144  17.097  1.00 13.17 ? 307 VAL A CG1 1 
ATOM   1092 C  CG2 . VAL A 1 137 ? -8.317  0.340   15.827  1.00 12.52 ? 307 VAL A CG2 1 
ATOM   1093 N  N   . LYS A 1 138 ? -11.703 -2.321  14.283  1.00 13.02 ? 308 LYS A N   1 
ATOM   1094 C  CA  . LYS A 1 138 ? -12.845 -3.250  14.314  1.00 14.32 ? 308 LYS A CA  1 
ATOM   1095 C  C   . LYS A 1 138 ? -12.588 -4.499  13.479  1.00 13.95 ? 308 LYS A C   1 
ATOM   1096 O  O   . LYS A 1 138 ? -13.117 -5.576  13.789  1.00 14.38 ? 308 LYS A O   1 
ATOM   1097 C  CB  . LYS A 1 138 ? -14.132 -2.546  13.864  1.00 16.30 ? 308 LYS A CB  1 
ATOM   1098 C  CG  . LYS A 1 138 ? -14.717 -1.677  14.964  1.00 18.85 ? 308 LYS A CG  1 
ATOM   1099 C  CD  . LYS A 1 138 ? -15.765 -0.705  14.472  1.00 21.40 ? 308 LYS A CD  1 
ATOM   1100 C  CE  . LYS A 1 138 ? -16.312 0.118   15.624  1.00 22.78 ? 308 LYS A CE  1 
ATOM   1101 N  NZ  . LYS A 1 138 ? -17.204 1.208   15.150  1.00 24.30 ? 308 LYS A NZ  1 
ATOM   1102 N  N   . GLN A 1 139 ? -11.795 -4.353  12.417  1.00 13.42 ? 309 GLN A N   1 
ATOM   1103 C  CA  . GLN A 1 139 ? -11.440 -5.475  11.552  1.00 13.89 ? 309 GLN A CA  1 
ATOM   1104 C  C   . GLN A 1 139 ? -10.126 -6.162  11.944  1.00 12.93 ? 309 GLN A C   1 
ATOM   1105 O  O   . GLN A 1 139 ? -9.566  -6.917  11.159  1.00 12.33 ? 309 GLN A O   1 
ATOM   1106 C  CB  . GLN A 1 139 ? -11.391 -5.029  10.080  1.00 15.45 ? 309 GLN A CB  1 
ATOM   1107 C  CG  . GLN A 1 139 ? -12.728 -4.615  9.466   1.00 17.12 ? 309 GLN A CG  1 
ATOM   1108 C  CD  . GLN A 1 139 ? -13.861 -5.597  9.670   1.00 19.77 ? 309 GLN A CD  1 
ATOM   1109 O  OE1 . GLN A 1 139 ? -13.720 -6.804  9.420   1.00 22.64 ? 309 GLN A OE1 1 
ATOM   1110 N  NE2 . GLN A 1 139 ? -15.007 -5.082  10.109  1.00 21.35 ? 309 GLN A NE2 1 
ATOM   1111 N  N   . ARG A 1 140 ? -9.654  -5.892  13.161  1.00 12.45 ? 310 ARG A N   1 
ATOM   1112 C  CA  . ARG A 1 140 ? -8.492  -6.561  13.768  1.00 12.69 ? 310 ARG A CA  1 
ATOM   1113 C  C   . ARG A 1 140 ? -7.173  -6.164  13.102  1.00 11.84 ? 310 ARG A C   1 
ATOM   1114 O  O   . ARG A 1 140 ? -6.166  -6.881  13.181  1.00 11.59 ? 310 ARG A O   1 
ATOM   1115 C  CB  . ARG A 1 140 ? -8.653  -8.102  13.825  1.00 13.67 ? 310 ARG A CB  1 
ATOM   1116 C  CG  . ARG A 1 140 ? -9.722  -8.577  14.814  1.00 14.56 ? 310 ARG A CG  1 
ATOM   1117 C  CD  . ARG A 1 140 ? -9.969  -10.089 14.764  1.00 15.62 ? 310 ARG A CD  1 
ATOM   1118 N  NE  . ARG A 1 140 ? -8.750  -10.905 14.646  1.00 16.89 ? 310 ARG A NE  1 
ATOM   1119 C  CZ  . ARG A 1 140 ? -7.930  -11.223 15.646  1.00 18.74 ? 310 ARG A CZ  1 
ATOM   1120 N  NH1 . ARG A 1 140 ? -8.154  -10.785 16.882  1.00 19.90 ? 310 ARG A NH1 1 
ATOM   1121 N  NH2 . ARG A 1 140 ? -6.854  -11.966 15.402  1.00 20.73 ? 310 ARG A NH2 1 
ATOM   1122 N  N   . GLY A 1 141 ? -7.152  -4.996  12.467  1.00 11.22 ? 311 GLY A N   1 
ATOM   1123 C  CA  . GLY A 1 141 ? -5.901  -4.448  11.937  1.00 11.09 ? 311 GLY A CA  1 
ATOM   1124 C  C   . GLY A 1 141 ? -5.221  -5.386  10.964  1.00 10.71 ? 311 GLY A C   1 
ATOM   1125 O  O   . GLY A 1 141 ? -5.883  -6.054  10.173  1.00 10.72 ? 311 GLY A O   1 
ATOM   1126 N  N   . TRP A 1 142 ? -3.893  -5.442  11.016  1.00 11.07 ? 312 TRP A N   1 
ATOM   1127 C  CA  . TRP A 1 142 ? -3.133  -6.251  10.073  1.00 11.25 ? 312 TRP A CA  1 
ATOM   1128 C  C   . TRP A 1 142 ? -3.274  -7.725  10.325  1.00 11.91 ? 312 TRP A C   1 
ATOM   1129 O  O   . TRP A 1 142 ? -3.153  -8.521  9.394   1.00 12.47 ? 312 TRP A O   1 
ATOM   1130 C  CB  . TRP A 1 142 ? -1.675  -5.798  10.033  1.00 11.09 ? 312 TRP A CB  1 
ATOM   1131 C  CG  . TRP A 1 142 ? -1.582  -4.430  9.415   1.00 11.10 ? 312 TRP A CG  1 
ATOM   1132 C  CD1 . TRP A 1 142 ? -1.376  -3.210  10.046  1.00 11.09 ? 312 TRP A CD1 1 
ATOM   1133 C  CD2 . TRP A 1 142 ? -1.753  -4.106  7.997   1.00 11.21 ? 312 TRP A CD2 1 
ATOM   1134 N  NE1 . TRP A 1 142 ? -1.392  -2.184  9.135   1.00 10.99 ? 312 TRP A NE1 1 
ATOM   1135 C  CE2 . TRP A 1 142 ? -1.618  -2.661  7.885   1.00 11.40 ? 312 TRP A CE2 1 
ATOM   1136 C  CE3 . TRP A 1 142 ? -2.009  -4.855  6.854   1.00 11.22 ? 312 TRP A CE3 1 
ATOM   1137 C  CZ2 . TRP A 1 142 ? -1.713  -2.010  6.673   1.00 11.70 ? 312 TRP A CZ2 1 
ATOM   1138 C  CZ3 . TRP A 1 142 ? -2.097  -4.189  5.629   1.00 11.62 ? 312 TRP A CZ3 1 
ATOM   1139 C  CH2 . TRP A 1 142 ? -1.960  -2.801  5.546   1.00 11.61 ? 312 TRP A CH2 1 
ATOM   1140 N  N   . ASP A 1 143 ? -3.584  -8.122  11.557  1.00 13.23 ? 313 ASP A N   1 
ATOM   1141 C  CA  . ASP A 1 143 ? -3.937  -9.520  11.792  1.00 14.03 ? 313 ASP A CA  1 
ATOM   1142 C  C   . ASP A 1 143 ? -5.200  -9.895  11.034  1.00 13.31 ? 313 ASP A C   1 
ATOM   1143 O  O   . ASP A 1 143 ? -5.265  -10.975 10.422  1.00 13.01 ? 313 ASP A O   1 
ATOM   1144 C  CB  . ASP A 1 143 ? -4.075  -9.803  13.284  1.00 16.01 ? 313 ASP A CB  1 
ATOM   1145 C  CG  . ASP A 1 143 ? -2.737  -9.836  13.974  1.00 19.32 ? 313 ASP A CG  1 
ATOM   1146 O  OD1 . ASP A 1 143 ? -1.892  -10.634 13.535  1.00 23.79 ? 313 ASP A OD1 1 
ATOM   1147 O  OD2 . ASP A 1 143 ? -2.532  -9.072  14.934  1.00 24.67 ? 313 ASP A OD2 1 
ATOM   1148 N  N   . GLY A 1 144 ? -6.178  -8.995  11.029  1.00 12.13 ? 314 GLY A N   1 
ATOM   1149 C  CA  . GLY A 1 144 ? -7.408  -9.197  10.282  1.00 11.71 ? 314 GLY A CA  1 
ATOM   1150 C  C   . GLY A 1 144 ? -7.164  -9.255  8.785   1.00 11.42 ? 314 GLY A C   1 
ATOM   1151 O  O   . GLY A 1 144 ? -7.780  -10.051 8.093   1.00 11.74 ? 314 GLY A O   1 
ATOM   1152 N  N   . PHE A 1 145 ? -6.276  -8.402  8.297   1.00 10.80 ? 315 PHE A N   1 
ATOM   1153 C  CA  . PHE A 1 145 ? -5.899  -8.394  6.882   1.00 10.92 ? 315 PHE A CA  1 
ATOM   1154 C  C   . PHE A 1 145 ? -5.360  -9.748  6.468   1.00 11.54 ? 315 PHE A C   1 
ATOM   1155 O  O   . PHE A 1 145 ? -5.774  -10.315 5.459   1.00 11.07 ? 315 PHE A O   1 
ATOM   1156 C  CB  . PHE A 1 145 ? -4.852  -7.298  6.661   1.00 10.90 ? 315 PHE A CB  1 
ATOM   1157 C  CG  . PHE A 1 145 ? -4.288  -7.237  5.272   1.00 10.88 ? 315 PHE A CG  1 
ATOM   1158 C  CD1 . PHE A 1 145 ? -4.990  -6.616  4.238   1.00 11.02 ? 315 PHE A CD1 1 
ATOM   1159 C  CD2 . PHE A 1 145 ? -3.011  -7.708  5.014   1.00 10.80 ? 315 PHE A CD2 1 
ATOM   1160 C  CE1 . PHE A 1 145 ? -4.444  -6.508  2.977   1.00 11.30 ? 315 PHE A CE1 1 
ATOM   1161 C  CE2 . PHE A 1 145 ? -2.468  -7.607  3.750   1.00 11.23 ? 315 PHE A CE2 1 
ATOM   1162 C  CZ  . PHE A 1 145 ? -3.181  -7.012  2.732   1.00 11.40 ? 315 PHE A CZ  1 
ATOM   1163 N  N   . VAL A 1 146 ? -4.420  -10.258 7.248   1.00 11.69 ? 316 VAL A N   1 
ATOM   1164 C  CA  . VAL A 1 146 ? -3.831  -11.566 6.962   1.00 12.77 ? 316 VAL A CA  1 
ATOM   1165 C  C   . VAL A 1 146 ? -4.904  -12.657 7.021   1.00 13.80 ? 316 VAL A C   1 
ATOM   1166 O  O   . VAL A 1 146 ? -5.001  -13.493 6.120   1.00 14.21 ? 316 VAL A O   1 
ATOM   1167 C  CB  . VAL A 1 146 ? -2.671  -11.879 7.932   1.00 12.80 ? 316 VAL A CB  1 
ATOM   1168 C  CG1 . VAL A 1 146 ? -2.242  -13.340 7.797   1.00 13.06 ? 316 VAL A CG1 1 
ATOM   1169 C  CG2 . VAL A 1 146 ? -1.502  -10.938 7.693   1.00 13.21 ? 316 VAL A CG2 1 
ATOM   1170 N  N   . GLU A 1 147 ? -5.723  -12.650 8.068   1.00 13.87 ? 317 GLU A N   1 
ATOM   1171 C  CA  . GLU A 1 147 ? -6.823  -13.615 8.188   1.00 15.16 ? 317 GLU A CA  1 
ATOM   1172 C  C   . GLU A 1 147 ? -7.798  -13.559 7.011   1.00 14.74 ? 317 GLU A C   1 
ATOM   1173 O  O   . GLU A 1 147 ? -8.220  -14.591 6.486   1.00 15.78 ? 317 GLU A O   1 
ATOM   1174 C  CB  . GLU A 1 147 ? -7.573  -13.388 9.506   1.00 16.51 ? 317 GLU A CB  1 
ATOM   1175 C  CG  . GLU A 1 147 ? -6.752  -13.776 10.728  1.00 18.02 ? 317 GLU A CG  1 
ATOM   1176 C  CD  . GLU A 1 147 ? -7.195  -13.120 12.031  1.00 19.98 ? 317 GLU A CD  1 
ATOM   1177 O  OE1 . GLU A 1 147 ? -8.150  -12.306 12.057  1.00 21.28 ? 317 GLU A OE1 1 
ATOM   1178 O  OE2 . GLU A 1 147 ? -6.564  -13.441 13.065  1.00 22.13 ? 317 GLU A OE2 1 
ATOM   1179 N  N   . PHE A 1 148 ? -8.142  -12.351 6.583   1.00 13.70 ? 318 PHE A N   1 
ATOM   1180 C  CA  . PHE A 1 148 ? -9.126  -12.164 5.523   1.00 13.82 ? 318 PHE A CA  1 
ATOM   1181 C  C   . PHE A 1 148 ? -8.658  -12.769 4.201   1.00 14.22 ? 318 PHE A C   1 
ATOM   1182 O  O   . PHE A 1 148 ? -9.455  -13.373 3.478   1.00 15.11 ? 318 PHE A O   1 
ATOM   1183 C  CB  . PHE A 1 148 ? -9.400  -10.668 5.338   1.00 13.37 ? 318 PHE A CB  1 
ATOM   1184 C  CG  . PHE A 1 148 ? -10.474 -10.366 4.331   1.00 13.19 ? 318 PHE A CG  1 
ATOM   1185 C  CD1 . PHE A 1 148 ? -11.814 -10.507 4.654   1.00 13.51 ? 318 PHE A CD1 1 
ATOM   1186 C  CD2 . PHE A 1 148 ? -10.152 -9.914  3.063   1.00 12.86 ? 318 PHE A CD2 1 
ATOM   1187 C  CE1 . PHE A 1 148 ? -12.809 -10.220 3.733   1.00 13.55 ? 318 PHE A CE1 1 
ATOM   1188 C  CE2 . PHE A 1 148 ? -11.142 -9.627  2.140   1.00 12.81 ? 318 PHE A CE2 1 
ATOM   1189 C  CZ  . PHE A 1 148 ? -12.465 -9.785  2.464   1.00 13.27 ? 318 PHE A CZ  1 
ATOM   1190 N  N   . PHE A 1 149 ? -7.376  -12.615 3.893   1.00 14.39 ? 319 PHE A N   1 
ATOM   1191 C  CA  . PHE A 1 149 ? -6.804  -13.096 2.624   1.00 14.99 ? 319 PHE A CA  1 
ATOM   1192 C  C   . PHE A 1 149 ? -6.151  -14.482 2.700   1.00 17.39 ? 319 PHE A C   1 
ATOM   1193 O  O   . PHE A 1 149 ? -5.632  -14.986 1.698   1.00 18.53 ? 319 PHE A O   1 
ATOM   1194 C  CB  . PHE A 1 149 ? -5.794  -12.068 2.082   1.00 14.07 ? 319 PHE A CB  1 
ATOM   1195 C  CG  . PHE A 1 149 ? -6.438  -10.831 1.514   1.00 13.22 ? 319 PHE A CG  1 
ATOM   1196 C  CD1 . PHE A 1 149 ? -7.087  -10.877 0.296   1.00 13.03 ? 319 PHE A CD1 1 
ATOM   1197 C  CD2 . PHE A 1 149 ? -6.389  -9.619  2.180   1.00 12.68 ? 319 PHE A CD2 1 
ATOM   1198 C  CE1 . PHE A 1 149 ? -7.680  -9.747  -0.235  1.00 12.93 ? 319 PHE A CE1 1 
ATOM   1199 C  CE2 . PHE A 1 149 ? -6.978  -8.477  1.650   1.00 12.65 ? 319 PHE A CE2 1 
ATOM   1200 C  CZ  . PHE A 1 149 ? -7.633  -8.547  0.441   1.00 12.84 ? 319 PHE A CZ  1 
ATOM   1201 N  N   . HIS A 1 150 ? -6.176  -15.106 3.875   1.00 18.70 ? 320 HIS A N   1 
ATOM   1202 C  CA  . HIS A 1 150 ? -5.601  -16.438 4.047   1.00 20.80 ? 320 HIS A CA  1 
ATOM   1203 C  C   . HIS A 1 150 ? -6.234  -17.449 3.121   1.00 21.31 ? 320 HIS A C   1 
ATOM   1204 O  O   . HIS A 1 150 ? -7.459  -17.556 3.043   1.00 22.31 ? 320 HIS A O   1 
ATOM   1205 C  CB  . HIS A 1 150 ? -5.771  -16.904 5.486   1.00 21.09 ? 320 HIS A CB  1 
ATOM   1206 C  CG  . HIS A 1 150 ? -5.146  -18.250 5.759   1.00 22.32 ? 320 HIS A CG  1 
ATOM   1207 N  ND1 . HIS A 1 150 ? -5.872  -19.351 5.995   1.00 23.90 ? 320 HIS A ND1 1 
ATOM   1208 C  CD2 . HIS A 1 150 ? -3.817  -18.638 5.801   1.00 23.48 ? 320 HIS A CD2 1 
ATOM   1209 C  CE1 . HIS A 1 150 ? -5.047  -20.396 6.190   1.00 23.87 ? 320 HIS A CE1 1 
ATOM   1210 N  NE2 . HIS A 1 150 ? -3.791  -19.960 6.069   1.00 24.61 ? 320 HIS A NE2 1 
ATOM   1211 N  N   . VAL A 1 151 ? -5.386  -18.199 2.426   1.00 23.86 ? 321 VAL A N   1 
ATOM   1212 C  CA  . VAL A 1 151 ? -5.822  -19.286 1.554   1.00 25.84 ? 321 VAL A CA  1 
ATOM   1213 C  C   . VAL A 1 151 ? -5.341  -20.606 2.149   1.00 27.02 ? 321 VAL A C   1 
ATOM   1214 O  O   . VAL A 1 151 ? -4.157  -20.769 2.421   1.00 26.23 ? 321 VAL A O   1 
ATOM   1215 C  CB  . VAL A 1 151 ? -5.251  -19.138 0.132   1.00 26.50 ? 321 VAL A CB  1 
ATOM   1216 C  CG1 . VAL A 1 151 ? -5.747  -20.269 -0.762  1.00 26.96 ? 321 VAL A CG1 1 
ATOM   1217 C  CG2 . VAL A 1 151 ? -5.633  -17.791 -0.459  1.00 26.78 ? 321 VAL A CG2 1 
ATOM   1218 N  N   . GLU A 1 152 ? -6.274  -21.533 2.343   1.00 30.34 ? 322 GLU A N   1 
ATOM   1219 C  CA  . GLU A 1 152 ? -5.961  -22.857 2.884   1.00 33.42 ? 322 GLU A CA  1 
ATOM   1220 C  C   . GLU A 1 152 ? -5.161  -23.670 1.869   1.00 34.41 ? 322 GLU A C   1 
ATOM   1221 O  O   . GLU A 1 152 ? -5.338  -23.511 0.663   1.00 32.93 ? 322 GLU A O   1 
ATOM   1222 C  CB  . GLU A 1 152 ? -7.248  -23.614 3.239   1.00 35.35 ? 322 GLU A CB  1 
ATOM   1223 C  CG  . GLU A 1 152 ? -8.117  -22.960 4.309   1.00 37.37 ? 322 GLU A CG  1 
ATOM   1224 C  CD  . GLU A 1 152 ? -7.549  -23.069 5.715   1.00 39.36 ? 322 GLU A CD  1 
ATOM   1225 O  OE1 . GLU A 1 152 ? -6.460  -23.658 5.899   1.00 41.34 ? 322 GLU A OE1 1 
ATOM   1226 O  OE2 . GLU A 1 152 ? -8.203  -22.555 6.651   1.00 41.89 ? 322 GLU A OE2 1 
ATOM   1227 N  N   . ASP A 1 153 ? -4.281  -24.537 2.364   1.00 36.48 ? 323 ASP A N   1 
ATOM   1228 C  CA  . ASP A 1 153 ? -3.511  -25.429 1.494   1.00 38.61 ? 323 ASP A CA  1 
ATOM   1229 C  C   . ASP A 1 153 ? -4.451  -26.420 0.820   1.00 38.31 ? 323 ASP A C   1 
ATOM   1230 O  O   . ASP A 1 153 ? -5.379  -26.921 1.450   1.00 38.52 ? 323 ASP A O   1 
ATOM   1231 C  CB  . ASP A 1 153 ? -2.458  -26.202 2.296   1.00 40.69 ? 323 ASP A CB  1 
ATOM   1232 C  CG  . ASP A 1 153 ? -1.409  -25.302 2.924   1.00 42.20 ? 323 ASP A CG  1 
ATOM   1233 O  OD1 . ASP A 1 153 ? -1.243  -24.147 2.473   1.00 44.40 ? 323 ASP A OD1 1 
ATOM   1234 O  OD2 . ASP A 1 153 ? -0.740  -25.761 3.874   1.00 44.61 ? 323 ASP A OD2 1 
ATOM   1235 N  N   . LEU A 1 154 ? -4.211  -26.697 -0.460  1.00 39.08 ? 324 LEU A N   1 
ATOM   1236 C  CA  . LEU A 1 154 ? -4.983  -27.704 -1.182  1.00 39.38 ? 324 LEU A CA  1 
ATOM   1237 C  C   . LEU A 1 154 ? -4.537  -29.095 -0.748  1.00 39.76 ? 324 LEU A C   1 
ATOM   1238 O  O   . LEU A 1 154 ? -3.348  -29.330 -0.540  1.00 39.59 ? 324 LEU A O   1 
ATOM   1239 C  CB  . LEU A 1 154 ? -4.790  -27.560 -2.694  1.00 39.35 ? 324 LEU A CB  1 
ATOM   1240 C  CG  . LEU A 1 154 ? -5.424  -26.334 -3.352  1.00 39.73 ? 324 LEU A CG  1 
ATOM   1241 C  CD1 . LEU A 1 154 ? -4.948  -26.201 -4.792  1.00 39.92 ? 324 LEU A CD1 1 
ATOM   1242 C  CD2 . LEU A 1 154 ? -6.940  -26.431 -3.289  1.00 40.13 ? 324 LEU A CD2 1 
ATOM   1243 N  N   . GLU A 1 155 ? -5.495  -30.008 -0.617  1.00 41.03 ? 325 GLU A N   1 
ATOM   1244 C  CA  . GLU A 1 155 ? -5.193  -31.407 -0.317  1.00 43.13 ? 325 GLU A CA  1 
ATOM   1245 C  C   . GLU A 1 155 ? -4.531  -32.072 -1.522  1.00 44.13 ? 325 GLU A C   1 
ATOM   1246 O  O   . GLU A 1 155 ? -4.920  -31.825 -2.666  1.00 44.12 ? 325 GLU A O   1 
ATOM   1247 C  CB  . GLU A 1 155 ? -6.472  -32.161 0.055   1.00 44.06 ? 325 GLU A CB  1 
ATOM   1248 C  CG  . GLU A 1 155 ? -7.114  -31.682 1.348   1.00 45.92 ? 325 GLU A CG  1 
ATOM   1249 C  CD  . GLU A 1 155 ? -8.582  -32.053 1.454   1.00 47.26 ? 325 GLU A CD  1 
ATOM   1250 O  OE1 . GLU A 1 155 ? -8.953  -33.173 1.036   1.00 48.58 ? 325 GLU A OE1 1 
ATOM   1251 O  OE2 . GLU A 1 155 ? -9.367  -31.222 1.960   1.00 48.07 ? 325 GLU A OE2 1 
ATOM   1252 N  N   . GLY A 1 156 ? -3.524  -32.902 -1.260  1.00 45.48 ? 326 GLY A N   1 
ATOM   1253 C  CA  . GLY A 1 156 ? -2.847  -33.659 -2.310  1.00 46.11 ? 326 GLY A CA  1 
ATOM   1254 C  C   . GLY A 1 156 ? -1.928  -32.810 -3.168  1.00 46.51 ? 326 GLY A C   1 
ATOM   1255 O  O   . GLY A 1 156 ? -1.415  -33.275 -4.189  1.00 48.19 ? 326 GLY A O   1 
HETATM 1256 C  C14 . N0M B 2 .   ? -6.849  7.702   -6.338  1.00 11.51 ? 401 N0M A C14 1 
HETATM 1257 C  C13 . N0M B 2 .   ? -5.874  8.344   -7.323  1.00 11.56 ? 401 N0M A C13 1 
HETATM 1258 C  C12 . N0M B 2 .   ? -4.614  8.801   -6.609  1.00 11.54 ? 401 N0M A C12 1 
HETATM 1259 C  C11 . N0M B 2 .   ? -4.032  7.668   -5.763  1.00 11.36 ? 401 N0M A C11 1 
HETATM 1260 C  C18 . N0M B 2 .   ? -2.695  7.737   -5.417  1.00 11.78 ? 401 N0M A C18 1 
HETATM 1261 C  C17 . N0M B 2 .   ? -2.074  6.750   -4.660  1.00 11.90 ? 401 N0M A C17 1 
HETATM 1262 CL CL1 . N0M B 2 .   ? -0.395  6.911   -4.283  1.00 15.06 ? 401 N0M A CL1 1 
HETATM 1263 C  C16 . N0M B 2 .   ? -2.803  5.656   -4.213  1.00 11.50 ? 401 N0M A C16 1 
HETATM 1264 C  C15 . N0M B 2 .   ? -4.158  5.573   -4.540  1.00 11.05 ? 401 N0M A C15 1 
HETATM 1265 C  C10 . N0M B 2 .   ? -4.775  6.565   -5.316  1.00 11.20 ? 401 N0M A C10 1 
HETATM 1266 C  C8  . N0M B 2 .   ? -6.280  6.442   -5.665  1.00 11.27 ? 401 N0M A C8  1 
HETATM 1267 C  C7  . N0M B 2 .   ? -6.504  5.294   -6.643  1.00 11.57 ? 401 N0M A C7  1 
HETATM 1268 C  C9  . N0M B 2 .   ? -7.094  6.158   -4.419  1.00 11.46 ? 401 N0M A C9  1 
HETATM 1269 O  O1  . N0M B 2 .   ? -7.042  4.762   -4.042  1.00 11.19 ? 401 N0M A O1  1 
HETATM 1270 C  C2  . N0M B 2 .   ? -8.063  4.033   -4.594  1.00 11.51 ? 401 N0M A C2  1 
HETATM 1271 C  C3  . N0M B 2 .   ? -8.666  3.140   -3.698  1.00 12.12 ? 401 N0M A C3  1 
HETATM 1272 C  C4  . N0M B 2 .   ? -9.705  2.328   -4.114  1.00 12.32 ? 401 N0M A C4  1 
HETATM 1273 C  C5  . N0M B 2 .   ? -10.155 2.426   -5.429  1.00 12.78 ? 401 N0M A C5  1 
HETATM 1274 C  C6  . N0M B 2 .   ? -9.558  3.300   -6.316  1.00 12.36 ? 401 N0M A C6  1 
HETATM 1275 C  C1  . N0M B 2 .   ? -8.507  4.115   -5.908  1.00 11.62 ? 401 N0M A C1  1 
HETATM 1276 N  N1  . N0M B 2 .   ? -7.907  4.900   -6.801  1.00 11.82 ? 401 N0M A N1  1 
HETATM 1277 C  C20 . N0M B 2 .   ? -8.401  5.038   -8.204  1.00 12.52 ? 401 N0M A C20 1 
HETATM 1278 C  C21 . N0M B 2 .   ? -8.087  3.764   -9.031  1.00 13.69 ? 401 N0M A C21 1 
HETATM 1279 C  C24 . N0M B 2 .   ? -6.748  3.800   -9.792  1.00 13.93 ? 401 N0M A C24 1 
HETATM 1280 C  C23 . N0M B 2 .   ? -7.510  3.240   -11.017 1.00 14.45 ? 401 N0M A C23 1 
HETATM 1281 C  C22 . N0M B 2 .   ? -8.789  3.805   -10.400 1.00 14.70 ? 401 N0M A C22 1 
HETATM 1282 C  C25 . N0M B 2 .   ? -10.036 2.879   -10.512 1.00 16.49 ? 401 N0M A C25 1 
HETATM 1283 O  O3  . N0M B 2 .   ? -10.571 2.940   -11.854 1.00 19.20 ? 401 N0M A O3  1 
HETATM 1284 C  C26 . N0M B 2 .   ? -9.833  1.406   -10.109 1.00 17.26 ? 401 N0M A C26 1 
HETATM 1285 C  C27 . N0M B 2 .   ? -11.171 0.647   -10.170 1.00 18.25 ? 401 N0M A C27 1 
HETATM 1286 C  C30 . N0M B 2 .   ? -11.021 -0.833  -9.849  1.00 18.22 ? 401 N0M A C30 1 
HETATM 1287 C  C29 . N0M B 2 .   ? -10.995 -1.106  -8.352  1.00 18.39 ? 401 N0M A C29 1 
HETATM 1288 C  C28 . N0M B 2 .   ? -12.381 -0.950  -7.732  1.00 18.56 ? 401 N0M A C28 1 
HETATM 1289 C  C31 . N0M B 2 .   ? -13.277 -2.137  -8.091  1.00 19.87 ? 401 N0M A C31 1 
HETATM 1290 S  S1  . N0M B 2 .   ? -12.266 -0.797  -5.923  1.00 18.58 ? 401 N0M A S1  1 
HETATM 1291 O  O4  . N0M B 2 .   ? -13.564 -0.359  -5.413  1.00 18.79 ? 401 N0M A O4  1 
HETATM 1292 O  O5  . N0M B 2 .   ? -11.845 -2.110  -5.314  1.00 21.42 ? 401 N0M A O5  1 
HETATM 1293 N  N2  . N0M B 2 .   ? -11.179 0.306   -5.489  1.00 15.96 ? 401 N0M A N2  1 
HETATM 1294 C  C19 . N0M B 2 .   ? -11.287 1.555   -5.920  1.00 14.42 ? 401 N0M A C19 1 
HETATM 1295 O  O2  . N0M B 2 .   ? -12.124 1.999   -6.712  1.00 14.91 ? 401 N0M A O2  1 
HETATM 1296 O  O   . HOH C 3 .   ? -3.448  11.183  13.857  1.00 28.10 ? 501 HOH A O   1 
HETATM 1297 O  O   . HOH C 3 .   ? -3.218  0.908   -20.823 1.00 29.54 ? 502 HOH A O   1 
HETATM 1298 O  O   . HOH C 3 .   ? -13.173 0.810   16.329  1.00 29.66 ? 503 HOH A O   1 
HETATM 1299 O  O   . HOH C 3 .   ? -11.508 -4.608  -5.032  1.00 26.23 ? 504 HOH A O   1 
HETATM 1300 O  O   . HOH C 3 .   ? 0.096   -3.546  -14.281 1.00 22.82 ? 505 HOH A O   1 
HETATM 1301 O  O   . HOH C 3 .   ? 10.954  -6.010  1.309   1.00 17.05 ? 506 HOH A O   1 
HETATM 1302 O  O   . HOH C 3 .   ? 6.299   -4.363  12.030  1.00 37.72 ? 507 HOH A O   1 
HETATM 1303 O  O   . HOH C 3 .   ? -1.598  11.880  3.003   1.00 25.21 ? 508 HOH A O   1 
HETATM 1304 O  O   . HOH C 3 .   ? 11.322  -9.715  10.299  1.00 28.77 ? 509 HOH A O   1 
HETATM 1305 O  O   . HOH C 3 .   ? 0.612   -12.526 -7.116  1.00 30.89 ? 510 HOH A O   1 
HETATM 1306 O  O   . HOH C 3 .   ? 0.226   8.771   15.297  1.00 24.58 ? 511 HOH A O   1 
HETATM 1307 O  O   . HOH C 3 .   ? -8.069  -4.477  -4.910  1.00 16.73 ? 512 HOH A O   1 
HETATM 1308 O  O   . HOH C 3 .   ? -15.855 4.375   5.063   1.00 29.92 ? 513 HOH A O   1 
HETATM 1309 O  O   . HOH C 3 .   ? -2.763  -12.060 -7.276  1.00 37.78 ? 514 HOH A O   1 
HETATM 1310 O  O   . HOH C 3 .   ? 2.147   10.092  -13.803 1.00 29.57 ? 515 HOH A O   1 
HETATM 1311 O  O   . HOH C 3 .   ? -13.710 -3.947  -2.849  1.00 32.33 ? 516 HOH A O   1 
HETATM 1312 O  O   . HOH C 3 .   ? -12.057 1.840   -13.765 1.00 33.32 ? 517 HOH A O   1 
HETATM 1313 O  O   . HOH C 3 .   ? -3.500  -6.706  14.200  1.00 24.66 ? 518 HOH A O   1 
HETATM 1314 O  O   . HOH C 3 .   ? 1.718   11.025  10.480  1.00 44.94 ? 519 HOH A O   1 
HETATM 1315 O  O   . HOH C 3 .   ? 0.093   -14.866 1.353   1.00 40.29 ? 520 HOH A O   1 
HETATM 1316 O  O   . HOH C 3 .   ? 5.117   19.998  -11.026 1.00 42.90 ? 521 HOH A O   1 
HETATM 1317 O  O   . HOH C 3 .   ? 3.357   -11.996 -6.477  1.00 30.72 ? 522 HOH A O   1 
HETATM 1318 O  O   . HOH C 3 .   ? 6.189   -4.966  -11.037 1.00 43.13 ? 523 HOH A O   1 
HETATM 1319 O  O   . HOH C 3 .   ? -8.046  -27.174 1.136   1.00 40.08 ? 524 HOH A O   1 
HETATM 1320 O  O   . HOH C 3 .   ? 6.278   -9.604  -5.669  1.00 25.83 ? 525 HOH A O   1 
HETATM 1321 O  O   . HOH C 3 .   ? 6.342   -13.747 -0.286  1.00 31.71 ? 526 HOH A O   1 
HETATM 1322 O  O   . HOH C 3 .   ? -2.469  -25.417 -2.088  1.00 45.85 ? 527 HOH A O   1 
HETATM 1323 O  O   . HOH C 3 .   ? -4.256  -1.765  -20.936 1.00 30.61 ? 528 HOH A O   1 
HETATM 1324 O  O   . HOH C 3 .   ? 0.898   13.009  -0.946  1.00 28.23 ? 529 HOH A O   1 
HETATM 1325 O  O   . HOH C 3 .   ? 10.518  13.953  -13.692 1.00 28.61 ? 530 HOH A O   1 
HETATM 1326 O  O   . HOH C 3 .   ? -5.317  -5.005  -19.610 1.00 21.22 ? 531 HOH A O   1 
HETATM 1327 O  O   . HOH C 3 .   ? -0.270  17.812  -15.728 1.00 38.23 ? 532 HOH A O   1 
HETATM 1328 O  O   . HOH C 3 .   ? -0.063  -7.113  14.584  1.00 19.91 ? 533 HOH A O   1 
HETATM 1329 O  O   . HOH C 3 .   ? 6.893   -7.242  -4.415  1.00 25.91 ? 534 HOH A O   1 
HETATM 1330 O  O   . HOH C 3 .   ? 0.910   -1.695  -16.642 1.00 30.02 ? 535 HOH A O   1 
HETATM 1331 O  O   . HOH C 3 .   ? -9.223  7.605   11.914  1.00 18.55 ? 536 HOH A O   1 
HETATM 1332 O  O   . HOH C 3 .   ? -9.781  15.754  -0.965  1.00 22.62 ? 537 HOH A O   1 
HETATM 1333 O  O   . HOH C 3 .   ? 6.838   11.666  -15.254 1.00 26.72 ? 538 HOH A O   1 
HETATM 1334 O  O   . HOH C 3 .   ? 13.002  12.929  -13.138 1.00 38.98 ? 539 HOH A O   1 
HETATM 1335 O  O   . HOH C 3 .   ? 3.732   -13.868 -1.035  1.00 31.76 ? 540 HOH A O   1 
HETATM 1336 O  O   . HOH C 3 .   ? -3.156  -13.833 4.014   1.00 17.41 ? 541 HOH A O   1 
HETATM 1337 O  O   . HOH C 3 .   ? -12.956 8.412   6.391   1.00 22.44 ? 542 HOH A O   1 
HETATM 1338 O  O   . HOH C 3 .   ? 13.190  -3.239  -1.011  1.00 21.12 ? 543 HOH A O   1 
HETATM 1339 O  O   . HOH C 3 .   ? -4.435  17.533  -5.366  1.00 32.14 ? 544 HOH A O   1 
HETATM 1340 O  O   . HOH C 3 .   ? 11.218  -3.296  0.827   1.00 16.88 ? 545 HOH A O   1 
HETATM 1341 O  O   . HOH C 3 .   ? -17.394 4.865   13.902  1.00 41.30 ? 546 HOH A O   1 
HETATM 1342 O  O   . HOH C 3 .   ? -10.527 -2.172  -13.901 1.00 20.75 ? 547 HOH A O   1 
HETATM 1343 O  O   . HOH C 3 .   ? -14.955 -2.542  -4.352  1.00 22.12 ? 548 HOH A O   1 
HETATM 1344 O  O   . HOH C 3 .   ? -8.728  5.026   -14.179 1.00 30.01 ? 549 HOH A O   1 
HETATM 1345 O  O   . HOH C 3 .   ? -4.418  -12.569 16.639  1.00 52.48 ? 550 HOH A O   1 
HETATM 1346 O  O   . HOH C 3 .   ? 18.304  -4.448  3.835   1.00 48.99 ? 551 HOH A O   1 
HETATM 1347 O  O   . HOH C 3 .   ? -10.319 -10.950 8.856   1.00 24.84 ? 552 HOH A O   1 
HETATM 1348 O  O   . HOH C 3 .   ? -2.548  -4.275  13.409  1.00 16.59 ? 553 HOH A O   1 
HETATM 1349 O  O   . HOH C 3 .   ? 7.261   2.360   10.759  1.00 21.57 ? 554 HOH A O   1 
HETATM 1350 O  O   . HOH C 3 .   ? -18.818 8.097   1.104   1.00 26.70 ? 555 HOH A O   1 
HETATM 1351 O  O   . HOH C 3 .   ? -10.749 -8.254  8.897   1.00 23.06 ? 556 HOH A O   1 
HETATM 1352 O  O   . HOH C 3 .   ? 13.403  10.190  0.661   1.00 38.62 ? 557 HOH A O   1 
HETATM 1353 O  O   . HOH C 3 .   ? 1.959   -6.778  -10.914 1.00 29.09 ? 558 HOH A O   1 
HETATM 1354 O  O   . HOH C 3 .   ? 12.274  6.895   -1.083  1.00 31.04 ? 559 HOH A O   1 
HETATM 1355 O  O   . HOH C 3 .   ? -12.720 4.475   -7.936  1.00 24.99 ? 560 HOH A O   1 
HETATM 1356 O  O   . HOH C 3 .   ? 10.269  -8.400  14.725  1.00 33.98 ? 561 HOH A O   1 
HETATM 1357 O  O   . HOH C 3 .   ? -13.076 3.406   1.586   1.00 20.69 ? 562 HOH A O   1 
HETATM 1358 O  O   . HOH C 3 .   ? -2.859  15.250  -7.860  1.00 50.98 ? 563 HOH A O   1 
HETATM 1359 O  O   . HOH C 3 .   ? -9.438  -5.268  -7.003  1.00 18.25 ? 564 HOH A O   1 
HETATM 1360 O  O   . HOH C 3 .   ? 0.627   15.577  1.022   1.00 41.15 ? 565 HOH A O   1 
HETATM 1361 O  O   . HOH C 3 .   ? 4.546   12.378  3.020   1.00 27.69 ? 566 HOH A O   1 
HETATM 1362 O  O   . HOH C 3 .   ? 9.097   0.756   12.212  1.00 37.01 ? 567 HOH A O   1 
HETATM 1363 O  O   . HOH C 3 .   ? 11.015  -7.086  3.898   1.00 20.99 ? 568 HOH A O   1 
HETATM 1364 O  O   . HOH C 3 .   ? -4.975  2.108   16.793  1.00 17.40 ? 569 HOH A O   1 
HETATM 1365 O  O   . HOH C 3 .   ? -15.602 -8.943  9.735   1.00 39.18 ? 570 HOH A O   1 
HETATM 1366 O  O   . HOH C 3 .   ? 4.102   -6.207  -9.270  1.00 35.13 ? 571 HOH A O   1 
HETATM 1367 O  O   . HOH C 3 .   ? 3.989   1.898   -13.108 1.00 18.93 ? 572 HOH A O   1 
HETATM 1368 O  O   . HOH C 3 .   ? -15.098 7.295   -4.043  1.00 28.83 ? 573 HOH A O   1 
HETATM 1369 O  O   . HOH C 3 .   ? -16.309 -2.568  10.606  1.00 42.70 ? 574 HOH A O   1 
HETATM 1370 O  O   . HOH C 3 .   ? -13.681 5.195   -5.166  1.00 28.76 ? 575 HOH A O   1 
HETATM 1371 O  O   . HOH C 3 .   ? -17.693 -0.942  5.710   1.00 35.85 ? 576 HOH A O   1 
HETATM 1372 O  O   . HOH C 3 .   ? 10.357  -1.045  -10.991 1.00 36.92 ? 577 HOH A O   1 
HETATM 1373 O  O   . HOH C 3 .   ? -17.356 0.702   -1.251  1.00 30.65 ? 578 HOH A O   1 
HETATM 1374 O  O   . HOH C 3 .   ? -2.267  2.280   17.508  1.00 19.91 ? 579 HOH A O   1 
HETATM 1375 O  O   . HOH C 3 .   ? 0.235   13.324  4.288   1.00 41.35 ? 580 HOH A O   1 
HETATM 1376 O  O   . HOH C 3 .   ? -9.093  -2.664  -21.165 1.00 21.42 ? 581 HOH A O   1 
HETATM 1377 O  O   . HOH C 3 .   ? -4.964  2.816   -20.180 1.00 23.24 ? 582 HOH A O   1 
HETATM 1378 O  O   . HOH C 3 .   ? -2.079  -5.386  -22.201 1.00 30.53 ? 583 HOH A O   1 
HETATM 1379 O  O   . HOH C 3 .   ? -6.364  -6.519  -17.235 1.00 12.21 ? 584 HOH A O   1 
HETATM 1380 O  O   . HOH C 3 .   ? -1.104  1.338   19.844  1.00 37.35 ? 585 HOH A O   1 
HETATM 1381 O  O   . HOH C 3 .   ? -12.742 -8.401  13.124  1.00 34.05 ? 586 HOH A O   1 
HETATM 1382 O  O   . HOH C 3 .   ? -6.470  9.028   -18.666 1.00 43.86 ? 587 HOH A O   1 
HETATM 1383 O  O   . HOH C 3 .   ? 4.544   10.003  9.953   1.00 36.91 ? 588 HOH A O   1 
HETATM 1384 O  O   . HOH C 3 .   ? -13.566 -6.094  3.877   1.00 18.48 ? 589 HOH A O   1 
HETATM 1385 O  O   . HOH C 3 .   ? -16.988 1.942   5.706   1.00 32.13 ? 590 HOH A O   1 
HETATM 1386 O  O   . HOH C 3 .   ? -0.966  -2.583  15.398  1.00 47.30 ? 591 HOH A O   1 
HETATM 1387 O  O   . HOH C 3 .   ? -0.459  14.912  -9.507  1.00 49.62 ? 592 HOH A O   1 
HETATM 1388 O  O   . HOH C 3 .   ? 8.790   -6.521  -6.598  1.00 38.64 ? 593 HOH A O   1 
HETATM 1389 O  O   . HOH C 3 .   ? -2.554  16.848  -1.354  1.00 26.94 ? 594 HOH A O   1 
HETATM 1390 O  O   . HOH C 3 .   ? 18.419  -9.323  9.294   1.00 33.26 ? 595 HOH A O   1 
HETATM 1391 O  O   . HOH C 3 .   ? -0.989  -12.588 11.506  1.00 31.91 ? 596 HOH A O   1 
HETATM 1392 O  O   . HOH C 3 .   ? -7.193  -3.797  -17.500 1.00 15.75 ? 597 HOH A O   1 
HETATM 1393 O  O   . HOH C 3 .   ? 15.636  10.200  -6.337  1.00 36.60 ? 598 HOH A O   1 
HETATM 1394 O  O   . HOH C 3 .   ? -14.875 5.836   7.540   1.00 30.98 ? 599 HOH A O   1 
HETATM 1395 O  O   . HOH C 3 .   ? 6.073   -15.337 7.203   1.00 42.97 ? 600 HOH A O   1 
HETATM 1396 O  O   . HOH C 3 .   ? 6.196   -10.919 16.080  1.00 25.77 ? 601 HOH A O   1 
HETATM 1397 O  O   . HOH C 3 .   ? -11.650 6.431   12.235  1.00 22.09 ? 602 HOH A O   1 
HETATM 1398 O  O   . HOH C 3 .   ? -9.101  -20.694 1.857   1.00 46.35 ? 603 HOH A O   1 
HETATM 1399 O  O   . HOH C 3 .   ? -15.655 -5.513  15.370  1.00 33.04 ? 604 HOH A O   1 
HETATM 1400 O  O   . HOH C 3 .   ? -16.720 -1.598  -2.683  1.00 25.25 ? 605 HOH A O   1 
HETATM 1401 O  O   . HOH C 3 .   ? -8.699  -1.860  -16.028 1.00 14.96 ? 606 HOH A O   1 
HETATM 1402 O  O   . HOH C 3 .   ? -15.732 3.021   10.844  1.00 40.34 ? 607 HOH A O   1 
HETATM 1403 O  O   . HOH C 3 .   ? 5.597   -14.541 9.966   1.00 44.39 ? 608 HOH A O   1 
HETATM 1404 O  O   . HOH C 3 .   ? 3.427   -10.312 15.207  1.00 28.29 ? 609 HOH A O   1 
HETATM 1405 O  O   . HOH C 3 .   ? 15.983  7.611   -8.570  1.00 36.52 ? 610 HOH A O   1 
HETATM 1406 O  O   . HOH C 3 .   ? 8.446   -5.371  -9.167  1.00 40.65 ? 611 HOH A O   1 
HETATM 1407 O  O   . HOH C 3 .   ? 1.193   20.205  -4.533  1.00 40.67 ? 612 HOH A O   1 
HETATM 1408 O  O   . HOH C 3 .   ? 15.790  12.584  -11.922 1.00 30.83 ? 613 HOH A O   1 
HETATM 1409 O  O   . HOH C 3 .   ? 11.806  8.013   -17.778 1.00 31.17 ? 614 HOH A O   1 
HETATM 1410 O  O   . HOH C 3 .   ? -13.784 -7.364  6.411   1.00 28.89 ? 615 HOH A O   1 
HETATM 1411 O  O   . HOH C 3 .   ? 8.887   19.427  -6.969  1.00 31.99 ? 616 HOH A O   1 
HETATM 1412 O  O   . HOH C 3 .   ? -6.836  -14.283 -1.069  1.00 18.75 ? 617 HOH A O   1 
HETATM 1413 O  O   . HOH C 3 .   ? 4.841   15.254  -18.731 1.00 25.14 ? 618 HOH A O   1 
HETATM 1414 O  O   . HOH C 3 .   ? -0.644  -10.829 16.694  1.00 33.87 ? 619 HOH A O   1 
HETATM 1415 O  O   . HOH C 3 .   ? 17.102  -1.598  -8.913  1.00 42.76 ? 620 HOH A O   1 
HETATM 1416 O  O   . HOH C 3 .   ? -13.223 4.280   9.988   1.00 19.66 ? 621 HOH A O   1 
HETATM 1417 O  O   . HOH C 3 .   ? 2.132   -4.427  -12.646 1.00 31.84 ? 622 HOH A O   1 
HETATM 1418 O  O   . HOH C 3 .   ? -10.745 16.914  -3.461  1.00 36.67 ? 623 HOH A O   1 
HETATM 1419 O  O   . HOH C 3 .   ? -8.356  -7.537  -8.662  0.50 20.51 ? 624 HOH A O   1 
HETATM 1420 O  O   . HOH C 3 .   ? 6.524   14.315  -2.035  1.00 37.95 ? 625 HOH A O   1 
HETATM 1421 O  O   . HOH C 3 .   ? 4.263   13.593  -0.192  1.00 44.30 ? 626 HOH A O   1 
HETATM 1422 O  O   . HOH C 3 .   ? -15.241 3.243   7.597   1.00 31.94 ? 627 HOH A O   1 
HETATM 1423 O  O   . HOH C 3 .   ? 9.861   -9.866  4.047   1.00 36.61 ? 628 HOH A O   1 
HETATM 1424 O  O   . HOH C 3 .   ? -11.386 -15.337 6.346   1.00 42.45 ? 629 HOH A O   1 
HETATM 1425 O  O   . HOH C 3 .   ? 0.186   19.307  -1.854  1.00 42.89 ? 630 HOH A O   1 
HETATM 1426 O  O   . HOH C 3 .   ? 3.089   16.864  -19.388 1.00 37.85 ? 631 HOH A O   1 
HETATM 1427 O  O   . HOH C 3 .   ? -5.426  -10.672 -6.895  0.50 31.14 ? 632 HOH A O   1 
HETATM 1428 O  O   . HOH C 3 .   ? 6.574   2.396   -14.223 1.00 22.96 ? 633 HOH A O   1 
HETATM 1429 O  O   . HOH C 3 .   ? 8.825   8.016   6.037   1.00 43.50 ? 634 HOH A O   1 
HETATM 1430 O  O   . HOH C 3 .   ? -0.344  -5.704  17.372  1.00 42.48 ? 635 HOH A O   1 
HETATM 1431 O  O   . HOH C 3 .   ? 9.763   10.058  3.921   1.00 30.20 ? 636 HOH A O   1 
HETATM 1432 O  O   . HOH C 3 .   ? 9.611   4.570   7.242   1.00 43.18 ? 637 HOH A O   1 
HETATM 1433 O  O   . HOH C 3 .   ? -17.540 3.432   -2.558  1.00 32.64 ? 638 HOH A O   1 
HETATM 1434 O  O   . HOH C 3 .   ? -13.085 -9.863  7.878   1.00 64.83 ? 639 HOH A O   1 
HETATM 1435 O  O   . HOH C 3 .   ? 6.082   19.096  -17.903 1.00 26.82 ? 640 HOH A O   1 
HETATM 1436 O  O   . HOH C 3 .   ? 1.414   -13.650 12.706  1.00 38.50 ? 641 HOH A O   1 
HETATM 1437 O  O   . HOH C 3 .   ? 8.759   2.074   8.221   1.00 34.44 ? 642 HOH A O   1 
HETATM 1438 O  O   . HOH C 3 .   ? 4.207   -1.008  -13.585 1.00 31.63 ? 643 HOH A O   1 
HETATM 1439 O  O   . HOH C 3 .   ? -7.201  17.528  -6.335  1.00 43.70 ? 644 HOH A O   1 
HETATM 1440 O  O   . HOH C 3 .   ? -16.508 0.254   11.404  1.00 39.30 ? 645 HOH A O   1 
HETATM 1441 O  O   . HOH C 3 .   ? -9.748  2.459   -18.112 1.00 40.76 ? 646 HOH A O   1 
HETATM 1442 O  O   . HOH C 3 .   ? -14.103 3.245   -10.651 1.00 42.62 ? 647 HOH A O   1 
HETATM 1443 O  O   . HOH C 3 .   ? 11.383  -9.433  7.396   1.00 47.23 ? 648 HOH A O   1 
HETATM 1444 O  O   . HOH C 3 .   ? 20.461  -2.917  4.582   1.00 27.80 ? 649 HOH A O   1 
HETATM 1445 O  O   . HOH C 3 .   ? 2.698   9.772   -16.595 1.00 33.50 ? 650 HOH A O   1 
HETATM 1446 O  O   . HOH C 3 .   ? -11.740 -12.908 7.687   1.00 36.56 ? 651 HOH A O   1 
HETATM 1447 O  O   . HOH C 3 .   ? -19.247 -1.898  -0.703  1.00 42.51 ? 652 HOH A O   1 
HETATM 1448 O  O   . HOH C 3 .   ? -17.204 0.922   -4.090  1.00 36.73 ? 653 HOH A O   1 
HETATM 1449 O  O   . HOH C 3 .   ? 4.107   -13.524 -3.821  1.00 32.20 ? 654 HOH A O   1 
HETATM 1450 O  O   . HOH C 3 .   ? -10.504 -0.349  -17.715 1.00 26.98 ? 655 HOH A O   1 
HETATM 1451 O  O   . HOH C 3 .   ? 8.353   0.010   -13.915 1.00 37.87 ? 656 HOH A O   1 
HETATM 1452 O  O   . HOH C 3 .   ? 15.915  -2.992  0.482   1.00 37.22 ? 657 HOH A O   1 
HETATM 1453 O  O   . HOH C 3 .   ? 1.904   -12.718 15.391  1.00 39.49 ? 658 HOH A O   1 
HETATM 1454 O  O   . HOH C 3 .   ? -6.472  -4.576  -22.754 1.00 40.84 ? 659 HOH A O   1 
HETATM 1455 O  O   . HOH C 3 .   ? -9.270  15.501  -5.869  1.00 41.81 ? 660 HOH A O   1 
HETATM 1456 O  O   . HOH C 3 .   ? -2.129  -19.045 -1.481  1.00 49.15 ? 661 HOH A O   1 
HETATM 1457 O  O   . HOH C 3 .   ? 22.319  -6.728  2.335   1.00 32.46 ? 662 HOH A O   1 
HETATM 1458 O  O   . HOH C 3 .   ? -11.332 3.504   -15.907 1.00 41.38 ? 663 HOH A O   1 
HETATM 1459 O  O   . HOH C 3 .   ? -1.569  -15.932 5.163   1.00 35.15 ? 664 HOH A O   1 
HETATM 1460 O  O   . HOH C 3 .   ? -11.271 6.452   -9.569  1.00 33.63 ? 665 HOH A O   1 
HETATM 1461 O  O   . HOH C 3 .   ? 7.949   20.080  -15.386 1.00 37.63 ? 666 HOH A O   1 
HETATM 1462 O  O   . HOH C 3 .   ? -8.163  16.475  1.320   1.00 30.29 ? 667 HOH A O   1 
HETATM 1463 O  O   . HOH C 3 .   ? 6.836   -12.173 -5.051  1.00 38.07 ? 668 HOH A O   1 
HETATM 1464 O  O   . HOH C 3 .   ? -17.107 -2.698  -7.147  1.00 37.00 ? 669 HOH A O   1 
HETATM 1465 O  O   . HOH C 3 .   ? 8.012   4.306   12.386  1.00 31.86 ? 670 HOH A O   1 
HETATM 1466 O  O   . HOH C 3 .   ? 9.194   7.500   -19.177 1.00 26.78 ? 671 HOH A O   1 
# 
